data_6IEC
#
_entry.id   6IEC
#
_cell.length_a   198.009
_cell.length_b   198.009
_cell.length_c   164.467
_cell.angle_alpha   90.00
_cell.angle_beta   90.00
_cell.angle_gamma   120.00
#
_symmetry.space_group_name_H-M   'P 62'
#
loop_
_entity.id
_entity.type
_entity.pdbx_description
1 polymer NSmGnGc
2 polymer 'R17 H chain'
3 polymer 'R17 L chain'
#
loop_
_entity_poly.entity_id
_entity_poly.type
_entity_poly.pdbx_seq_one_letter_code
_entity_poly.pdbx_strand_id
1 'polypeptide(L)'
;EDPHLRNRPGKGHNYIDGMTQEDATCKPVTYAGACSSFDVLLEKGKFPLFQSYAHHRTLLEAVHDTIIAKADPPSCDLQS
AHGNPCMKEKLVMKTHCPNDYQSAHYLNNDGKMASVKCPPKYELTEDCNFCRQMTGASLKKGSYPLQDLFCQSSEDDGSK
LKTKMKGVCEVGVQALKKCDGQLSTAHEVVPFAVFKNSKKVYLDKLDLKTEENLLPDSFVCFEHKGQYKGTIDSGQTKRE
LKSFDISQCPKIGGHGSKKCTGDAAFCSAYECTAQYANAYCSHANGSGIVQIQVSGVWKKPLCVGYERVVVKRELS
;
A,B,E,I
2 'polypeptide(L)'
;QVQLVQSGGGLVKPGGSLRLSCAASGFTFSDYYMSWIRQAPGKGLEWVSYISPGGSTIYYADSVKGRFTISRDNAKNSLY
LQMNSLRAEDTAVYYCASSADVYNWFDPWGQGTLV
;
H,C,F,J
3 'polypeptide(L)'
;SYELTQPPSVSVAPGKTARITCGGNNIGSKSVHWYQQKPGQAPVLVVYDDSDRPSGIPERFSGSNSGNTATLTISRVEAG
DEADYYCQVWDSSSDHLYVFGTGTKVTVLGQ
;
L,D,G,K
#
# COMPACT_ATOMS: atom_id res chain seq x y z
N ASP A 2 -43.60 47.70 38.33
CA ASP A 2 -44.51 46.59 38.62
C ASP A 2 -45.42 46.27 37.42
N PRO A 3 -46.05 47.27 36.80
CA PRO A 3 -46.87 46.98 35.62
C PRO A 3 -46.14 47.17 34.29
N HIS A 4 -44.93 47.72 34.34
CA HIS A 4 -44.19 48.08 33.14
C HIS A 4 -42.91 47.26 32.99
N LEU A 5 -43.02 45.95 33.22
CA LEU A 5 -41.84 45.08 33.13
C LEU A 5 -41.45 44.77 31.68
N ARG A 6 -42.38 44.87 30.74
CA ARG A 6 -42.09 44.59 29.34
C ARG A 6 -41.75 45.85 28.54
N ASN A 7 -41.89 47.03 29.14
CA ASN A 7 -41.43 48.27 28.51
C ASN A 7 -39.92 48.34 28.69
N ARG A 8 -39.19 47.96 27.67
CA ARG A 8 -37.78 47.64 27.83
C ARG A 8 -36.91 48.87 27.65
N PRO A 9 -35.79 48.92 28.36
CA PRO A 9 -34.79 49.96 28.09
C PRO A 9 -34.04 49.67 26.80
N GLY A 10 -33.65 50.74 26.10
CA GLY A 10 -32.97 50.55 24.84
C GLY A 10 -33.93 50.08 23.76
N LYS A 11 -33.38 49.31 22.82
CA LYS A 11 -34.18 48.85 21.68
C LYS A 11 -35.17 47.77 22.07
N GLY A 12 -34.83 46.94 23.06
CA GLY A 12 -35.74 45.90 23.52
C GLY A 12 -35.71 44.61 22.73
N HIS A 13 -34.61 44.33 22.03
CA HIS A 13 -34.52 43.12 21.20
C HIS A 13 -34.15 41.94 22.08
N ASN A 14 -34.97 40.89 22.03
CA ASN A 14 -34.77 39.68 22.83
C ASN A 14 -34.78 38.45 21.93
N TYR A 15 -34.02 38.52 20.85
CA TYR A 15 -33.79 37.38 19.97
C TYR A 15 -32.29 37.13 19.85
N ILE A 16 -31.95 35.89 19.50
CA ILE A 16 -30.58 35.55 19.16
C ILE A 16 -30.46 35.63 17.64
N ASP A 17 -29.27 36.03 17.16
CA ASP A 17 -29.10 36.38 15.75
C ASP A 17 -29.47 35.24 14.81
N GLY A 18 -29.20 34.00 15.21
CA GLY A 18 -29.47 32.89 14.32
C GLY A 18 -30.94 32.54 14.15
N MET A 19 -31.82 33.13 14.95
CA MET A 19 -33.24 32.76 14.98
C MET A 19 -34.07 34.03 14.82
N THR A 20 -34.75 34.14 13.67
CA THR A 20 -35.42 35.36 13.23
C THR A 20 -36.94 35.33 13.41
N GLN A 21 -37.58 34.18 13.18
CA GLN A 21 -39.03 34.12 13.01
C GLN A 21 -39.82 34.67 14.20
N GLU A 22 -39.18 34.91 15.36
CA GLU A 22 -39.87 35.47 16.51
C GLU A 22 -39.67 36.97 16.63
N ASP A 23 -39.26 37.64 15.55
CA ASP A 23 -39.01 39.08 15.60
C ASP A 23 -40.30 39.88 15.72
N ALA A 24 -41.42 39.34 15.22
CA ALA A 24 -42.70 40.04 15.28
C ALA A 24 -43.17 40.27 16.71
N THR A 25 -42.60 39.58 17.69
CA THR A 25 -43.01 39.73 19.08
C THR A 25 -41.85 39.88 20.06
N CYS A 26 -40.62 39.57 19.67
CA CYS A 26 -39.44 39.83 20.49
C CYS A 26 -38.64 41.04 20.04
N LYS A 27 -38.92 41.56 18.84
CA LYS A 27 -38.16 42.66 18.24
C LYS A 27 -39.13 43.80 17.93
N PRO A 28 -39.43 44.65 18.92
CA PRO A 28 -38.97 44.52 20.31
C PRO A 28 -40.00 43.82 21.18
N VAL A 29 -39.69 43.69 22.47
CA VAL A 29 -40.66 43.20 23.44
C VAL A 29 -41.45 44.38 23.98
N THR A 30 -42.77 44.25 24.03
CA THR A 30 -43.62 45.33 24.50
C THR A 30 -44.71 44.72 25.39
N TYR A 31 -45.71 45.54 25.72
CA TYR A 31 -46.75 45.12 26.64
C TYR A 31 -47.48 43.88 26.14
N ALA A 32 -47.70 43.79 24.84
CA ALA A 32 -48.43 42.67 24.25
C ALA A 32 -47.47 41.68 23.62
N GLY A 33 -47.96 40.46 23.42
CA GLY A 33 -47.20 39.42 22.76
C GLY A 33 -46.41 38.56 23.73
N ALA A 34 -46.00 37.40 23.25
CA ALA A 34 -45.20 36.45 24.00
C ALA A 34 -43.82 36.32 23.36
N CYS A 35 -42.82 36.05 24.18
CA CYS A 35 -41.44 35.90 23.70
C CYS A 35 -40.75 34.83 24.52
N SER A 36 -40.46 33.69 23.91
CA SER A 36 -39.87 32.56 24.63
C SER A 36 -38.46 32.84 25.14
N SER A 37 -37.81 33.90 24.65
CA SER A 37 -36.47 34.23 25.12
C SER A 37 -36.46 35.12 26.35
N PHE A 38 -37.58 35.78 26.65
CA PHE A 38 -37.62 36.77 27.73
C PHE A 38 -38.74 36.51 28.73
N ASP A 39 -39.86 35.93 28.26
CA ASP A 39 -40.97 35.64 29.16
C ASP A 39 -40.54 34.78 30.34
N VAL A 40 -39.71 33.77 30.09
CA VAL A 40 -39.26 32.86 31.13
C VAL A 40 -38.51 33.59 32.25
N LEU A 41 -38.04 34.81 31.98
CA LEU A 41 -37.33 35.60 32.98
C LEU A 41 -38.26 36.19 34.04
N LEU A 42 -39.58 36.14 33.84
CA LEU A 42 -40.50 36.82 34.72
C LEU A 42 -41.29 35.88 35.63
N GLU A 43 -41.07 34.57 35.53
CA GLU A 43 -41.64 33.64 36.50
C GLU A 43 -40.97 33.86 37.85
N LYS A 44 -41.74 34.30 38.84
CA LYS A 44 -41.16 34.76 40.09
C LYS A 44 -40.50 33.59 40.83
N GLY A 45 -39.54 33.95 41.69
CA GLY A 45 -38.70 32.95 42.34
C GLY A 45 -37.59 32.48 41.43
N LYS A 46 -37.86 32.48 40.12
CA LYS A 46 -36.87 32.10 39.12
C LYS A 46 -36.28 33.37 38.51
N PHE A 47 -34.95 33.41 38.39
CA PHE A 47 -34.20 34.59 38.00
C PHE A 47 -34.42 35.73 38.99
N PRO A 48 -34.08 35.55 40.28
CA PRO A 48 -34.32 36.64 41.24
C PRO A 48 -33.44 37.86 41.03
N LEU A 49 -32.18 37.68 40.62
CA LEU A 49 -31.28 38.82 40.47
C LEU A 49 -31.76 39.75 39.36
N PHE A 50 -32.21 39.20 38.23
CA PHE A 50 -32.73 40.05 37.17
C PHE A 50 -34.06 40.68 37.57
N GLN A 51 -34.92 39.92 38.24
CA GLN A 51 -36.19 40.47 38.70
C GLN A 51 -35.99 41.58 39.72
N SER A 52 -34.84 41.60 40.40
CA SER A 52 -34.49 42.74 41.24
C SER A 52 -34.23 43.97 40.39
N TYR A 53 -33.27 43.87 39.47
CA TYR A 53 -32.94 44.96 38.55
C TYR A 53 -33.64 44.74 37.21
N ALA A 54 -34.98 44.76 37.26
CA ALA A 54 -35.77 44.36 36.11
C ALA A 54 -35.66 45.35 34.96
N HIS A 55 -35.41 46.63 35.25
CA HIS A 55 -35.33 47.65 34.21
C HIS A 55 -33.93 47.82 33.65
N HIS A 56 -33.05 46.86 33.89
CA HIS A 56 -31.76 46.78 33.22
C HIS A 56 -31.78 45.70 32.15
N ARG A 57 -30.85 45.78 31.21
CA ARG A 57 -30.93 44.98 30.00
C ARG A 57 -30.58 43.52 30.27
N THR A 58 -31.13 42.64 29.43
CA THR A 58 -30.78 41.23 29.43
C THR A 58 -29.60 41.01 28.49
N LEU A 59 -29.18 39.75 28.34
CA LEU A 59 -27.98 39.45 27.55
C LEU A 59 -28.22 39.68 26.07
N LEU A 60 -29.25 39.03 25.51
CA LEU A 60 -29.64 39.32 24.13
C LEU A 60 -29.95 40.79 23.95
N GLU A 61 -30.62 41.39 24.95
CA GLU A 61 -30.90 42.81 24.90
C GLU A 61 -29.62 43.63 24.88
N ALA A 62 -28.56 43.15 25.52
CA ALA A 62 -27.31 43.89 25.57
C ALA A 62 -26.52 43.75 24.29
N VAL A 63 -26.56 42.57 23.65
CA VAL A 63 -25.78 42.39 22.44
C VAL A 63 -26.38 43.16 21.27
N HIS A 64 -27.71 43.34 21.26
CA HIS A 64 -28.36 44.12 20.22
C HIS A 64 -28.30 45.62 20.50
N ASP A 65 -27.82 46.02 21.68
CA ASP A 65 -27.44 47.40 21.96
C ASP A 65 -25.93 47.57 21.94
N THR A 66 -25.20 46.60 21.37
CA THR A 66 -23.75 46.63 21.17
C THR A 66 -22.97 46.67 22.48
N ILE A 67 -23.64 46.50 23.62
CA ILE A 67 -22.93 46.51 24.89
C ILE A 67 -22.04 45.28 25.02
N ILE A 68 -22.61 44.10 24.76
CA ILE A 68 -21.89 42.83 24.83
C ILE A 68 -21.67 42.31 23.43
N ALA A 69 -20.45 41.86 23.15
CA ALA A 69 -20.11 41.32 21.84
C ALA A 69 -20.49 39.84 21.76
N LYS A 70 -20.64 39.38 20.52
CA LYS A 70 -20.91 37.97 20.25
C LYS A 70 -19.59 37.23 20.05
N ALA A 71 -19.60 35.94 20.39
CA ALA A 71 -18.39 35.16 20.21
C ALA A 71 -18.33 34.61 18.80
N ASP A 72 -17.11 34.22 18.40
CA ASP A 72 -17.02 33.33 17.25
C ASP A 72 -17.74 32.05 17.65
N PRO A 73 -17.88 31.07 16.75
CA PRO A 73 -19.21 30.65 16.33
C PRO A 73 -20.25 30.93 17.41
N PRO A 74 -21.28 31.70 17.07
CA PRO A 74 -22.28 32.09 18.09
C PRO A 74 -23.06 30.92 18.65
N SER A 75 -23.04 29.78 17.98
CA SER A 75 -23.73 28.58 18.43
C SER A 75 -22.81 27.39 18.26
N CYS A 76 -22.60 26.63 19.34
CA CYS A 76 -21.82 25.40 19.26
C CYS A 76 -22.75 24.21 19.05
N ASP A 77 -22.32 23.29 18.19
CA ASP A 77 -23.13 22.14 17.83
C ASP A 77 -22.88 21.00 18.80
N LEU A 78 -23.97 20.33 19.21
CA LEU A 78 -23.91 19.13 20.02
C LEU A 78 -24.09 17.86 19.18
N GLN A 79 -23.83 17.95 17.88
CA GLN A 79 -23.93 16.82 16.97
C GLN A 79 -22.69 16.63 16.10
N SER A 80 -21.78 17.60 16.06
CA SER A 80 -20.67 17.59 15.11
C SER A 80 -19.60 16.60 15.57
N ALA A 81 -18.41 16.70 14.95
CA ALA A 81 -17.26 15.90 15.37
C ALA A 81 -17.15 15.87 16.88
N HIS A 82 -16.96 17.03 17.49
CA HIS A 82 -17.32 17.14 18.90
C HIS A 82 -18.15 18.39 19.19
N GLY A 83 -17.87 19.51 18.53
CA GLY A 83 -18.49 20.77 18.91
C GLY A 83 -17.88 21.35 20.17
N ASN A 84 -16.56 21.29 20.29
CA ASN A 84 -15.79 21.60 21.50
C ASN A 84 -15.83 23.04 22.01
N PRO A 85 -15.86 24.08 21.16
CA PRO A 85 -15.66 25.45 21.67
C PRO A 85 -16.48 25.81 22.90
N CYS A 86 -17.71 25.32 23.02
CA CYS A 86 -18.53 25.61 24.19
C CYS A 86 -18.53 24.51 25.23
N MET A 87 -18.36 23.24 24.82
CA MET A 87 -18.61 22.11 25.72
C MET A 87 -17.78 22.21 27.00
N LYS A 88 -16.53 22.68 26.89
CA LYS A 88 -15.68 22.77 28.07
C LYS A 88 -16.26 23.72 29.10
N GLU A 89 -16.86 24.83 28.65
CA GLU A 89 -17.51 25.77 29.58
C GLU A 89 -18.90 25.30 29.99
N LYS A 90 -19.58 24.57 29.11
CA LYS A 90 -20.96 24.17 29.35
C LYS A 90 -21.06 23.05 30.37
N LEU A 91 -20.09 22.13 30.36
CA LEU A 91 -20.14 20.99 31.27
C LEU A 91 -19.97 21.42 32.72
N VAL A 92 -19.11 22.41 32.98
CA VAL A 92 -18.84 22.82 34.35
C VAL A 92 -20.03 23.51 35.01
N MET A 93 -21.02 23.92 34.23
CA MET A 93 -22.21 24.59 34.79
C MET A 93 -23.40 23.64 34.73
N LYS A 94 -24.06 23.46 35.86
CA LYS A 94 -25.29 22.68 35.93
C LYS A 94 -26.48 23.59 35.63
N THR A 95 -27.17 23.31 34.54
CA THR A 95 -28.34 24.07 34.12
C THR A 95 -29.48 23.10 33.83
N HIS A 96 -30.67 23.66 33.59
CA HIS A 96 -31.88 22.86 33.37
C HIS A 96 -32.71 23.53 32.29
N CYS A 97 -32.68 22.96 31.08
CA CYS A 97 -33.40 23.49 29.92
C CYS A 97 -34.80 22.87 29.86
N PRO A 98 -35.85 23.68 29.77
CA PRO A 98 -37.19 23.12 29.53
C PRO A 98 -37.27 22.51 28.14
N ASN A 99 -38.37 21.82 27.90
CA ASN A 99 -38.57 21.18 26.60
C ASN A 99 -38.72 22.24 25.50
N ASP A 100 -38.56 21.77 24.26
CA ASP A 100 -38.81 22.48 23.00
C ASP A 100 -37.79 23.57 22.69
N TYR A 101 -36.73 23.74 23.47
CA TYR A 101 -35.75 24.78 23.19
C TYR A 101 -34.64 24.24 22.29
N GLN A 102 -34.40 24.96 21.19
CA GLN A 102 -33.32 24.59 20.27
C GLN A 102 -31.99 25.25 20.63
N SER A 103 -32.02 26.39 21.33
CA SER A 103 -30.82 27.14 21.64
C SER A 103 -30.85 27.61 23.08
N ALA A 104 -29.66 27.86 23.63
CA ALA A 104 -29.54 28.41 24.98
C ALA A 104 -28.25 29.22 25.05
N HIS A 105 -28.35 30.47 25.48
CA HIS A 105 -27.23 31.40 25.45
C HIS A 105 -26.73 31.70 26.86
N TYR A 106 -25.53 32.29 26.91
CA TYR A 106 -24.89 32.65 28.16
C TYR A 106 -23.67 33.53 27.86
N LEU A 107 -23.09 34.07 28.92
CA LEU A 107 -21.83 34.79 28.84
C LEU A 107 -20.69 33.80 29.05
N ASN A 108 -19.83 33.66 28.03
CA ASN A 108 -18.70 32.75 28.15
C ASN A 108 -17.66 33.33 29.10
N ASN A 109 -16.60 32.57 29.36
CA ASN A 109 -15.53 33.06 30.22
C ASN A 109 -14.74 34.18 29.57
N ASP A 110 -14.93 34.42 28.28
CA ASP A 110 -14.23 35.48 27.57
C ASP A 110 -14.99 36.81 27.60
N GLY A 111 -16.20 36.83 28.16
CA GLY A 111 -16.98 38.04 28.25
C GLY A 111 -17.94 38.28 27.10
N LYS A 112 -17.99 37.38 26.12
CA LYS A 112 -18.90 37.50 25.00
C LYS A 112 -20.11 36.57 25.18
N MET A 113 -21.11 36.75 24.33
CA MET A 113 -22.31 35.92 24.39
C MET A 113 -22.12 34.70 23.50
N ALA A 114 -21.91 33.55 24.12
CA ALA A 114 -21.91 32.29 23.42
C ALA A 114 -23.27 31.61 23.57
N SER A 115 -23.50 30.59 22.75
CA SER A 115 -24.74 29.83 22.86
C SER A 115 -24.46 28.40 22.42
N VAL A 116 -25.29 27.50 22.94
CA VAL A 116 -25.27 26.10 22.56
C VAL A 116 -26.60 25.79 21.87
N LYS A 117 -26.53 25.19 20.68
CA LYS A 117 -27.69 25.07 19.82
C LYS A 117 -27.69 23.72 19.11
N CYS A 118 -28.88 23.23 18.79
CA CYS A 118 -29.11 21.95 18.14
C CYS A 118 -29.45 22.14 16.67
N PRO A 119 -29.24 21.12 15.84
CA PRO A 119 -29.70 21.19 14.45
C PRO A 119 -31.21 21.26 14.37
N PRO A 120 -31.77 21.60 13.21
CA PRO A 120 -33.22 21.84 13.14
C PRO A 120 -34.04 20.65 13.60
N LYS A 121 -35.14 20.96 14.30
CA LYS A 121 -36.09 19.98 14.84
C LYS A 121 -35.46 19.01 15.83
N TYR A 122 -34.36 19.41 16.45
CA TYR A 122 -33.82 18.75 17.63
C TYR A 122 -33.90 19.71 18.82
N GLU A 123 -34.02 19.16 20.02
CA GLU A 123 -34.20 19.94 21.23
C GLU A 123 -33.11 19.62 22.25
N LEU A 124 -32.92 20.55 23.17
CA LEU A 124 -31.95 20.38 24.24
C LEU A 124 -32.53 19.51 25.35
N THR A 125 -31.68 18.65 25.91
CA THR A 125 -32.09 17.79 27.01
C THR A 125 -32.28 18.62 28.29
N GLU A 126 -32.79 17.96 29.32
CA GLU A 126 -33.10 18.65 30.57
C GLU A 126 -31.85 19.10 31.33
N ASP A 127 -30.66 18.75 30.86
CA ASP A 127 -29.42 19.27 31.44
C ASP A 127 -28.69 20.21 30.50
N CYS A 128 -29.26 20.49 29.33
CA CYS A 128 -28.73 21.39 28.30
C CYS A 128 -27.41 20.91 27.71
N ASN A 129 -27.05 19.63 27.91
CA ASN A 129 -25.77 19.11 27.45
C ASN A 129 -25.86 18.29 26.18
N PHE A 130 -27.06 17.94 25.72
CA PHE A 130 -27.23 17.06 24.57
C PHE A 130 -28.40 17.51 23.72
N CYS A 131 -28.42 17.01 22.49
CA CYS A 131 -29.51 17.25 21.55
C CYS A 131 -30.20 15.93 21.25
N ARG A 132 -31.53 15.97 21.21
CA ARG A 132 -32.33 14.79 20.90
C ARG A 132 -33.44 15.18 19.93
N GLN A 133 -33.82 14.24 19.07
CA GLN A 133 -34.93 14.47 18.15
C GLN A 133 -36.16 14.91 18.93
N MET A 134 -36.73 16.06 18.54
CA MET A 134 -37.77 16.69 19.33
C MET A 134 -38.96 15.77 19.51
N THR A 135 -39.57 15.84 20.70
CA THR A 135 -40.66 14.94 21.06
C THR A 135 -42.03 15.51 20.73
N GLY A 136 -42.14 16.81 20.49
CA GLY A 136 -43.39 17.45 20.13
C GLY A 136 -43.47 17.73 18.64
N ALA A 137 -44.28 18.73 18.30
CA ALA A 137 -44.40 19.20 16.93
C ALA A 137 -43.88 20.60 16.72
N SER A 138 -43.86 21.42 17.77
CA SER A 138 -43.42 22.81 17.69
C SER A 138 -42.24 23.02 18.62
N LEU A 139 -41.16 23.58 18.08
CA LEU A 139 -40.02 24.01 18.88
C LEU A 139 -40.18 25.48 19.25
N LYS A 140 -39.64 25.85 20.42
CA LYS A 140 -39.57 27.25 20.79
C LYS A 140 -38.72 27.99 19.76
N LYS A 141 -39.15 29.21 19.43
CA LYS A 141 -38.47 30.03 18.43
C LYS A 141 -37.50 31.02 19.08
N GLY A 142 -37.06 30.73 20.29
CA GLY A 142 -36.12 31.61 20.97
C GLY A 142 -34.94 30.86 21.55
N SER A 143 -34.15 31.55 22.37
CA SER A 143 -33.02 30.94 23.06
C SER A 143 -33.22 31.10 24.57
N TYR A 144 -32.98 30.03 25.32
CA TYR A 144 -33.23 30.02 26.74
C TYR A 144 -32.02 30.56 27.50
N PRO A 145 -32.17 31.60 28.31
CA PRO A 145 -31.02 32.12 29.07
C PRO A 145 -30.61 31.15 30.16
N LEU A 146 -29.31 30.88 30.25
CA LEU A 146 -28.76 29.97 31.24
C LEU A 146 -28.21 30.69 32.47
N GLN A 147 -28.44 31.99 32.59
CA GLN A 147 -27.86 32.76 33.69
C GLN A 147 -28.84 33.81 34.16
N ASP A 148 -29.02 33.90 35.48
CA ASP A 148 -29.67 35.03 36.09
C ASP A 148 -28.74 36.23 35.98
N LEU A 149 -29.17 37.27 35.26
CA LEU A 149 -28.18 38.25 34.82
C LEU A 149 -28.86 39.56 34.44
N PHE A 150 -28.09 40.65 34.55
CA PHE A 150 -28.50 41.96 34.04
C PHE A 150 -27.26 42.68 33.52
N CYS A 151 -27.50 43.67 32.64
CA CYS A 151 -26.41 44.36 31.97
C CYS A 151 -26.72 45.85 31.83
N GLN A 152 -25.68 46.61 31.52
CA GLN A 152 -25.77 48.05 31.36
C GLN A 152 -24.59 48.52 30.52
N SER A 153 -24.70 49.74 30.00
CA SER A 153 -23.60 50.35 29.26
C SER A 153 -22.53 50.86 30.23
N SER A 154 -21.26 50.69 29.86
CA SER A 154 -20.18 51.12 30.73
C SER A 154 -18.89 51.24 29.93
N GLU A 155 -18.08 52.24 30.30
CA GLU A 155 -16.76 52.46 29.73
C GLU A 155 -15.65 52.25 30.75
N ASP A 156 -15.99 51.80 31.96
CA ASP A 156 -15.01 51.65 33.03
C ASP A 156 -14.05 50.51 32.71
N ASP A 157 -12.77 50.82 32.58
CA ASP A 157 -11.77 49.81 32.24
C ASP A 157 -11.49 48.90 33.43
N GLY A 158 -11.62 47.59 33.22
CA GLY A 158 -11.37 46.64 34.27
C GLY A 158 -10.32 45.61 33.91
N SER A 159 -9.37 45.98 33.03
CA SER A 159 -8.36 45.04 32.59
C SER A 159 -7.46 44.60 33.74
N LYS A 160 -7.29 45.44 34.76
CA LYS A 160 -6.48 45.08 35.92
C LYS A 160 -7.18 44.06 36.82
N LEU A 161 -8.47 43.83 36.62
CA LEU A 161 -9.23 42.99 37.53
C LEU A 161 -9.10 41.52 37.16
N LYS A 162 -9.38 40.65 38.13
CA LYS A 162 -9.22 39.22 38.00
C LYS A 162 -9.95 38.55 39.16
N THR A 163 -10.38 37.32 38.94
CA THR A 163 -11.09 36.58 39.97
C THR A 163 -10.16 36.25 41.14
N LYS A 164 -10.59 36.60 42.35
CA LYS A 164 -9.91 36.20 43.58
C LYS A 164 -10.95 35.67 44.55
N MET A 165 -10.79 34.40 44.95
CA MET A 165 -11.71 33.76 45.87
C MET A 165 -10.90 32.97 46.90
N LYS A 166 -11.22 33.16 48.18
CA LYS A 166 -10.47 32.53 49.25
C LYS A 166 -10.70 31.02 49.26
N GLY A 167 -9.60 30.27 49.26
CA GLY A 167 -9.67 28.83 49.38
C GLY A 167 -10.26 28.11 48.19
N VAL A 168 -10.28 28.73 47.02
CA VAL A 168 -10.83 28.14 45.80
C VAL A 168 -9.69 27.77 44.86
N CYS A 169 -9.71 26.54 44.35
CA CYS A 169 -8.72 26.08 43.39
C CYS A 169 -9.22 26.20 41.95
N GLU A 170 -10.45 25.76 41.69
CA GLU A 170 -11.08 25.90 40.39
C GLU A 170 -12.49 26.41 40.58
N VAL A 171 -12.88 27.40 39.77
CA VAL A 171 -14.25 27.89 39.75
C VAL A 171 -14.68 27.90 38.29
N GLY A 172 -15.53 26.94 37.92
CA GLY A 172 -15.91 26.80 36.53
C GLY A 172 -14.71 26.46 35.67
N VAL A 173 -14.59 27.15 34.54
CA VAL A 173 -13.43 26.95 33.68
C VAL A 173 -12.16 27.44 34.35
N GLN A 174 -12.24 28.57 35.06
CA GLN A 174 -11.05 29.22 35.60
C GLN A 174 -10.36 28.34 36.62
N ALA A 175 -9.04 28.21 36.49
CA ALA A 175 -8.20 27.53 37.47
C ALA A 175 -7.38 28.61 38.17
N LEU A 176 -7.79 28.96 39.39
CA LEU A 176 -7.13 30.04 40.11
C LEU A 176 -5.73 29.63 40.55
N LYS A 177 -5.57 28.39 41.02
CA LYS A 177 -4.26 27.84 41.33
C LYS A 177 -4.36 26.32 41.28
N LYS A 178 -3.25 25.65 41.56
CA LYS A 178 -3.23 24.20 41.71
C LYS A 178 -3.12 23.88 43.19
N CYS A 179 -3.89 22.89 43.63
CA CYS A 179 -4.02 22.56 45.04
C CYS A 179 -3.53 21.14 45.30
N ASP A 180 -2.87 20.95 46.44
CA ASP A 180 -2.41 19.64 46.86
C ASP A 180 -3.33 19.00 47.89
N GLY A 181 -4.15 19.78 48.59
CA GLY A 181 -4.97 19.24 49.64
C GLY A 181 -6.18 18.49 49.13
N GLN A 182 -6.73 17.63 50.00
CA GLN A 182 -8.01 17.01 49.74
C GLN A 182 -9.08 18.08 49.50
N LEU A 183 -9.73 18.01 48.35
CA LEU A 183 -10.61 19.07 47.89
C LEU A 183 -12.08 18.71 48.10
N SER A 184 -12.88 19.74 48.36
CA SER A 184 -14.33 19.63 48.40
C SER A 184 -14.88 20.18 47.09
N THR A 185 -15.66 19.37 46.39
CA THR A 185 -16.18 19.71 45.07
C THR A 185 -17.70 19.81 45.14
N ALA A 186 -18.24 20.92 44.65
CA ALA A 186 -19.69 21.08 44.70
C ALA A 186 -20.15 22.10 43.66
N HIS A 187 -21.37 21.92 43.19
CA HIS A 187 -22.00 22.92 42.34
C HIS A 187 -22.47 24.09 43.21
N GLU A 188 -21.94 25.28 42.94
CA GLU A 188 -22.28 26.46 43.70
C GLU A 188 -22.84 27.54 42.77
N VAL A 189 -23.82 28.29 43.27
CA VAL A 189 -24.34 29.45 42.55
C VAL A 189 -23.40 30.61 42.87
N VAL A 190 -22.45 30.86 41.96
CA VAL A 190 -21.43 31.87 42.17
C VAL A 190 -21.81 33.14 41.44
N PRO A 191 -21.62 34.31 42.05
CA PRO A 191 -21.81 35.57 41.32
C PRO A 191 -20.60 35.92 40.48
N PHE A 192 -20.84 36.80 39.51
CA PHE A 192 -19.81 37.21 38.59
C PHE A 192 -20.22 38.52 37.92
N ALA A 193 -19.25 39.16 37.29
CA ALA A 193 -19.48 40.39 36.55
C ALA A 193 -18.41 40.52 35.45
N VAL A 194 -18.82 41.05 34.31
CA VAL A 194 -17.92 41.31 33.20
C VAL A 194 -17.88 42.81 32.94
N PHE A 195 -16.66 43.31 32.70
CA PHE A 195 -16.33 44.73 32.59
C PHE A 195 -15.82 44.99 31.17
N LYS A 196 -15.33 46.21 30.93
CA LYS A 196 -14.96 46.62 29.58
C LYS A 196 -13.89 45.70 28.99
N ASN A 197 -12.71 45.66 29.62
CA ASN A 197 -11.59 44.92 29.11
C ASN A 197 -11.20 43.78 30.05
N SER A 198 -12.20 43.11 30.62
CA SER A 198 -11.97 42.03 31.56
C SER A 198 -12.61 40.74 31.05
N LYS A 199 -12.20 39.63 31.65
CA LYS A 199 -12.87 38.36 31.45
C LYS A 199 -13.95 38.21 32.52
N LYS A 200 -14.57 37.04 32.59
CA LYS A 200 -15.57 36.79 33.63
C LYS A 200 -14.88 36.75 34.99
N VAL A 201 -15.32 37.62 35.91
CA VAL A 201 -14.70 37.75 37.22
C VAL A 201 -15.67 37.16 38.24
N TYR A 202 -15.32 36.00 38.78
CA TYR A 202 -16.11 35.38 39.84
C TYR A 202 -15.82 36.06 41.18
N LEU A 203 -16.82 36.03 42.07
CA LEU A 203 -16.80 36.82 43.29
C LEU A 203 -17.14 35.97 44.50
N ASP A 204 -16.64 36.40 45.67
CA ASP A 204 -17.07 35.82 46.93
C ASP A 204 -18.35 36.48 47.42
N LYS A 205 -18.33 37.81 47.55
CA LYS A 205 -19.51 38.59 47.91
C LYS A 205 -20.03 39.33 46.69
N LEU A 206 -21.34 39.63 46.71
CA LEU A 206 -21.98 40.43 45.67
C LEU A 206 -22.51 41.70 46.33
N ASP A 207 -21.75 42.79 46.21
CA ASP A 207 -22.11 44.08 46.78
C ASP A 207 -22.39 45.05 45.64
N LEU A 208 -23.65 45.45 45.48
CA LEU A 208 -24.08 46.33 44.40
C LEU A 208 -24.67 47.61 44.98
N LYS A 209 -24.55 48.70 44.23
CA LYS A 209 -25.19 49.95 44.61
C LYS A 209 -25.69 50.66 43.35
N THR A 210 -26.89 51.24 43.44
CA THR A 210 -27.54 51.86 42.30
C THR A 210 -27.70 53.35 42.53
N GLU A 211 -27.11 54.16 41.65
CA GLU A 211 -27.24 55.61 41.68
C GLU A 211 -28.33 56.00 40.69
N GLU A 212 -29.44 56.54 41.20
CA GLU A 212 -30.55 56.94 40.34
C GLU A 212 -30.25 58.26 39.64
N ASN A 213 -30.81 58.43 38.45
CA ASN A 213 -30.60 59.63 37.65
C ASN A 213 -31.80 59.84 36.74
N LEU A 214 -31.82 61.01 36.09
CA LEU A 214 -32.90 61.39 35.18
C LEU A 214 -32.53 61.14 33.72
N LEU A 215 -31.69 60.13 33.46
CA LEU A 215 -31.30 59.79 32.09
C LEU A 215 -32.47 59.10 31.39
N PRO A 216 -32.41 58.96 30.07
CA PRO A 216 -33.54 58.32 29.35
C PRO A 216 -33.89 56.93 29.83
N ASP A 217 -32.89 56.05 30.00
CA ASP A 217 -33.16 54.67 30.39
C ASP A 217 -33.73 54.53 31.79
N SER A 218 -33.85 55.62 32.55
CA SER A 218 -34.50 55.61 33.85
C SER A 218 -35.99 55.87 33.78
N PHE A 219 -36.55 56.03 32.58
CA PHE A 219 -37.95 56.30 32.41
C PHE A 219 -38.60 55.21 31.56
N VAL A 220 -39.93 55.15 31.65
CA VAL A 220 -40.75 54.30 30.78
C VAL A 220 -41.95 55.12 30.35
N CYS A 221 -42.12 55.28 29.03
CA CYS A 221 -43.23 56.05 28.47
C CYS A 221 -44.24 55.11 27.84
N PHE A 222 -45.51 55.49 27.91
CA PHE A 222 -46.56 54.66 27.34
C PHE A 222 -47.73 55.52 26.90
N GLU A 223 -48.38 55.08 25.82
CA GLU A 223 -49.56 55.73 25.26
C GLU A 223 -50.67 54.70 25.08
N HIS A 224 -51.74 55.07 24.39
CA HIS A 224 -52.83 54.13 24.10
C HIS A 224 -52.67 53.52 22.71
N ARG A 239 -56.52 47.54 29.50
CA ARG A 239 -55.14 47.75 29.10
C ARG A 239 -54.98 47.56 27.60
N GLU A 240 -54.55 48.63 26.92
CA GLU A 240 -54.12 48.61 25.53
C GLU A 240 -52.86 49.44 25.38
N LEU A 241 -51.94 49.29 26.33
CA LEU A 241 -50.72 50.08 26.37
C LEU A 241 -49.71 49.58 25.36
N LYS A 242 -49.01 50.51 24.71
CA LYS A 242 -47.89 50.20 23.85
C LYS A 242 -46.77 51.18 24.14
N SER A 243 -45.53 50.68 24.04
CA SER A 243 -44.36 51.49 24.35
C SER A 243 -44.27 52.68 23.38
N PHE A 244 -43.52 53.71 23.82
CA PHE A 244 -43.40 54.93 23.05
C PHE A 244 -42.03 55.54 23.33
N ASP A 245 -41.28 55.83 22.26
CA ASP A 245 -39.91 56.29 22.39
C ASP A 245 -39.87 57.63 23.11
N ILE A 246 -39.05 57.70 24.17
CA ILE A 246 -38.92 58.92 24.94
C ILE A 246 -38.15 60.00 24.16
N SER A 247 -37.38 59.60 23.14
CA SER A 247 -36.63 60.57 22.36
C SER A 247 -37.54 61.51 21.57
N GLN A 248 -38.82 61.17 21.44
CA GLN A 248 -39.76 62.06 20.78
C GLN A 248 -40.31 63.13 21.70
N CYS A 249 -40.17 62.96 23.01
CA CYS A 249 -40.58 64.00 23.95
C CYS A 249 -39.54 65.10 24.01
N PRO A 250 -39.92 66.36 23.83
CA PRO A 250 -38.94 67.45 23.94
C PRO A 250 -38.61 67.75 25.40
N LYS A 251 -37.34 68.02 25.65
CA LYS A 251 -36.91 68.44 26.97
C LYS A 251 -37.33 69.89 27.21
N ILE A 252 -37.16 70.34 28.46
CA ILE A 252 -37.42 71.74 28.77
C ILE A 252 -36.44 72.59 27.98
N GLY A 253 -36.97 73.54 27.21
CA GLY A 253 -36.15 74.37 26.35
C GLY A 253 -35.53 73.59 25.22
N GLY A 254 -36.35 72.83 24.49
CA GLY A 254 -35.87 72.02 23.39
C GLY A 254 -36.92 71.82 22.31
N HIS A 255 -36.67 70.89 21.39
CA HIS A 255 -37.57 70.61 20.29
C HIS A 255 -37.94 69.12 20.28
N GLY A 256 -39.19 68.84 19.95
CA GLY A 256 -39.66 67.47 19.92
C GLY A 256 -40.80 67.30 18.93
N SER A 257 -41.02 66.06 18.52
CA SER A 257 -42.04 65.74 17.54
C SER A 257 -43.40 65.42 18.16
N LYS A 258 -43.44 65.10 19.45
CA LYS A 258 -44.67 64.73 20.12
C LYS A 258 -44.85 65.58 21.38
N LYS A 259 -45.94 65.32 22.10
CA LYS A 259 -46.23 65.96 23.38
C LYS A 259 -46.38 64.90 24.44
N CYS A 260 -45.88 65.19 25.65
CA CYS A 260 -45.78 64.18 26.69
C CYS A 260 -46.10 64.78 28.05
N THR A 261 -46.52 63.91 28.97
CA THR A 261 -46.67 64.25 30.38
C THR A 261 -45.93 63.21 31.20
N GLY A 262 -45.60 63.53 32.44
CA GLY A 262 -44.93 62.57 33.29
C GLY A 262 -45.14 62.86 34.75
N ASP A 263 -44.53 62.01 35.58
CA ASP A 263 -44.51 62.25 37.01
C ASP A 263 -43.61 63.45 37.32
N ALA A 264 -43.45 63.74 38.61
CA ALA A 264 -42.62 64.87 39.02
C ALA A 264 -41.20 64.75 38.46
N ALA A 265 -40.63 63.55 38.48
CA ALA A 265 -39.29 63.35 37.96
C ALA A 265 -39.21 63.65 36.47
N PHE A 266 -40.21 63.19 35.71
CA PHE A 266 -40.19 63.42 34.27
C PHE A 266 -40.37 64.90 33.94
N CYS A 267 -41.32 65.56 34.59
CA CYS A 267 -41.55 66.97 34.30
C CYS A 267 -40.47 67.88 34.87
N SER A 268 -39.60 67.37 35.74
CA SER A 268 -38.47 68.17 36.21
C SER A 268 -37.50 68.47 35.07
N ALA A 269 -37.44 67.60 34.07
CA ALA A 269 -36.48 67.73 32.96
C ALA A 269 -37.13 67.99 31.62
N TYR A 270 -38.27 67.34 31.33
CA TYR A 270 -38.96 67.51 30.07
C TYR A 270 -40.22 68.34 30.30
N GLU A 271 -40.70 69.00 29.23
CA GLU A 271 -41.87 69.84 29.36
C GLU A 271 -43.15 68.99 29.30
N CYS A 272 -44.11 69.32 30.14
CA CYS A 272 -45.31 68.52 30.34
C CYS A 272 -46.56 69.33 30.02
N THR A 273 -47.50 68.70 29.32
CA THR A 273 -48.79 69.31 28.99
C THR A 273 -49.88 68.31 29.34
N ALA A 274 -50.71 68.65 30.32
CA ALA A 274 -51.65 67.67 30.88
C ALA A 274 -52.80 67.34 29.95
N GLN A 275 -53.09 68.18 28.96
CA GLN A 275 -54.24 67.98 28.08
C GLN A 275 -53.88 67.46 26.70
N TYR A 276 -52.72 67.85 26.17
CA TYR A 276 -52.37 67.58 24.77
C TYR A 276 -51.26 66.54 24.63
N ALA A 277 -51.02 65.74 25.67
CA ALA A 277 -49.92 64.79 25.65
C ALA A 277 -50.32 63.52 24.94
N ASN A 278 -49.44 63.04 24.05
CA ASN A 278 -49.66 61.73 23.43
C ASN A 278 -49.46 60.61 24.44
N ALA A 279 -48.52 60.77 25.36
CA ALA A 279 -48.16 59.67 26.25
C ALA A 279 -47.78 60.20 27.62
N TYR A 280 -47.59 59.26 28.54
CA TYR A 280 -47.28 59.52 29.94
C TYR A 280 -46.07 58.69 30.31
N CYS A 281 -45.11 59.32 31.01
CA CYS A 281 -43.83 58.71 31.31
C CYS A 281 -43.61 58.67 32.81
N SER A 282 -43.33 57.49 33.34
CA SER A 282 -42.98 57.31 34.74
C SER A 282 -41.49 57.06 34.89
N HIS A 283 -41.00 57.23 36.12
CA HIS A 283 -39.60 56.95 36.44
C HIS A 283 -39.48 55.49 36.85
N ALA A 284 -38.69 54.73 36.10
CA ALA A 284 -38.57 53.30 36.33
C ALA A 284 -37.89 53.04 37.68
N ASN A 285 -38.57 52.31 38.55
CA ASN A 285 -38.00 51.97 39.84
C ASN A 285 -36.80 51.05 39.68
N GLY A 286 -35.79 51.23 40.52
CA GLY A 286 -34.60 50.42 40.46
C GLY A 286 -33.76 50.63 39.22
N SER A 287 -33.85 51.79 38.58
CA SER A 287 -33.06 52.11 37.40
C SER A 287 -32.00 53.13 37.77
N GLY A 288 -30.93 53.15 36.98
CA GLY A 288 -29.80 54.03 37.22
C GLY A 288 -28.48 53.32 37.04
N ILE A 289 -27.38 54.03 37.27
CA ILE A 289 -26.06 53.45 37.08
C ILE A 289 -25.75 52.53 38.25
N VAL A 290 -25.51 51.25 37.96
CA VAL A 290 -25.20 50.25 38.97
C VAL A 290 -23.70 50.06 39.03
N GLN A 291 -23.16 50.02 40.24
CA GLN A 291 -21.75 49.76 40.48
C GLN A 291 -21.60 48.57 41.41
N ILE A 292 -20.47 47.88 41.29
CA ILE A 292 -20.18 46.67 42.04
C ILE A 292 -18.83 46.83 42.73
N GLN A 293 -18.72 46.26 43.93
CA GLN A 293 -17.51 46.34 44.72
C GLN A 293 -16.69 45.08 44.51
N VAL A 294 -15.60 45.20 43.76
CA VAL A 294 -14.67 44.10 43.54
C VAL A 294 -13.42 44.36 44.37
N SER A 295 -13.15 43.48 45.33
CA SER A 295 -11.96 43.53 46.18
C SER A 295 -11.68 44.94 46.69
N GLY A 296 -12.72 45.57 47.23
CA GLY A 296 -12.60 46.87 47.85
C GLY A 296 -12.81 48.07 46.94
N VAL A 297 -12.67 47.89 45.62
CA VAL A 297 -12.76 48.99 44.67
C VAL A 297 -14.15 48.96 44.01
N TRP A 298 -14.80 50.12 43.96
CA TRP A 298 -16.08 50.25 43.27
C TRP A 298 -15.86 50.48 41.79
N LYS A 299 -16.52 49.68 40.95
CA LYS A 299 -16.38 49.76 39.51
C LYS A 299 -17.75 49.72 38.86
N LYS A 300 -17.81 50.12 37.59
CA LYS A 300 -19.04 50.14 36.82
C LYS A 300 -19.03 48.97 35.85
N PRO A 301 -19.71 47.86 36.15
CA PRO A 301 -19.60 46.67 35.31
C PRO A 301 -20.48 46.74 34.08
N LEU A 302 -20.13 45.90 33.09
CA LEU A 302 -20.99 45.74 31.92
C LEU A 302 -22.15 44.80 32.22
N CYS A 303 -21.89 43.67 32.87
CA CYS A 303 -22.95 42.75 33.27
C CYS A 303 -22.64 42.15 34.63
N VAL A 304 -23.70 41.85 35.38
CA VAL A 304 -23.61 41.18 36.67
C VAL A 304 -24.61 40.02 36.67
N GLY A 305 -24.20 38.88 37.22
CA GLY A 305 -25.10 37.74 37.22
C GLY A 305 -24.65 36.67 38.19
N TYR A 306 -25.44 35.60 38.21
CA TYR A 306 -25.15 34.38 38.93
C TYR A 306 -25.11 33.21 37.96
N GLU A 307 -24.30 32.20 38.28
CA GLU A 307 -24.38 30.95 37.53
C GLU A 307 -23.90 29.81 38.41
N ARG A 308 -24.47 28.63 38.18
CA ARG A 308 -24.17 27.45 38.98
C ARG A 308 -23.04 26.70 38.30
N VAL A 309 -21.85 26.72 38.91
CA VAL A 309 -20.67 26.09 38.34
C VAL A 309 -20.01 25.21 39.38
N VAL A 310 -19.12 24.34 38.90
CA VAL A 310 -18.38 23.43 39.78
C VAL A 310 -17.26 24.22 40.46
N VAL A 311 -17.31 24.27 41.79
CA VAL A 311 -16.29 24.92 42.61
C VAL A 311 -15.57 23.85 43.41
N LYS A 312 -14.25 23.87 43.36
CA LYS A 312 -13.39 23.00 44.16
C LYS A 312 -12.63 23.86 45.16
N ARG A 313 -12.63 23.43 46.43
CA ARG A 313 -12.07 24.21 47.51
C ARG A 313 -11.08 23.37 48.30
N GLU A 314 -10.00 24.01 48.75
CA GLU A 314 -8.98 23.38 49.57
C GLU A 314 -9.47 23.27 51.02
N LEU A 315 -8.76 22.46 51.80
CA LEU A 315 -9.04 22.28 53.22
C LEU A 315 -7.84 22.80 54.00
N SER A 316 -7.89 24.08 54.37
CA SER A 316 -6.80 24.72 55.10
C SER A 316 -7.33 25.70 56.15
N GLN B 1 -30.64 45.81 -2.81
CA GLN B 1 -30.96 45.76 -1.39
C GLN B 1 -29.84 45.11 -0.58
N VAL B 2 -29.70 43.79 -0.70
CA VAL B 2 -28.71 43.03 0.05
C VAL B 2 -27.49 42.70 -0.81
N GLN B 3 -27.71 42.17 -2.02
CA GLN B 3 -26.76 42.27 -3.13
C GLN B 3 -25.36 41.76 -2.78
N LEU B 4 -25.26 40.46 -2.56
CA LEU B 4 -23.95 39.80 -2.65
C LEU B 4 -23.50 39.81 -4.10
N VAL B 5 -22.43 40.55 -4.40
CA VAL B 5 -21.98 40.76 -5.78
C VAL B 5 -20.56 40.25 -5.92
N GLN B 6 -20.31 39.45 -6.96
CA GLN B 6 -19.07 38.69 -7.08
C GLN B 6 -18.13 39.27 -8.14
N SER B 7 -16.88 38.84 -8.04
CA SER B 7 -15.85 39.10 -9.04
C SER B 7 -15.02 37.82 -9.18
N GLY B 8 -13.86 37.94 -9.83
CA GLY B 8 -12.93 36.82 -9.89
C GLY B 8 -12.80 36.14 -11.24
N GLY B 9 -11.56 35.91 -11.67
CA GLY B 9 -11.32 35.22 -12.92
C GLY B 9 -11.63 33.73 -12.82
N GLY B 10 -11.80 33.11 -14.00
CA GLY B 10 -12.22 31.74 -14.05
C GLY B 10 -11.74 30.89 -15.22
N LEU B 11 -10.58 31.18 -15.79
CA LEU B 11 -10.05 30.38 -16.89
C LEU B 11 -8.58 30.10 -16.61
N VAL B 12 -8.25 28.85 -16.28
CA VAL B 12 -6.91 28.49 -15.85
C VAL B 12 -6.55 27.09 -16.33
N LYS B 13 -5.24 26.81 -16.36
CA LYS B 13 -4.71 25.50 -16.69
C LYS B 13 -4.67 24.61 -15.44
N PRO B 14 -4.76 23.28 -15.61
CA PRO B 14 -4.77 22.39 -14.45
C PRO B 14 -3.55 22.59 -13.56
N GLY B 15 -3.75 22.39 -12.26
CA GLY B 15 -2.73 22.67 -11.27
C GLY B 15 -2.56 24.12 -10.92
N GLY B 16 -3.29 25.02 -11.59
CA GLY B 16 -3.14 26.45 -11.37
C GLY B 16 -3.86 26.93 -10.12
N SER B 17 -4.10 28.24 -10.08
CA SER B 17 -4.71 28.87 -8.92
C SER B 17 -5.55 30.05 -9.36
N LEU B 18 -6.59 30.33 -8.58
CA LEU B 18 -7.49 31.46 -8.84
C LEU B 18 -8.00 31.99 -7.51
N ARG B 19 -8.84 33.03 -7.59
CA ARG B 19 -9.27 33.73 -6.37
C ARG B 19 -10.59 34.42 -6.67
N LEU B 20 -11.66 33.97 -6.01
CA LEU B 20 -12.97 34.59 -6.11
C LEU B 20 -13.18 35.54 -4.93
N SER B 21 -13.92 36.61 -5.18
CA SER B 21 -14.19 37.62 -4.14
C SER B 21 -15.65 38.04 -4.24
N CYS B 22 -16.36 37.93 -3.12
CA CYS B 22 -17.78 38.24 -3.03
C CYS B 22 -17.94 39.42 -2.08
N ALA B 23 -18.33 40.58 -2.63
CA ALA B 23 -18.50 41.80 -1.85
C ALA B 23 -19.96 41.94 -1.42
N ALA B 24 -20.16 42.32 -0.16
CA ALA B 24 -21.47 42.38 0.47
C ALA B 24 -21.85 43.83 0.77
N SER B 25 -23.11 44.19 0.51
CA SER B 25 -23.56 45.55 0.78
C SER B 25 -25.08 45.54 0.98
N GLY B 26 -25.53 45.74 2.21
CA GLY B 26 -26.95 45.82 2.48
C GLY B 26 -27.37 45.18 3.79
N PHE B 27 -26.60 44.21 4.27
CA PHE B 27 -26.73 43.74 5.64
C PHE B 27 -25.43 44.03 6.39
N THR B 28 -25.37 43.58 7.64
CA THR B 28 -24.19 43.89 8.45
C THR B 28 -22.99 43.04 8.03
N PHE B 29 -23.23 41.78 7.67
CA PHE B 29 -22.25 40.85 7.12
C PHE B 29 -21.25 40.40 8.17
N SER B 30 -21.27 41.03 9.34
CA SER B 30 -20.42 40.60 10.45
C SER B 30 -21.11 39.58 11.33
N ASP B 31 -22.41 39.35 11.12
CA ASP B 31 -23.20 38.46 11.94
C ASP B 31 -23.69 37.22 11.19
N TYR B 32 -23.29 37.06 9.93
CA TYR B 32 -23.79 36.00 9.05
C TYR B 32 -22.67 35.08 8.63
N TYR B 33 -22.91 33.77 8.70
CA TYR B 33 -21.99 32.81 8.11
C TYR B 33 -21.94 33.01 6.59
N MET B 34 -20.86 32.53 5.98
CA MET B 34 -20.72 32.65 4.52
C MET B 34 -20.23 31.34 3.93
N SER B 35 -20.94 30.83 2.93
CA SER B 35 -20.59 29.57 2.31
C SER B 35 -20.36 29.75 0.81
N TRP B 36 -19.66 28.77 0.23
CA TRP B 36 -19.41 28.71 -1.21
C TRP B 36 -20.06 27.45 -1.77
N ILE B 37 -20.90 27.64 -2.79
CA ILE B 37 -21.61 26.53 -3.42
C ILE B 37 -21.31 26.59 -4.91
N ARG B 38 -20.83 25.48 -5.46
CA ARG B 38 -20.49 25.43 -6.89
C ARG B 38 -21.49 24.57 -7.63
N GLN B 39 -21.51 24.76 -8.96
CA GLN B 39 -22.44 24.05 -9.84
C GLN B 39 -21.69 23.71 -11.12
N ALA B 40 -21.47 22.42 -11.36
CA ALA B 40 -20.83 21.99 -12.59
C ALA B 40 -21.73 22.29 -13.78
N PRO B 41 -21.15 22.49 -14.98
CA PRO B 41 -21.98 22.81 -16.15
C PRO B 41 -23.03 21.75 -16.42
N GLY B 42 -24.30 22.12 -16.26
CA GLY B 42 -25.41 21.21 -16.45
C GLY B 42 -25.81 20.39 -15.24
N LYS B 43 -24.91 20.20 -14.28
CA LYS B 43 -25.19 19.40 -13.10
C LYS B 43 -25.84 20.27 -12.01
N GLY B 44 -26.00 19.72 -10.82
CA GLY B 44 -26.60 20.42 -9.71
C GLY B 44 -25.60 21.11 -8.81
N LEU B 45 -26.06 21.47 -7.62
CA LEU B 45 -25.27 22.27 -6.68
C LEU B 45 -24.45 21.39 -5.75
N GLU B 46 -23.22 21.79 -5.49
CA GLU B 46 -22.37 21.15 -4.49
C GLU B 46 -21.86 22.22 -3.52
N TRP B 47 -22.11 22.01 -2.23
CA TRP B 47 -21.51 22.85 -1.21
C TRP B 47 -20.02 22.55 -1.09
N VAL B 48 -19.24 23.58 -0.78
CA VAL B 48 -17.79 23.45 -0.79
C VAL B 48 -17.22 23.76 0.59
N SER B 49 -17.50 24.95 1.10
CA SER B 49 -16.96 25.34 2.40
C SER B 49 -17.83 26.42 3.01
N TYR B 50 -17.65 26.62 4.32
CA TYR B 50 -18.30 27.69 5.04
C TYR B 50 -17.34 28.27 6.07
N ILE B 51 -17.45 29.59 6.25
CA ILE B 51 -16.69 30.33 7.24
C ILE B 51 -17.66 31.03 8.17
N SER B 52 -17.27 31.12 9.45
CA SER B 52 -18.08 31.69 10.51
C SER B 52 -18.01 33.22 10.49
N PRO B 53 -19.00 33.90 11.07
CA PRO B 53 -18.99 35.37 11.09
C PRO B 53 -17.69 35.99 11.59
N GLY B 54 -16.94 35.30 12.44
CA GLY B 54 -15.75 35.90 13.00
C GLY B 54 -14.48 35.60 12.24
N GLY B 55 -14.46 34.47 11.52
CA GLY B 55 -13.30 34.03 10.79
C GLY B 55 -12.71 32.73 11.26
N SER B 56 -12.99 32.33 12.50
CA SER B 56 -12.53 31.05 13.02
C SER B 56 -13.57 29.96 12.72
N THR B 57 -13.17 28.71 12.94
CA THR B 57 -14.03 27.54 12.77
C THR B 57 -14.55 27.45 11.33
N ILE B 58 -13.62 27.19 10.43
CA ILE B 58 -13.91 27.02 9.01
C ILE B 58 -14.13 25.54 8.72
N TYR B 59 -15.08 25.23 7.84
CA TYR B 59 -15.31 23.85 7.41
C TYR B 59 -15.24 23.75 5.89
N TYR B 60 -14.66 22.65 5.41
CA TYR B 60 -14.57 22.34 3.98
C TYR B 60 -15.23 20.99 3.70
N ALA B 61 -15.49 20.74 2.42
CA ALA B 61 -15.90 19.42 1.96
C ALA B 61 -14.68 18.64 1.51
N ASP B 62 -14.68 17.32 1.79
CA ASP B 62 -13.50 16.52 1.52
C ASP B 62 -13.10 16.55 0.05
N SER B 63 -14.07 16.79 -0.84
CA SER B 63 -13.74 16.96 -2.25
C SER B 63 -12.75 18.10 -2.45
N VAL B 64 -12.86 19.15 -1.66
CA VAL B 64 -12.06 20.35 -1.82
C VAL B 64 -11.08 20.56 -0.68
N LYS B 65 -11.23 19.85 0.43
CA LYS B 65 -10.37 20.03 1.60
C LYS B 65 -8.90 19.89 1.22
N GLY B 66 -8.08 20.82 1.71
CA GLY B 66 -6.67 20.84 1.47
C GLY B 66 -6.23 21.77 0.35
N ARG B 67 -7.13 22.05 -0.60
CA ARG B 67 -6.78 22.84 -1.79
C ARG B 67 -7.23 24.29 -1.69
N PHE B 68 -8.47 24.52 -1.29
CA PHE B 68 -9.03 25.87 -1.26
C PHE B 68 -8.96 26.44 0.15
N THR B 69 -8.93 27.76 0.23
CA THR B 69 -8.89 28.49 1.50
C THR B 69 -9.91 29.60 1.46
N ILE B 70 -10.91 29.53 2.34
CA ILE B 70 -11.94 30.56 2.43
C ILE B 70 -11.58 31.52 3.55
N SER B 71 -11.68 32.82 3.28
CA SER B 71 -11.35 33.85 4.24
C SER B 71 -12.37 34.97 4.15
N ARG B 72 -12.29 35.92 5.07
CA ARG B 72 -13.20 37.06 5.02
C ARG B 72 -12.53 38.27 5.67
N ASP B 73 -12.88 39.45 5.15
CA ASP B 73 -12.39 40.74 5.65
C ASP B 73 -13.62 41.54 6.05
N ASN B 74 -14.07 41.36 7.29
CA ASN B 74 -15.29 42.01 7.75
C ASN B 74 -15.16 43.53 7.69
N ALA B 75 -13.94 44.06 7.78
CA ALA B 75 -13.74 45.50 7.69
C ALA B 75 -14.20 46.02 6.33
N LYS B 76 -13.74 45.41 5.25
CA LYS B 76 -14.06 45.83 3.90
C LYS B 76 -15.24 45.07 3.31
N ASN B 77 -16.01 44.35 4.15
CA ASN B 77 -17.26 43.70 3.76
C ASN B 77 -17.07 42.80 2.54
N SER B 78 -16.21 41.80 2.70
CA SER B 78 -15.87 40.93 1.59
C SER B 78 -15.66 39.50 2.07
N LEU B 79 -15.69 38.57 1.12
CA LEU B 79 -15.60 37.14 1.41
C LEU B 79 -14.82 36.48 0.28
N TYR B 80 -13.65 35.94 0.58
CA TYR B 80 -12.71 35.46 -0.42
C TYR B 80 -12.65 33.94 -0.44
N LEU B 81 -12.40 33.39 -1.63
CA LEU B 81 -12.16 31.96 -1.80
C LEU B 81 -10.94 31.80 -2.71
N GLN B 82 -9.83 31.33 -2.15
CA GLN B 82 -8.60 31.11 -2.87
C GLN B 82 -8.53 29.64 -3.30
N MET B 83 -8.44 29.40 -4.60
CA MET B 83 -8.35 28.05 -5.15
C MET B 83 -6.91 27.77 -5.56
N ASN B 84 -6.38 26.65 -5.06
CA ASN B 84 -5.05 26.19 -5.42
C ASN B 84 -5.14 24.75 -5.90
N SER B 85 -4.17 24.36 -6.74
CA SER B 85 -4.07 22.99 -7.26
C SER B 85 -5.37 22.58 -7.96
N LEU B 86 -5.86 23.45 -8.84
CA LEU B 86 -7.10 23.22 -9.55
C LEU B 86 -6.96 22.06 -10.54
N ARG B 87 -8.11 21.48 -10.90
CA ARG B 87 -8.18 20.49 -11.96
C ARG B 87 -9.61 20.47 -12.49
N ALA B 88 -9.80 19.69 -13.56
CA ALA B 88 -10.99 19.81 -14.40
C ALA B 88 -12.28 19.55 -13.63
N GLU B 89 -12.24 18.69 -12.61
CA GLU B 89 -13.45 18.41 -11.85
C GLU B 89 -13.98 19.66 -11.15
N ASP B 90 -13.12 20.65 -10.91
CA ASP B 90 -13.55 21.90 -10.27
C ASP B 90 -14.22 22.86 -11.24
N THR B 91 -14.06 22.65 -12.56
CA THR B 91 -14.63 23.58 -13.53
C THR B 91 -16.13 23.68 -13.35
N ALA B 92 -16.61 24.83 -12.90
CA ALA B 92 -18.00 25.01 -12.48
C ALA B 92 -18.22 26.50 -12.27
N VAL B 93 -19.47 26.86 -11.97
CA VAL B 93 -19.83 28.22 -11.61
C VAL B 93 -20.00 28.28 -10.09
N TYR B 94 -19.26 29.17 -9.45
CA TYR B 94 -19.16 29.23 -7.99
C TYR B 94 -19.94 30.44 -7.46
N TYR B 95 -20.74 30.22 -6.43
CA TYR B 95 -21.61 31.24 -5.85
C TYR B 95 -21.29 31.38 -4.37
N CYS B 96 -21.44 32.59 -3.85
CA CYS B 96 -21.40 32.83 -2.42
C CYS B 96 -22.81 32.91 -1.86
N ALA B 97 -22.97 32.49 -0.62
CA ALA B 97 -24.29 32.48 0.01
C ALA B 97 -24.15 32.84 1.48
N SER B 98 -25.21 33.44 2.01
CA SER B 98 -25.29 33.86 3.41
C SER B 98 -26.40 33.08 4.10
N SER B 99 -26.12 32.61 5.31
CA SER B 99 -27.04 31.71 6.02
C SER B 99 -27.63 32.31 7.29
N ALA B 100 -26.92 33.20 7.97
CA ALA B 100 -27.28 33.88 9.21
C ALA B 100 -27.17 32.97 10.43
N ASP B 101 -26.93 31.67 10.26
CA ASP B 101 -26.51 30.73 11.31
C ASP B 101 -26.20 29.41 10.62
N VAL B 102 -25.44 28.57 11.32
CA VAL B 102 -24.78 27.44 10.69
C VAL B 102 -25.78 26.44 10.10
N TYR B 103 -26.99 26.36 10.65
CA TYR B 103 -27.97 25.37 10.23
C TYR B 103 -28.96 25.88 9.19
N ASN B 104 -28.86 27.13 8.77
CA ASN B 104 -29.96 27.79 8.07
C ASN B 104 -29.81 27.66 6.55
N TRP B 105 -30.55 28.48 5.80
CA TRP B 105 -31.09 28.13 4.50
C TRP B 105 -30.48 28.88 3.31
N PHE B 106 -29.34 29.56 3.49
CA PHE B 106 -28.64 30.19 2.37
C PHE B 106 -29.53 31.21 1.65
N ASP B 107 -29.85 32.28 2.37
CA ASP B 107 -30.55 33.40 1.76
C ASP B 107 -29.50 34.23 0.99
N PRO B 108 -29.85 35.40 0.40
CA PRO B 108 -29.45 35.70 -0.99
C PRO B 108 -28.05 35.27 -1.40
N TRP B 109 -27.96 34.78 -2.64
CA TRP B 109 -26.73 34.26 -3.22
C TRP B 109 -26.09 35.30 -4.14
N GLY B 110 -24.78 35.14 -4.35
CA GLY B 110 -24.08 35.92 -5.34
C GLY B 110 -24.59 35.62 -6.75
N GLN B 111 -24.10 36.40 -7.71
CA GLN B 111 -24.58 36.24 -9.08
C GLN B 111 -23.96 35.04 -9.78
N GLY B 112 -22.81 34.57 -9.34
CA GLY B 112 -22.17 33.43 -9.97
C GLY B 112 -20.94 33.84 -10.75
N THR B 113 -19.96 32.93 -10.80
CA THR B 113 -18.71 33.16 -11.51
C THR B 113 -18.21 31.84 -12.06
N LEU B 114 -17.94 31.80 -13.37
CA LEU B 114 -17.54 30.57 -14.03
C LEU B 114 -16.08 30.27 -13.78
N VAL B 115 -15.76 28.98 -13.69
CA VAL B 115 -14.38 28.50 -13.62
C VAL B 115 -14.18 27.31 -14.55
N SER C 1 -23.13 8.66 3.84
CA SER C 1 -23.60 9.97 3.39
C SER C 1 -25.12 9.98 3.19
N TYR C 2 -25.73 11.13 3.48
CA TYR C 2 -27.16 11.33 3.33
C TYR C 2 -27.44 11.91 1.95
N GLU C 3 -28.23 11.20 1.15
CA GLU C 3 -28.56 11.62 -0.20
C GLU C 3 -30.04 12.02 -0.29
N LEU C 4 -30.30 13.02 -1.13
CA LEU C 4 -31.66 13.47 -1.44
C LEU C 4 -31.96 13.14 -2.88
N THR C 5 -33.03 12.39 -3.11
CA THR C 5 -33.45 11.97 -4.43
C THR C 5 -34.54 12.90 -4.94
N GLN C 6 -34.50 13.21 -6.24
CA GLN C 6 -35.39 14.17 -6.85
C GLN C 6 -35.67 13.78 -8.30
N PRO C 7 -36.94 13.67 -8.69
CA PRO C 7 -37.27 13.26 -10.06
C PRO C 7 -36.76 14.30 -11.05
N PRO C 8 -36.06 13.87 -12.10
CA PRO C 8 -35.39 14.83 -13.00
C PRO C 8 -36.36 15.69 -13.80
N SER C 9 -37.52 15.16 -14.18
CA SER C 9 -38.44 15.88 -15.06
C SER C 9 -39.82 15.95 -14.42
N VAL C 10 -40.50 17.08 -14.61
CA VAL C 10 -41.91 17.25 -14.25
C VAL C 10 -42.55 18.13 -15.32
N SER C 11 -43.54 17.59 -16.02
CA SER C 11 -44.34 18.34 -16.96
C SER C 11 -45.66 18.73 -16.32
N VAL C 12 -46.16 19.92 -16.63
CA VAL C 12 -47.43 20.38 -16.10
C VAL C 12 -48.02 21.40 -17.06
N ALA C 13 -49.31 21.29 -17.30
CA ALA C 13 -50.00 22.26 -18.14
C ALA C 13 -50.22 23.56 -17.37
N PRO C 14 -50.32 24.69 -18.07
CA PRO C 14 -50.56 25.95 -17.37
C PRO C 14 -51.94 25.99 -16.73
N GLY C 15 -52.01 26.57 -15.54
CA GLY C 15 -53.20 26.57 -14.74
C GLY C 15 -53.34 25.37 -13.82
N LYS C 16 -52.77 24.23 -14.21
CA LYS C 16 -52.76 23.05 -13.36
C LYS C 16 -51.80 23.26 -12.18
N THR C 17 -51.66 22.23 -11.37
CA THR C 17 -50.76 22.26 -10.22
C THR C 17 -49.58 21.34 -10.47
N ALA C 18 -48.38 21.79 -10.07
CA ALA C 18 -47.17 21.01 -10.19
C ALA C 18 -46.71 20.55 -8.81
N ARG C 19 -46.07 19.39 -8.77
CA ARG C 19 -45.61 18.80 -7.51
C ARG C 19 -44.22 18.23 -7.70
N ILE C 20 -43.31 18.55 -6.77
CA ILE C 20 -41.93 18.09 -6.81
C ILE C 20 -41.61 17.44 -5.48
N THR C 21 -41.13 16.19 -5.53
CA THR C 21 -40.90 15.39 -4.33
C THR C 21 -39.40 15.26 -4.08
N CYS C 22 -38.97 15.67 -2.90
CA CYS C 22 -37.62 15.49 -2.41
C CYS C 22 -37.61 14.27 -1.50
N GLY C 23 -36.86 13.25 -1.89
CA GLY C 23 -36.85 12.00 -1.17
C GLY C 23 -35.57 11.74 -0.40
N GLY C 24 -35.68 11.72 0.92
CA GLY C 24 -34.56 11.39 1.77
C GLY C 24 -35.00 10.49 2.89
N ASN C 25 -34.09 9.61 3.32
CA ASN C 25 -34.40 8.69 4.40
C ASN C 25 -34.64 9.48 5.68
N ASN C 26 -35.85 9.33 6.24
CA ASN C 26 -36.24 9.97 7.50
C ASN C 26 -36.17 11.49 7.36
N ILE C 27 -36.64 12.02 6.23
CA ILE C 27 -36.53 13.44 5.96
C ILE C 27 -37.54 14.27 6.75
N GLY C 28 -38.57 13.63 7.32
CA GLY C 28 -39.52 14.36 8.15
C GLY C 28 -38.92 14.96 9.40
N SER C 29 -37.71 14.54 9.76
CA SER C 29 -37.03 15.04 10.95
C SER C 29 -36.07 16.18 10.67
N LYS C 30 -35.93 16.59 9.41
CA LYS C 30 -35.06 17.69 9.03
C LYS C 30 -35.87 18.83 8.42
N SER C 31 -35.30 20.02 8.47
CA SER C 31 -35.90 21.18 7.82
C SER C 31 -35.51 21.19 6.35
N VAL C 32 -36.51 21.23 5.47
CA VAL C 32 -36.31 21.16 4.03
C VAL C 32 -36.44 22.55 3.43
N HIS C 33 -35.56 22.88 2.50
CA HIS C 33 -35.56 24.17 1.83
C HIS C 33 -35.62 23.95 0.31
N TRP C 34 -36.27 24.88 -0.37
CA TRP C 34 -36.52 24.78 -1.80
C TRP C 34 -36.03 26.05 -2.49
N TYR C 35 -35.12 25.88 -3.45
CA TYR C 35 -34.59 26.97 -4.27
C TYR C 35 -35.03 26.78 -5.72
N GLN C 36 -35.25 27.92 -6.39
CA GLN C 36 -35.58 27.96 -7.80
C GLN C 36 -34.45 28.62 -8.57
N GLN C 37 -34.07 28.03 -9.70
CA GLN C 37 -32.98 28.54 -10.53
C GLN C 37 -33.44 28.57 -11.97
N LYS C 38 -33.38 29.74 -12.58
CA LYS C 38 -33.60 29.96 -14.00
C LYS C 38 -32.27 29.96 -14.73
N PRO C 39 -32.26 29.63 -16.02
CA PRO C 39 -30.99 29.63 -16.77
C PRO C 39 -30.32 30.99 -16.71
N GLY C 40 -28.99 30.96 -16.58
CA GLY C 40 -28.23 32.19 -16.50
C GLY C 40 -28.41 32.98 -15.22
N GLN C 41 -28.91 32.33 -14.17
CA GLN C 41 -29.17 33.01 -12.91
C GLN C 41 -28.52 32.29 -11.73
N ALA C 42 -28.83 32.77 -10.53
CA ALA C 42 -28.48 32.16 -9.27
C ALA C 42 -29.72 31.56 -8.62
N PRO C 43 -29.57 30.51 -7.81
CA PRO C 43 -30.74 29.96 -7.11
C PRO C 43 -31.33 30.98 -6.15
N VAL C 44 -32.66 31.04 -6.12
CA VAL C 44 -33.40 31.95 -5.25
C VAL C 44 -34.25 31.10 -4.31
N LEU C 45 -34.17 31.41 -3.02
CA LEU C 45 -34.94 30.70 -2.00
C LEU C 45 -36.42 30.94 -2.21
N VAL C 46 -37.18 29.88 -2.49
CA VAL C 46 -38.61 30.05 -2.66
C VAL C 46 -39.34 29.51 -1.43
N VAL C 47 -38.77 28.52 -0.75
CA VAL C 47 -39.37 27.97 0.45
C VAL C 47 -38.28 27.64 1.45
N TYR C 48 -38.52 27.96 2.73
CA TYR C 48 -37.60 27.53 3.79
C TYR C 48 -38.40 26.91 4.93
N ASP C 49 -37.68 26.22 5.82
CA ASP C 49 -38.24 25.72 7.08
C ASP C 49 -39.47 24.84 6.86
N ASP C 50 -39.42 24.04 5.80
CA ASP C 50 -40.38 23.00 5.44
C ASP C 50 -41.73 23.49 4.93
N SER C 51 -42.13 24.73 5.23
CA SER C 51 -43.41 25.20 4.70
C SER C 51 -43.52 26.71 4.50
N ASP C 52 -42.50 27.49 4.81
CA ASP C 52 -42.67 28.94 4.89
C ASP C 52 -42.02 29.63 3.71
N ARG C 53 -42.53 30.82 3.40
CA ARG C 53 -42.14 31.57 2.22
C ARG C 53 -41.45 32.87 2.61
N PRO C 54 -40.31 33.18 2.01
CA PRO C 54 -39.76 34.54 2.14
C PRO C 54 -40.62 35.53 1.39
N SER C 55 -40.53 36.79 1.79
CA SER C 55 -41.30 37.85 1.14
C SER C 55 -40.90 38.00 -0.31
N GLY C 56 -41.89 37.98 -1.20
CA GLY C 56 -41.66 38.03 -2.64
C GLY C 56 -42.13 36.79 -3.37
N ILE C 57 -42.18 35.64 -2.71
CA ILE C 57 -42.66 34.41 -3.33
C ILE C 57 -44.19 34.39 -3.20
N PRO C 58 -44.93 34.25 -4.30
CA PRO C 58 -46.40 34.29 -4.21
C PRO C 58 -46.94 33.12 -3.40
N GLU C 59 -48.21 33.26 -3.00
CA GLU C 59 -48.88 32.22 -2.23
C GLU C 59 -49.15 30.95 -3.03
N ARG C 60 -48.74 30.91 -4.31
CA ARG C 60 -48.91 29.71 -5.13
C ARG C 60 -47.98 28.58 -4.68
N PHE C 61 -46.88 28.91 -4.03
CA PHE C 61 -45.88 27.94 -3.63
C PHE C 61 -46.16 27.48 -2.20
N SER C 62 -46.15 26.17 -1.97
CA SER C 62 -46.41 25.64 -0.64
C SER C 62 -45.53 24.43 -0.39
N GLY C 63 -44.93 24.39 0.80
CA GLY C 63 -44.04 23.30 1.17
C GLY C 63 -44.68 22.36 2.18
N SER C 64 -44.29 21.09 2.13
CA SER C 64 -44.74 20.10 3.09
C SER C 64 -43.63 19.08 3.28
N ASN C 65 -43.66 18.37 4.41
CA ASN C 65 -42.62 17.41 4.73
C ASN C 65 -43.17 16.37 5.70
N SER C 66 -42.96 15.10 5.39
CA SER C 66 -43.44 14.03 6.27
C SER C 66 -42.71 12.73 5.92
N GLY C 67 -42.36 11.97 6.96
CA GLY C 67 -41.73 10.68 6.78
C GLY C 67 -40.48 10.72 5.94
N ASN C 68 -40.56 10.16 4.73
CA ASN C 68 -39.41 10.08 3.82
C ASN C 68 -39.62 10.92 2.57
N THR C 69 -40.54 11.89 2.60
CA THR C 69 -40.83 12.68 1.41
C THR C 69 -41.21 14.10 1.81
N ALA C 70 -40.62 15.08 1.13
CA ALA C 70 -40.99 16.49 1.29
C ALA C 70 -41.39 17.05 -0.07
N THR C 71 -42.57 17.64 -0.14
CA THR C 71 -43.14 18.04 -1.42
C THR C 71 -43.27 19.55 -1.52
N LEU C 72 -42.81 20.10 -2.64
CA LEU C 72 -43.08 21.48 -3.03
C LEU C 72 -44.20 21.47 -4.06
N THR C 73 -45.26 22.22 -3.79
CA THR C 73 -46.45 22.25 -4.63
C THR C 73 -46.64 23.66 -5.17
N ILE C 74 -46.68 23.78 -6.48
CA ILE C 74 -46.83 25.05 -7.18
C ILE C 74 -48.23 25.05 -7.79
N SER C 75 -49.16 25.77 -7.16
CA SER C 75 -50.49 25.94 -7.72
C SER C 75 -50.47 27.04 -8.78
N ARG C 76 -51.46 26.98 -9.68
CA ARG C 76 -51.62 27.96 -10.75
C ARG C 76 -50.30 28.15 -11.51
N VAL C 77 -49.83 27.05 -12.11
CA VAL C 77 -48.54 27.09 -12.80
C VAL C 77 -48.58 28.09 -13.94
N GLU C 78 -47.53 28.89 -14.04
CA GLU C 78 -47.35 29.86 -15.12
C GLU C 78 -46.16 29.45 -15.98
N ALA C 79 -46.15 29.95 -17.21
CA ALA C 79 -45.06 29.64 -18.13
C ALA C 79 -43.72 30.12 -17.57
N GLY C 80 -43.73 31.18 -16.77
CA GLY C 80 -42.52 31.67 -16.14
C GLY C 80 -42.00 30.82 -15.01
N ASP C 81 -42.70 29.75 -14.64
CA ASP C 81 -42.25 28.85 -13.59
C ASP C 81 -41.34 27.74 -14.11
N GLU C 82 -41.10 27.69 -15.42
CA GLU C 82 -40.13 26.76 -15.98
C GLU C 82 -38.76 27.01 -15.39
N ALA C 83 -38.23 26.02 -14.66
CA ALA C 83 -36.97 26.24 -13.95
C ALA C 83 -36.51 24.95 -13.29
N ASP C 84 -35.32 25.00 -12.71
CA ASP C 84 -34.83 23.91 -11.88
C ASP C 84 -35.17 24.21 -10.41
N TYR C 85 -35.73 23.23 -9.73
CA TYR C 85 -36.05 23.34 -8.32
C TYR C 85 -35.22 22.33 -7.55
N TYR C 86 -34.47 22.82 -6.56
CA TYR C 86 -33.57 22.00 -5.76
C TYR C 86 -34.04 22.01 -4.31
N CYS C 87 -34.00 20.86 -3.66
CA CYS C 87 -34.20 20.79 -2.23
C CYS C 87 -32.86 20.70 -1.51
N GLN C 88 -32.85 21.16 -0.26
CA GLN C 88 -31.62 21.28 0.51
C GLN C 88 -31.94 21.10 1.99
N VAL C 89 -31.03 20.43 2.70
CA VAL C 89 -31.16 20.15 4.13
C VAL C 89 -29.79 20.30 4.78
N TRP C 90 -29.79 20.38 6.11
CA TRP C 90 -28.58 20.30 6.90
C TRP C 90 -28.38 18.88 7.40
N ASP C 91 -27.16 18.38 7.32
CA ASP C 91 -26.86 17.02 7.77
C ASP C 91 -25.42 16.99 8.29
N SER C 92 -25.26 16.93 9.61
CA SER C 92 -23.94 16.96 10.22
C SER C 92 -23.28 15.58 10.10
N SER C 93 -23.13 15.13 8.86
CA SER C 93 -22.54 13.83 8.58
C SER C 93 -21.86 13.83 7.23
N SER C 94 -20.68 13.23 7.19
CA SER C 94 -19.95 12.98 5.94
C SER C 94 -19.78 14.25 5.11
N ASP C 95 -19.33 15.30 5.79
CA ASP C 95 -18.52 16.36 5.17
C ASP C 95 -19.28 17.38 4.33
N HIS C 96 -20.55 17.14 4.01
CA HIS C 96 -21.26 18.08 3.14
C HIS C 96 -22.12 19.07 3.91
N LEU C 97 -22.79 18.64 4.98
CA LEU C 97 -23.42 19.55 5.94
C LEU C 97 -24.54 20.36 5.33
N TYR C 98 -24.67 20.32 4.00
CA TYR C 98 -25.70 21.03 3.25
C TYR C 98 -25.93 20.19 2.01
N VAL C 99 -26.93 19.33 2.07
CA VAL C 99 -27.17 18.34 1.03
C VAL C 99 -28.21 18.90 0.06
N PHE C 100 -27.78 19.20 -1.16
CA PHE C 100 -28.70 19.57 -2.23
C PHE C 100 -29.14 18.32 -2.99
N GLY C 101 -30.37 18.37 -3.50
CA GLY C 101 -30.90 17.27 -4.27
C GLY C 101 -30.33 17.23 -5.67
N THR C 102 -30.80 16.22 -6.43
CA THR C 102 -30.37 16.10 -7.82
C THR C 102 -30.99 17.18 -8.70
N GLY C 103 -32.13 17.73 -8.30
CA GLY C 103 -32.77 18.81 -9.03
C GLY C 103 -33.87 18.35 -9.95
N THR C 104 -34.95 19.13 -10.03
CA THR C 104 -36.09 18.81 -10.89
C THR C 104 -36.33 19.95 -11.87
N LYS C 105 -36.33 19.65 -13.16
CA LYS C 105 -36.67 20.63 -14.17
C LYS C 105 -38.17 20.62 -14.41
N VAL C 106 -38.82 21.75 -14.14
CA VAL C 106 -40.24 21.92 -14.42
C VAL C 106 -40.37 22.66 -15.73
N THR C 107 -40.98 21.99 -16.71
CA THR C 107 -41.31 22.53 -18.02
C THR C 107 -42.82 22.65 -18.14
N VAL C 108 -43.30 23.77 -18.66
CA VAL C 108 -44.72 24.05 -18.78
C VAL C 108 -45.18 23.67 -20.18
N LEU C 109 -46.16 22.77 -20.26
CA LEU C 109 -46.76 22.38 -21.52
C LEU C 109 -47.70 23.48 -22.02
N GLY C 110 -48.41 23.23 -23.10
CA GLY C 110 -49.25 24.25 -23.71
C GLY C 110 -48.46 25.52 -24.03
N GLN C 111 -47.26 25.35 -24.56
CA GLN C 111 -46.35 26.47 -24.77
C GLN C 111 -45.28 26.12 -25.80
N ASP D 2 13.58 2.37 21.55
CA ASP D 2 12.61 1.57 20.81
C ASP D 2 11.66 2.45 19.98
N PRO D 3 11.06 3.49 20.58
CA PRO D 3 10.21 4.39 19.79
C PRO D 3 10.92 5.63 19.25
N HIS D 4 12.15 5.91 19.70
CA HIS D 4 12.86 7.14 19.36
C HIS D 4 14.07 6.87 18.48
N LEU D 5 13.93 5.96 17.50
CA LEU D 5 15.06 5.62 16.64
C LEU D 5 15.39 6.74 15.66
N ARG D 6 14.39 7.54 15.27
CA ARG D 6 14.61 8.62 14.31
C ARG D 6 14.99 9.94 14.97
N ASN D 7 14.99 10.00 16.30
CA ASN D 7 15.49 11.18 17.01
C ASN D 7 17.01 11.05 17.09
N ARG D 8 17.69 11.74 16.20
CA ARG D 8 19.09 11.45 15.92
C ARG D 8 20.02 12.23 16.83
N PRO D 9 21.17 11.65 17.14
CA PRO D 9 22.22 12.41 17.82
C PRO D 9 22.92 13.35 16.87
N GLY D 10 23.34 14.50 17.41
CA GLY D 10 23.96 15.48 16.53
C GLY D 10 22.93 16.18 15.66
N LYS D 11 23.37 16.58 14.46
CA LYS D 11 22.51 17.35 13.58
C LYS D 11 21.46 16.48 12.89
N GLY D 12 21.73 15.19 12.72
CA GLY D 12 20.77 14.29 12.12
C GLY D 12 20.71 14.29 10.61
N HIS D 13 21.76 14.77 9.95
CA HIS D 13 21.76 14.87 8.50
C HIS D 13 22.10 13.52 7.88
N ASN D 14 21.25 13.05 6.96
CA ASN D 14 21.44 11.78 6.29
C ASN D 14 21.30 11.95 4.78
N TYR D 15 22.00 12.93 4.24
CA TYR D 15 22.12 13.11 2.80
C TYR D 15 23.59 13.10 2.41
N ILE D 16 23.85 12.81 1.15
CA ILE D 16 25.19 12.90 0.59
C ILE D 16 25.32 14.23 -0.13
N ASP D 17 26.52 14.82 -0.08
CA ASP D 17 26.69 16.21 -0.48
C ASP D 17 26.27 16.47 -1.92
N GLY D 18 26.43 15.49 -2.80
CA GLY D 18 26.07 15.70 -4.19
C GLY D 18 24.57 15.69 -4.46
N MET D 19 23.75 15.32 -3.48
CA MET D 19 22.32 15.12 -3.67
C MET D 19 21.57 15.91 -2.62
N THR D 20 20.81 16.92 -3.06
CA THR D 20 20.19 17.93 -2.20
C THR D 20 18.70 17.75 -2.02
N GLN D 21 17.97 17.36 -3.06
CA GLN D 21 16.51 17.46 -3.10
C GLN D 21 15.81 16.70 -1.97
N GLU D 22 16.51 15.85 -1.23
CA GLU D 22 15.91 15.13 -0.11
C GLU D 22 16.20 15.80 1.23
N ASP D 23 16.63 17.07 1.21
CA ASP D 23 16.95 17.76 2.46
C ASP D 23 15.70 18.06 3.29
N ALA D 24 14.54 18.17 2.64
CA ALA D 24 13.31 18.49 3.36
C ALA D 24 12.91 17.39 4.35
N THR D 25 13.46 16.18 4.18
CA THR D 25 13.10 15.05 5.02
C THR D 25 14.31 14.29 5.58
N CYS D 26 15.51 14.48 5.04
CA CYS D 26 16.72 13.90 5.60
C CYS D 26 17.59 14.91 6.32
N LYS D 27 17.28 16.21 6.22
CA LYS D 27 18.07 17.29 6.80
C LYS D 27 17.16 18.14 7.68
N PRO D 28 16.92 17.70 8.93
CA PRO D 28 17.40 16.44 9.49
C PRO D 28 16.38 15.32 9.39
N VAL D 29 16.72 14.15 9.92
CA VAL D 29 15.78 13.04 10.04
C VAL D 29 15.08 13.15 11.38
N THR D 30 13.77 13.03 11.38
CA THR D 30 12.98 13.17 12.60
C THR D 30 11.90 12.10 12.61
N TYR D 31 10.94 12.24 13.54
CA TYR D 31 9.93 11.21 13.72
C TYR D 31 9.10 11.00 12.46
N ALA D 32 8.80 12.07 11.73
CA ALA D 32 7.99 11.99 10.53
C ALA D 32 8.86 12.04 9.27
N GLY D 33 8.28 11.62 8.17
CA GLY D 33 8.94 11.65 6.88
C GLY D 33 9.76 10.41 6.60
N ALA D 34 10.11 10.25 5.32
CA ALA D 34 10.90 9.13 4.86
C ALA D 34 12.25 9.62 4.34
N CYS D 35 13.26 8.76 4.42
CA CYS D 35 14.61 9.12 3.97
C CYS D 35 15.26 7.86 3.40
N SER D 36 15.46 7.84 2.07
CA SER D 36 15.99 6.66 1.41
C SER D 36 17.42 6.34 1.84
N SER D 37 18.13 7.30 2.44
CA SER D 37 19.50 7.08 2.87
C SER D 37 19.59 6.48 4.26
N PHE D 38 18.53 6.54 5.06
CA PHE D 38 18.59 6.10 6.45
C PHE D 38 17.49 5.11 6.80
N ASP D 39 16.33 5.22 6.15
CA ASP D 39 15.23 4.31 6.43
C ASP D 39 15.64 2.85 6.25
N VAL D 40 16.40 2.57 5.20
CA VAL D 40 16.82 1.21 4.89
C VAL D 40 17.63 0.60 6.03
N LEU D 41 18.17 1.43 6.93
CA LEU D 41 18.96 0.93 8.05
C LEU D 41 18.09 0.30 9.14
N LEU D 42 16.78 0.48 9.11
CA LEU D 42 15.93 0.05 10.22
C LEU D 42 15.12 -1.21 9.90
N GLU D 43 15.25 -1.77 8.71
CA GLU D 43 14.65 -3.06 8.41
C GLU D 43 15.37 -4.13 9.21
N LYS D 44 14.67 -4.76 10.15
CA LYS D 44 15.33 -5.61 11.14
C LYS D 44 15.97 -6.82 10.47
N GLY D 45 16.98 -7.37 11.15
CA GLY D 45 17.78 -8.45 10.59
C GLY D 45 18.85 -7.90 9.66
N LYS D 46 18.53 -6.84 8.95
CA LYS D 46 19.46 -6.15 8.08
C LYS D 46 20.09 -4.98 8.82
N PHE D 47 21.41 -4.85 8.71
CA PHE D 47 22.19 -3.92 9.51
C PHE D 47 22.04 -4.22 11.00
N PRO D 48 22.41 -5.42 11.46
CA PRO D 48 22.24 -5.71 12.90
C PRO D 48 23.18 -4.92 13.79
N LEU D 49 24.42 -4.65 13.34
CA LEU D 49 25.37 -3.95 14.20
C LEU D 49 24.93 -2.52 14.46
N PHE D 50 24.43 -1.83 13.43
CA PHE D 50 23.93 -0.47 13.66
C PHE D 50 22.66 -0.49 14.50
N GLN D 51 21.76 -1.44 14.24
CA GLN D 51 20.55 -1.54 15.04
C GLN D 51 20.85 -1.86 16.50
N SER D 52 22.00 -2.47 16.78
CA SER D 52 22.45 -2.61 18.16
C SER D 52 22.78 -1.26 18.76
N TYR D 53 23.71 -0.53 18.14
CA TYR D 53 24.10 0.81 18.59
C TYR D 53 23.33 1.86 17.79
N ALA D 54 22.00 1.83 17.95
CA ALA D 54 21.13 2.63 17.10
C ALA D 54 21.28 4.12 17.34
N HIS D 55 21.62 4.52 18.57
CA HIS D 55 21.70 5.93 18.92
C HIS D 55 23.09 6.52 18.69
N HIS D 56 23.96 5.80 17.99
CA HIS D 56 25.20 6.37 17.48
C HIS D 56 25.04 6.74 16.01
N ARG D 57 25.96 7.56 15.52
CA ARG D 57 25.79 8.20 14.23
C ARG D 57 26.02 7.22 13.09
N THR D 58 25.43 7.56 11.93
CA THR D 58 25.68 6.83 10.69
C THR D 58 26.84 7.51 9.96
N LEU D 59 27.14 7.04 8.74
CA LEU D 59 28.30 7.56 8.02
C LEU D 59 28.03 8.96 7.47
N LEU D 60 26.94 9.12 6.71
CA LEU D 60 26.52 10.47 6.31
C LEU D 60 26.29 11.34 7.53
N GLU D 61 25.71 10.77 8.57
CA GLU D 61 25.49 11.51 9.81
C GLU D 61 26.82 11.94 10.43
N ALA D 62 27.88 11.18 10.21
CA ALA D 62 29.17 11.50 10.80
C ALA D 62 29.93 12.54 9.98
N VAL D 63 29.80 12.48 8.65
CA VAL D 63 30.54 13.44 7.83
C VAL D 63 29.94 14.84 7.96
N HIS D 64 28.63 14.93 8.20
CA HIS D 64 27.98 16.22 8.41
C HIS D 64 28.11 16.73 9.84
N ASP D 65 28.73 15.93 10.72
CA ASP D 65 29.18 16.41 12.02
C ASP D 65 30.71 16.51 12.08
N THR D 66 31.36 16.48 10.91
CA THR D 66 32.79 16.65 10.73
C THR D 66 33.62 15.55 11.39
N ILE D 67 32.98 14.46 11.83
CA ILE D 67 33.72 13.37 12.45
C ILE D 67 34.56 12.63 11.42
N ILE D 68 33.95 12.31 10.28
CA ILE D 68 34.61 11.60 9.19
C ILE D 68 34.75 12.52 8.00
N ALA D 69 35.93 12.52 7.39
CA ALA D 69 36.19 13.38 6.25
C ALA D 69 35.65 12.75 4.97
N LYS D 70 35.47 13.59 3.96
CA LYS D 70 35.10 13.15 2.62
C LYS D 70 36.34 12.91 1.79
N ALA D 71 36.24 11.96 0.88
CA ALA D 71 37.38 11.67 0.02
C ALA D 71 37.38 12.62 -1.18
N ASP D 72 38.56 12.75 -1.79
CA ASP D 72 38.60 13.29 -3.14
C ASP D 72 37.84 12.29 -4.00
N PRO D 73 37.64 12.55 -5.29
CA PRO D 73 36.27 12.73 -5.79
C PRO D 73 35.27 11.96 -4.93
N PRO D 74 34.28 12.67 -4.39
CA PRO D 74 33.34 12.02 -3.48
C PRO D 74 32.54 10.91 -4.12
N SER D 75 32.42 10.92 -5.45
CA SER D 75 31.69 9.91 -6.19
C SER D 75 32.53 9.46 -7.37
N CYS D 76 32.74 8.15 -7.49
CA CYS D 76 33.44 7.60 -8.64
C CYS D 76 32.46 7.20 -9.72
N ASP D 77 32.80 7.52 -10.96
CA ASP D 77 31.93 7.27 -12.09
C ASP D 77 32.10 5.84 -12.59
N LEU D 78 30.98 5.19 -12.90
CA LEU D 78 30.98 3.88 -13.54
C LEU D 78 30.70 3.96 -15.03
N GLN D 79 30.93 5.13 -15.63
CA GLN D 79 30.74 5.34 -17.06
C GLN D 79 31.93 5.99 -17.74
N SER D 80 32.91 6.48 -16.98
CA SER D 80 33.98 7.31 -17.52
C SER D 80 35.00 6.43 -18.24
N ALA D 81 36.17 7.00 -18.53
CA ALA D 81 37.28 6.25 -19.11
C ALA D 81 37.45 4.91 -18.39
N HIS D 82 37.72 4.95 -17.10
CA HIS D 82 37.40 3.80 -16.27
C HIS D 82 36.66 4.17 -15.00
N GLY D 83 37.00 5.31 -14.39
CA GLY D 83 36.47 5.61 -13.05
C GLY D 83 37.13 4.80 -11.97
N ASN D 84 38.46 4.66 -12.03
CA ASN D 84 39.26 3.76 -11.21
C ASN D 84 39.30 4.05 -9.71
N PRO D 85 39.33 5.31 -9.24
CA PRO D 85 39.63 5.56 -7.81
C PRO D 85 38.85 4.70 -6.82
N CYS D 86 37.60 4.33 -7.11
CA CYS D 86 36.85 3.46 -6.22
C CYS D 86 36.83 2.01 -6.67
N MET D 87 36.89 1.74 -7.97
CA MET D 87 36.62 0.40 -8.49
C MET D 87 37.49 -0.66 -7.81
N LYS D 88 38.76 -0.34 -7.56
CA LYS D 88 39.65 -1.32 -6.95
C LYS D 88 39.17 -1.72 -5.56
N GLU D 89 38.65 -0.77 -4.78
CA GLU D 89 38.12 -1.10 -3.46
C GLU D 89 36.72 -1.70 -3.55
N LYS D 90 35.95 -1.30 -4.56
CA LYS D 90 34.54 -1.70 -4.66
C LYS D 90 34.41 -3.14 -5.12
N LEU D 91 35.29 -3.58 -6.01
CA LEU D 91 35.18 -4.95 -6.54
C LEU D 91 35.42 -5.99 -5.45
N VAL D 92 36.37 -5.73 -4.55
CA VAL D 92 36.70 -6.73 -3.54
C VAL D 92 35.58 -6.95 -2.54
N MET D 93 34.59 -6.07 -2.49
CA MET D 93 33.48 -6.21 -1.55
C MET D 93 32.22 -6.60 -2.30
N LYS D 94 31.57 -7.67 -1.85
CA LYS D 94 30.30 -8.13 -2.41
C LYS D 94 29.16 -7.40 -1.71
N THR D 95 28.46 -6.54 -2.44
CA THR D 95 27.31 -5.82 -1.92
C THR D 95 26.11 -6.08 -2.81
N HIS D 96 24.94 -5.64 -2.37
CA HIS D 96 23.69 -5.82 -3.10
C HIS D 96 22.91 -4.52 -3.05
N CYS D 97 22.77 -3.83 -4.20
CA CYS D 97 22.07 -2.56 -4.25
C CYS D 97 20.65 -2.76 -4.72
N PRO D 98 19.66 -2.29 -3.97
CA PRO D 98 18.27 -2.34 -4.45
C PRO D 98 18.10 -1.46 -5.69
N ASN D 99 16.95 -1.61 -6.32
CA ASN D 99 16.66 -0.80 -7.50
C ASN D 99 16.54 0.67 -7.12
N ASP D 100 16.67 1.52 -8.14
CA ASP D 100 16.41 2.96 -8.15
C ASP D 100 17.47 3.79 -7.42
N TYR D 101 18.58 3.19 -6.97
CA TYR D 101 19.61 3.96 -6.27
C TYR D 101 20.66 4.46 -7.24
N GLN D 102 20.90 5.78 -7.21
CA GLN D 102 21.90 6.40 -8.06
C GLN D 102 23.28 6.44 -7.40
N SER D 103 23.35 6.38 -6.06
CA SER D 103 24.59 6.51 -5.34
C SER D 103 24.65 5.49 -4.21
N ALA D 104 25.86 5.10 -3.83
CA ALA D 104 26.06 4.21 -2.69
C ALA D 104 27.40 4.56 -2.04
N HIS D 105 27.38 4.82 -0.74
CA HIS D 105 28.56 5.31 -0.03
C HIS D 105 29.11 4.25 0.91
N TYR D 106 30.33 4.49 1.37
CA TYR D 106 31.04 3.58 2.27
C TYR D 106 32.28 4.29 2.79
N LEU D 107 32.95 3.64 3.73
CA LEU D 107 34.25 4.09 4.23
C LEU D 107 35.35 3.43 3.42
N ASN D 108 36.17 4.25 2.75
CA ASN D 108 37.27 3.68 1.98
C ASN D 108 38.36 3.18 2.90
N ASN D 109 39.37 2.53 2.30
CA ASN D 109 40.49 2.04 3.08
C ASN D 109 41.29 3.16 3.72
N ASP D 110 41.16 4.38 3.22
CA ASP D 110 41.90 5.52 3.75
C ASP D 110 41.23 6.13 4.98
N GLY D 111 40.01 5.72 5.31
CA GLY D 111 39.30 6.26 6.45
C GLY D 111 38.31 7.36 6.14
N LYS D 112 38.17 7.74 4.88
CA LYS D 112 37.23 8.78 4.47
C LYS D 112 35.99 8.15 3.85
N MET D 113 34.95 8.95 3.68
CA MET D 113 33.71 8.48 3.07
C MET D 113 33.84 8.63 1.55
N ALA D 114 33.93 7.51 0.86
CA ALA D 114 33.86 7.48 -0.59
C ALA D 114 32.46 7.02 -1.01
N SER D 115 32.15 7.24 -2.28
CA SER D 115 30.89 6.78 -2.82
C SER D 115 31.07 6.42 -4.28
N VAL D 116 30.19 5.55 -4.76
CA VAL D 116 30.13 5.16 -6.16
C VAL D 116 28.77 5.59 -6.70
N LYS D 117 28.76 6.29 -7.82
CA LYS D 117 27.57 7.00 -8.28
C LYS D 117 27.46 6.90 -9.80
N CYS D 118 26.22 7.00 -10.29
CA CYS D 118 25.89 6.91 -11.70
C CYS D 118 25.51 8.28 -12.26
N PRO D 119 25.62 8.46 -13.58
CA PRO D 119 25.14 9.70 -14.20
C PRO D 119 23.63 9.83 -14.05
N PRO D 120 23.07 11.01 -14.33
CA PRO D 120 21.64 11.23 -14.08
C PRO D 120 20.76 10.21 -14.78
N LYS D 121 19.71 9.78 -14.06
CA LYS D 121 18.71 8.82 -14.54
C LYS D 121 19.30 7.47 -14.90
N TYR D 122 20.46 7.13 -14.34
CA TYR D 122 21.01 5.79 -14.36
C TYR D 122 21.03 5.24 -12.93
N GLU D 123 20.92 3.93 -12.81
CA GLU D 123 20.84 3.27 -11.51
C GLU D 123 21.94 2.22 -11.37
N LEU D 124 22.22 1.87 -10.13
CA LEU D 124 23.21 0.84 -9.83
C LEU D 124 22.61 -0.54 -10.00
N THR D 125 23.42 -1.48 -10.48
CA THR D 125 22.97 -2.85 -10.65
C THR D 125 22.86 -3.54 -9.30
N GLU D 126 22.33 -4.77 -9.31
CA GLU D 126 22.10 -5.50 -8.07
C GLU D 126 23.39 -5.90 -7.36
N ASP D 127 24.56 -5.66 -7.95
CA ASP D 127 25.83 -5.91 -7.29
C ASP D 127 26.61 -4.63 -7.02
N CYS D 128 26.03 -3.47 -7.32
CA CYS D 128 26.62 -2.15 -7.05
C CYS D 128 27.92 -1.90 -7.83
N ASN D 129 28.13 -2.63 -8.94
CA ASN D 129 29.37 -2.50 -9.70
C ASN D 129 29.19 -1.81 -11.04
N PHE D 130 27.96 -1.63 -11.52
CA PHE D 130 27.72 -1.08 -12.85
C PHE D 130 26.56 -0.10 -12.80
N CYS D 131 26.43 0.68 -13.86
CA CYS D 131 25.33 1.62 -14.05
C CYS D 131 24.53 1.22 -15.28
N ARG D 132 23.20 1.28 -15.15
CA ARG D 132 22.31 0.96 -16.26
C ARG D 132 21.20 1.98 -16.32
N GLN D 133 20.76 2.29 -17.54
CA GLN D 133 19.64 3.21 -17.74
C GLN D 133 18.44 2.78 -16.94
N MET D 134 17.93 3.69 -16.10
CA MET D 134 16.97 3.31 -15.07
C MET D 134 15.73 2.67 -15.69
N THR D 135 15.17 1.70 -14.97
CA THR D 135 14.06 0.90 -15.47
C THR D 135 12.70 1.48 -15.12
N GLY D 136 12.63 2.32 -14.08
CA GLY D 136 11.40 2.97 -13.69
C GLY D 136 11.32 4.39 -14.20
N ALA D 137 10.59 5.24 -13.46
CA ALA D 137 10.50 6.65 -13.75
C ALA D 137 11.08 7.54 -12.66
N SER D 138 11.19 7.05 -11.44
CA SER D 138 11.72 7.81 -10.32
C SER D 138 12.91 7.08 -9.73
N LEU D 139 14.02 7.80 -9.56
CA LEU D 139 15.17 7.29 -8.84
C LEU D 139 15.08 7.68 -7.37
N LYS D 140 15.73 6.89 -6.52
CA LYS D 140 15.88 7.28 -5.13
C LYS D 140 16.71 8.55 -5.03
N LYS D 141 16.33 9.44 -4.11
CA LYS D 141 17.02 10.72 -3.93
C LYS D 141 18.09 10.64 -2.84
N GLY D 142 18.57 9.45 -2.53
CA GLY D 142 19.60 9.30 -1.53
C GLY D 142 20.73 8.40 -1.95
N SER D 143 21.60 8.05 -1.01
CA SER D 143 22.71 7.14 -1.25
C SER D 143 22.56 5.94 -0.33
N TYR D 144 22.72 4.74 -0.89
CA TYR D 144 22.50 3.51 -0.13
C TYR D 144 23.77 3.14 0.63
N PRO D 145 23.71 2.99 1.96
CA PRO D 145 24.91 2.61 2.71
C PRO D 145 25.32 1.18 2.39
N LEU D 146 26.59 0.99 2.07
CA LEU D 146 27.13 -0.32 1.74
C LEU D 146 27.72 -1.04 2.94
N GLN D 147 27.55 -0.50 4.15
CA GLN D 147 28.20 -1.07 5.32
C GLN D 147 27.28 -0.98 6.53
N ASP D 148 27.21 -2.07 7.29
CA ASP D 148 26.65 -2.04 8.62
C ASP D 148 27.65 -1.36 9.55
N LEU D 149 27.26 -0.22 10.12
CA LEU D 149 28.29 0.65 10.67
C LEU D 149 27.70 1.63 11.66
N PHE D 150 28.54 2.09 12.59
CA PHE D 150 28.19 3.18 13.51
C PHE D 150 29.44 3.99 13.79
N CYS D 151 29.23 5.24 14.24
CA CYS D 151 30.33 6.18 14.41
C CYS D 151 30.11 7.05 15.64
N GLN D 152 31.19 7.69 16.07
CA GLN D 152 31.18 8.55 17.24
C GLN D 152 32.34 9.53 17.14
N SER D 153 32.30 10.56 17.97
CA SER D 153 33.41 11.52 18.04
C SER D 153 34.54 10.92 18.87
N SER D 154 35.78 11.15 18.43
CA SER D 154 36.92 10.64 19.17
C SER D 154 38.17 11.42 18.81
N GLU D 155 39.05 11.58 19.80
CA GLU D 155 40.36 12.19 19.62
C GLU D 155 41.50 11.21 19.92
N ASP D 156 41.19 9.94 20.14
CA ASP D 156 42.21 8.95 20.49
C ASP D 156 43.07 8.64 19.27
N ASP D 157 44.37 8.91 19.39
CA ASP D 157 45.29 8.68 18.28
C ASP D 157 45.53 7.19 18.09
N GLY D 158 45.39 6.72 16.85
CA GLY D 158 45.60 5.33 16.55
C GLY D 158 46.54 5.12 15.38
N SER D 159 47.47 6.06 15.18
CA SER D 159 48.42 5.95 14.08
C SER D 159 49.34 4.75 14.24
N LYS D 160 49.54 4.28 15.47
CA LYS D 160 50.37 3.12 15.71
C LYS D 160 49.67 1.81 15.32
N LEU D 161 48.37 1.85 15.08
CA LEU D 161 47.59 0.64 14.85
C LEU D 161 47.61 0.25 13.37
N LYS D 162 47.33 -1.03 13.12
CA LYS D 162 47.40 -1.63 11.80
C LYS D 162 46.71 -2.98 11.85
N THR D 163 46.16 -3.40 10.71
CA THR D 163 45.45 -4.66 10.63
C THR D 163 46.39 -5.83 10.91
N LYS D 164 45.97 -6.73 11.80
CA LYS D 164 46.67 -7.99 12.02
C LYS D 164 45.62 -9.10 12.10
N MET D 165 45.70 -10.05 11.18
CA MET D 165 44.78 -11.18 11.16
C MET D 165 45.59 -12.46 10.95
N LYS D 166 45.36 -13.45 11.81
CA LYS D 166 46.12 -14.69 11.77
C LYS D 166 45.82 -15.46 10.48
N GLY D 167 46.89 -15.84 9.78
CA GLY D 167 46.75 -16.69 8.60
C GLY D 167 46.10 -16.04 7.41
N VAL D 168 46.00 -14.71 7.38
CA VAL D 168 45.38 -13.98 6.29
C VAL D 168 46.48 -13.37 5.43
N CYS D 169 46.35 -13.50 4.11
CA CYS D 169 47.28 -12.92 3.17
C CYS D 169 46.76 -11.62 2.58
N GLU D 170 45.50 -11.60 2.14
CA GLU D 170 44.85 -10.41 1.64
C GLU D 170 43.47 -10.29 2.27
N VAL D 171 43.13 -9.09 2.74
CA VAL D 171 41.80 -8.80 3.26
C VAL D 171 41.32 -7.53 2.57
N GLY D 172 40.39 -7.69 1.63
CA GLY D 172 39.96 -6.56 0.84
C GLY D 172 41.11 -6.01 0.02
N VAL D 173 41.28 -4.69 0.06
CA VAL D 173 42.38 -4.07 -0.66
C VAL D 173 43.71 -4.36 0.02
N GLN D 174 43.72 -4.38 1.36
CA GLN D 174 44.96 -4.54 2.12
C GLN D 174 45.61 -5.88 1.82
N ALA D 175 46.91 -5.84 1.54
CA ALA D 175 47.73 -7.03 1.40
C ALA D 175 48.62 -7.12 2.64
N LEU D 176 48.26 -8.02 3.56
CA LEU D 176 48.97 -8.12 4.82
C LEU D 176 50.37 -8.68 4.63
N LYS D 177 50.51 -9.71 3.80
CA LYS D 177 51.82 -10.27 3.47
C LYS D 177 51.72 -10.99 2.14
N LYS D 178 52.83 -11.57 1.70
CA LYS D 178 52.88 -12.39 0.51
C LYS D 178 52.91 -13.86 0.93
N CYS D 179 52.09 -14.68 0.28
CA CYS D 179 51.92 -16.08 0.66
C CYS D 179 52.30 -16.98 -0.50
N ASP D 180 53.07 -18.02 -0.20
CA ASP D 180 53.44 -19.02 -1.20
C ASP D 180 52.54 -20.24 -1.18
N GLY D 181 51.70 -20.40 -0.15
CA GLY D 181 50.92 -21.60 -0.01
C GLY D 181 49.61 -21.57 -0.78
N GLN D 182 49.05 -22.75 -0.98
CA GLN D 182 47.70 -22.87 -1.52
C GLN D 182 46.72 -22.11 -0.63
N LEU D 183 45.97 -21.20 -1.22
CA LEU D 183 45.13 -20.28 -0.45
C LEU D 183 43.66 -20.64 -0.58
N SER D 184 42.92 -20.38 0.48
CA SER D 184 41.47 -20.46 0.48
C SER D 184 40.90 -19.06 0.34
N THR D 185 40.06 -18.85 -0.66
CA THR D 185 39.53 -17.54 -1.00
C THR D 185 38.03 -17.54 -0.77
N ALA D 186 37.53 -16.57 0.00
CA ALA D 186 36.10 -16.52 0.23
C ALA D 186 35.68 -15.11 0.63
N HIS D 187 34.43 -14.78 0.31
CA HIS D 187 33.83 -13.54 0.78
C HIS D 187 33.44 -13.71 2.25
N GLU D 188 34.05 -12.91 3.12
CA GLU D 188 33.78 -12.97 4.55
C GLU D 188 33.26 -11.63 5.04
N VAL D 189 32.35 -11.68 6.01
CA VAL D 189 31.88 -10.49 6.71
C VAL D 189 32.92 -10.19 7.79
N VAL D 190 33.81 -9.24 7.53
CA VAL D 190 34.90 -8.92 8.44
C VAL D 190 34.55 -7.63 9.18
N PRO D 191 34.79 -7.55 10.48
CA PRO D 191 34.66 -6.29 11.20
C PRO D 191 35.86 -5.39 10.96
N PHE D 192 35.68 -4.12 11.28
CA PHE D 192 36.73 -3.12 11.11
C PHE D 192 36.36 -1.89 11.93
N ALA D 193 37.35 -1.01 12.10
CA ALA D 193 37.15 0.25 12.77
C ALA D 193 38.19 1.25 12.28
N VAL D 194 37.77 2.51 12.18
CA VAL D 194 38.65 3.61 11.78
C VAL D 194 38.78 4.58 12.94
N PHE D 195 40.01 5.05 13.15
CA PHE D 195 40.44 5.85 14.30
C PHE D 195 40.91 7.21 13.80
N LYS D 196 41.49 8.01 14.69
CA LYS D 196 41.84 9.39 14.35
C LYS D 196 42.83 9.46 13.20
N ASN D 197 44.02 8.91 13.38
CA ASN D 197 45.08 8.95 12.38
C ASN D 197 45.41 7.56 11.85
N SER D 198 44.38 6.74 11.62
CA SER D 198 44.57 5.37 11.17
C SER D 198 43.83 5.14 9.85
N LYS D 199 44.24 4.09 9.14
CA LYS D 199 43.51 3.61 8.00
C LYS D 199 42.45 2.62 8.47
N LYS D 200 41.79 1.93 7.54
CA LYS D 200 40.82 0.91 7.92
C LYS D 200 41.56 -0.28 8.54
N VAL D 201 41.20 -0.62 9.78
CA VAL D 201 41.85 -1.69 10.52
C VAL D 201 40.89 -2.86 10.59
N TYR D 202 41.20 -3.93 9.85
CA TYR D 202 40.41 -5.15 9.91
C TYR D 202 40.76 -5.94 11.16
N LEU D 203 39.79 -6.72 11.64
CA LEU D 203 39.88 -7.38 12.93
C LEU D 203 39.51 -8.85 12.83
N ASP D 204 40.06 -9.65 13.75
CA ASP D 204 39.64 -11.04 13.90
C ASP D 204 38.42 -11.15 14.82
N LYS D 205 38.51 -10.59 16.02
CA LYS D 205 37.39 -10.52 16.95
C LYS D 205 36.86 -9.09 17.00
N LEU D 206 35.59 -8.96 17.37
CA LEU D 206 34.96 -7.66 17.60
C LEU D 206 34.55 -7.60 19.06
N ASP D 207 35.35 -6.91 19.87
CA ASP D 207 35.08 -6.75 21.30
C ASP D 207 34.83 -5.27 21.57
N LEU D 208 33.59 -4.92 21.91
CA LEU D 208 33.19 -3.55 22.17
C LEU D 208 32.72 -3.42 23.62
N LYS D 209 32.87 -2.22 24.17
CA LYS D 209 32.33 -1.92 25.49
C LYS D 209 31.83 -0.50 25.52
N THR D 210 30.65 -0.29 26.10
CA THR D 210 29.98 1.01 26.11
C THR D 210 29.97 1.56 27.53
N GLU D 211 30.53 2.76 27.72
CA GLU D 211 30.49 3.46 28.99
C GLU D 211 29.39 4.51 28.92
N GLU D 212 28.35 4.35 29.74
CA GLU D 212 27.24 5.29 29.73
C GLU D 212 27.59 6.56 30.50
N ASN D 213 27.03 7.68 30.05
CA ASN D 213 27.28 8.97 30.66
C ASN D 213 26.05 9.87 30.46
N LEU D 214 26.08 11.02 31.12
CA LEU D 214 24.98 11.98 31.07
C LEU D 214 25.23 13.10 30.07
N LEU D 215 26.04 12.84 29.04
CA LEU D 215 26.36 13.84 28.04
C LEU D 215 25.14 14.11 27.17
N PRO D 216 25.15 15.19 26.37
CA PRO D 216 23.96 15.50 25.55
C PRO D 216 23.54 14.37 24.61
N ASP D 217 24.49 13.79 23.86
CA ASP D 217 24.14 12.76 22.88
C ASP D 217 23.63 11.47 23.51
N SER D 218 23.60 11.38 24.84
CA SER D 218 23.01 10.23 25.52
C SER D 218 21.53 10.41 25.81
N PHE D 219 20.94 11.54 25.41
CA PHE D 219 19.54 11.82 25.65
C PHE D 219 18.81 12.03 24.32
N VAL D 220 17.48 11.94 24.40
CA VAL D 220 16.60 12.30 23.29
C VAL D 220 15.44 13.09 23.87
N CYS D 221 15.24 14.31 23.37
CA CYS D 221 14.18 15.19 23.83
C CYS D 221 13.09 15.28 22.77
N PHE D 222 11.83 15.35 23.21
CA PHE D 222 10.72 15.44 22.27
C PHE D 222 9.59 16.26 22.88
N GLU D 223 8.90 16.98 22.01
CA GLU D 223 7.74 17.78 22.38
C GLU D 223 6.56 17.41 21.49
N HIS D 224 5.49 18.19 21.52
CA HIS D 224 4.35 17.96 20.65
C HIS D 224 4.41 18.85 19.41
N ARG D 239 0.42 10.00 17.88
CA ARG D 239 1.81 10.43 17.75
C ARG D 239 1.91 11.65 16.82
N GLU D 240 2.36 12.76 17.39
CA GLU D 240 2.74 13.96 16.64
C GLU D 240 4.05 14.52 17.19
N LEU D 241 4.98 13.63 17.49
CA LEU D 241 6.24 14.01 18.12
C LEU D 241 7.19 14.63 17.11
N LYS D 242 7.90 15.66 17.55
CA LYS D 242 8.99 16.23 16.77
C LYS D 242 10.18 16.47 17.69
N SER D 243 11.38 16.28 17.15
CA SER D 243 12.59 16.41 17.93
C SER D 243 12.75 17.85 18.45
N PHE D 244 13.55 17.99 19.50
CA PHE D 244 13.75 19.27 20.16
C PHE D 244 15.16 19.32 20.72
N ASP D 245 15.90 20.38 20.38
CA ASP D 245 17.30 20.49 20.77
C ASP D 245 17.44 20.55 22.27
N ILE D 246 18.28 19.66 22.83
CA ILE D 246 18.50 19.63 24.27
C ILE D 246 19.31 20.83 24.75
N SER D 247 20.02 21.51 23.84
CA SER D 247 20.81 22.67 24.23
C SER D 247 19.95 23.81 24.75
N GLN D 248 18.66 23.82 24.42
CA GLN D 248 17.76 24.84 24.94
C GLN D 248 17.31 24.57 26.36
N CYS D 249 17.45 23.34 26.84
CA CYS D 249 17.13 23.03 28.23
C CYS D 249 18.24 23.52 29.14
N PRO D 250 17.92 24.31 30.17
CA PRO D 250 18.96 24.76 31.10
C PRO D 250 19.36 23.66 32.07
N LYS D 251 20.66 23.56 32.31
CA LYS D 251 21.16 22.62 33.31
C LYS D 251 20.85 23.14 34.70
N ILE D 252 21.08 22.28 35.70
CA ILE D 252 20.93 22.70 37.08
C ILE D 252 21.93 23.81 37.35
N GLY D 253 21.45 24.95 37.83
CA GLY D 253 22.30 26.10 38.04
C GLY D 253 22.81 26.69 36.73
N GLY D 254 21.90 26.92 35.79
CA GLY D 254 22.28 27.44 34.49
C GLY D 254 21.21 28.30 33.87
N HIS D 255 21.37 28.64 32.59
CA HIS D 255 20.42 29.47 31.87
C HIS D 255 19.96 28.75 30.61
N GLY D 256 18.68 28.92 30.27
CA GLY D 256 18.12 28.29 29.10
C GLY D 256 16.92 29.06 28.59
N SER D 257 16.61 28.83 27.31
CA SER D 257 15.51 29.53 26.66
C SER D 257 14.17 28.82 26.79
N LYS D 258 14.17 27.54 27.12
CA LYS D 258 12.94 26.76 27.23
C LYS D 258 12.86 26.11 28.61
N LYS D 259 11.80 25.33 28.82
CA LYS D 259 11.60 24.55 30.03
C LYS D 259 11.42 23.09 29.65
N CYS D 260 11.98 22.19 30.46
CA CYS D 260 12.05 20.78 30.10
C CYS D 260 11.83 19.91 31.33
N THR D 261 11.37 18.68 31.09
CA THR D 261 11.30 17.64 32.11
C THR D 261 11.96 16.39 31.56
N GLY D 262 12.35 15.48 32.45
CA GLY D 262 12.95 14.25 31.98
C GLY D 262 12.77 13.12 32.99
N ASP D 263 13.37 11.98 32.66
CA ASP D 263 13.44 10.88 33.59
C ASP D 263 14.44 11.23 34.72
N ALA D 264 14.66 10.25 35.61
CA ALA D 264 15.56 10.48 36.73
C ALA D 264 16.94 10.92 36.25
N ALA D 265 17.46 10.27 35.21
CA ALA D 265 18.78 10.60 34.69
C ALA D 265 18.83 12.03 34.18
N PHE D 266 17.79 12.46 33.46
CA PHE D 266 17.78 13.82 32.93
C PHE D 266 17.70 14.86 34.03
N CYS D 267 16.81 14.65 35.00
CA CYS D 267 16.67 15.62 36.08
C CYS D 267 17.83 15.58 37.06
N SER D 268 18.69 14.56 36.99
CA SER D 268 19.89 14.55 37.82
C SER D 268 20.88 15.66 37.42
N ALA D 269 20.82 16.12 36.17
CA ALA D 269 21.75 17.12 35.68
C ALA D 269 21.08 18.43 35.26
N TYR D 270 19.89 18.36 34.67
CA TYR D 270 19.15 19.54 34.24
C TYR D 270 17.97 19.75 35.17
N GLU D 271 17.47 20.99 35.21
CA GLU D 271 16.34 21.30 36.08
C GLU D 271 15.03 20.93 35.39
N CYS D 272 14.11 20.37 36.16
CA CYS D 272 12.87 19.81 35.64
C CYS D 272 11.67 20.50 36.29
N THR D 273 10.67 20.81 35.46
CA THR D 273 9.40 21.38 35.93
C THR D 273 8.27 20.60 35.28
N ALA D 274 7.52 19.86 36.10
CA ALA D 274 6.55 18.89 35.57
C ALA D 274 5.34 19.54 34.92
N GLN D 275 5.09 20.82 35.18
CA GLN D 275 3.90 21.48 34.65
C GLN D 275 4.17 22.45 33.51
N TYR D 276 5.34 23.09 33.48
CA TYR D 276 5.62 24.17 32.55
C TYR D 276 6.64 23.78 31.49
N ALA D 277 6.89 22.48 31.31
CA ALA D 277 7.94 22.03 30.40
C ALA D 277 7.44 22.01 28.96
N ASN D 278 8.27 22.52 28.05
CA ASN D 278 7.96 22.41 26.64
C ASN D 278 8.11 20.98 26.15
N ALA D 279 9.06 20.24 26.71
CA ALA D 279 9.40 18.93 26.18
C ALA D 279 9.84 17.98 27.30
N TYR D 280 9.97 16.71 26.92
CA TYR D 280 10.33 15.63 27.82
C TYR D 280 11.52 14.89 27.22
N CYS D 281 12.52 14.60 28.04
CA CYS D 281 13.80 14.06 27.58
C CYS D 281 14.05 12.73 28.27
N SER D 282 14.28 11.68 27.49
CA SER D 282 14.64 10.37 28.02
C SER D 282 16.11 10.09 27.76
N HIS D 283 16.64 9.10 28.48
CA HIS D 283 18.03 8.67 28.30
C HIS D 283 18.08 7.59 27.23
N ALA D 284 18.84 7.86 26.17
CA ALA D 284 18.91 6.94 25.04
C ALA D 284 19.59 5.64 25.47
N ASN D 285 18.87 4.53 25.34
CA ASN D 285 19.45 3.23 25.66
C ASN D 285 20.59 2.92 24.71
N GLY D 286 21.64 2.31 25.26
CA GLY D 286 22.80 1.96 24.45
C GLY D 286 23.61 3.13 23.95
N SER D 287 23.55 4.27 24.63
CA SER D 287 24.33 5.44 24.27
C SER D 287 25.47 5.61 25.25
N GLY D 288 26.52 6.30 24.81
CA GLY D 288 27.70 6.51 25.63
C GLY D 288 28.98 6.30 24.85
N ILE D 289 30.13 6.53 25.49
CA ILE D 289 31.40 6.41 24.78
C ILE D 289 31.70 4.93 24.55
N VAL D 290 31.87 4.55 23.30
CA VAL D 290 32.13 3.16 22.92
C VAL D 290 33.61 2.98 22.66
N GLN D 291 34.18 1.92 23.21
CA GLN D 291 35.58 1.57 22.99
C GLN D 291 35.68 0.17 22.40
N ILE D 292 36.77 -0.07 21.68
CA ILE D 292 37.01 -1.33 21.00
C ILE D 292 38.38 -1.86 21.41
N GLN D 293 38.49 -3.18 21.48
CA GLN D 293 39.74 -3.84 21.88
C GLN D 293 40.45 -4.31 20.61
N VAL D 294 41.57 -3.66 20.28
CA VAL D 294 42.41 -4.04 19.16
C VAL D 294 43.71 -4.59 19.71
N SER D 295 43.96 -5.87 19.41
CA SER D 295 45.20 -6.57 19.80
C SER D 295 45.56 -6.32 21.27
N GLY D 296 44.55 -6.43 22.13
CA GLY D 296 44.74 -6.33 23.56
C GLY D 296 44.58 -4.94 24.15
N VAL D 297 44.67 -3.90 23.33
CA VAL D 297 44.61 -2.52 23.82
C VAL D 297 43.22 -1.96 23.57
N TRP D 298 42.65 -1.32 24.59
CA TRP D 298 41.37 -0.65 24.43
C TRP D 298 41.58 0.75 23.87
N LYS D 299 40.85 1.08 22.81
CA LYS D 299 40.94 2.37 22.16
C LYS D 299 39.54 2.91 21.89
N LYS D 300 39.49 4.21 21.58
CA LYS D 300 38.22 4.89 21.30
C LYS D 300 38.12 5.13 19.80
N PRO D 301 37.36 4.33 19.06
CA PRO D 301 37.37 4.44 17.59
C PRO D 301 36.41 5.52 17.09
N LEU D 302 36.69 5.99 15.87
CA LEU D 302 35.79 6.92 15.21
C LEU D 302 34.59 6.20 14.59
N CYS D 303 34.83 5.06 13.93
CA CYS D 303 33.73 4.25 13.40
C CYS D 303 34.06 2.77 13.54
N VAL D 304 33.01 1.97 13.71
CA VAL D 304 33.12 0.51 13.75
C VAL D 304 32.03 -0.07 12.85
N GLY D 305 32.38 -1.11 12.09
CA GLY D 305 31.38 -1.71 11.22
C GLY D 305 31.81 -3.08 10.73
N TYR D 306 30.95 -3.66 9.89
CA TYR D 306 31.21 -4.89 9.18
C TYR D 306 31.14 -4.64 7.68
N GLU D 307 31.90 -5.40 6.92
CA GLU D 307 31.75 -5.38 5.47
C GLU D 307 32.19 -6.71 4.89
N ARG D 308 31.56 -7.09 3.78
CA ARG D 308 31.80 -8.38 3.14
C ARG D 308 32.86 -8.20 2.06
N VAL D 309 34.07 -8.69 2.33
CA VAL D 309 35.20 -8.51 1.44
C VAL D 309 35.86 -9.86 1.15
N VAL D 310 36.68 -9.89 0.11
CA VAL D 310 37.41 -11.09 -0.29
C VAL D 310 38.58 -11.29 0.67
N VAL D 311 38.57 -12.40 1.40
CA VAL D 311 39.66 -12.78 2.29
C VAL D 311 40.33 -14.03 1.73
N LYS D 312 41.64 -13.98 1.61
CA LYS D 312 42.47 -15.11 1.20
C LYS D 312 43.30 -15.55 2.40
N ARG D 313 43.32 -16.85 2.66
CA ARG D 313 43.98 -17.41 3.84
C ARG D 313 44.96 -18.50 3.43
N GLU D 314 46.08 -18.56 4.14
CA GLU D 314 47.08 -19.60 3.96
C GLU D 314 46.62 -20.89 4.63
N LEU D 315 47.32 -21.98 4.31
CA LEU D 315 47.04 -23.29 4.88
C LEU D 315 48.28 -23.73 5.65
N SER D 316 48.33 -23.36 6.93
CA SER D 316 49.47 -23.70 7.79
C SER D 316 49.00 -24.06 9.19
N GLN E 1 25.24 37.06 -1.48
CA GLN E 1 24.94 35.79 -0.84
C GLN E 1 26.02 34.75 -1.09
N VAL E 2 26.11 34.25 -2.32
CA VAL E 2 27.07 33.21 -2.69
C VAL E 2 28.25 33.78 -3.49
N GLN E 3 27.95 34.56 -4.54
CA GLN E 3 28.87 35.57 -5.07
C GLN E 3 30.26 35.00 -5.42
N LEU E 4 30.29 34.18 -6.45
CA LEU E 4 31.56 33.92 -7.14
C LEU E 4 31.98 35.19 -7.88
N VAL E 5 33.13 35.77 -7.49
CA VAL E 5 33.56 37.06 -8.00
C VAL E 5 34.94 36.91 -8.64
N GLN E 6 35.09 37.39 -9.87
CA GLN E 6 36.27 37.11 -10.68
C GLN E 6 37.20 38.31 -10.79
N SER E 7 38.43 38.01 -11.19
CA SER E 7 39.45 39.00 -11.55
C SER E 7 40.20 38.46 -12.76
N GLY E 8 41.34 39.07 -13.06
CA GLY E 8 42.21 38.55 -14.12
C GLY E 8 42.23 39.34 -15.40
N GLY E 9 43.43 39.67 -15.89
CA GLY E 9 43.55 40.41 -17.12
C GLY E 9 43.12 39.60 -18.33
N GLY E 10 42.92 40.31 -19.44
CA GLY E 10 42.36 39.69 -20.63
C GLY E 10 42.78 40.24 -21.99
N LEU E 11 43.98 40.77 -22.11
CA LEU E 11 44.44 41.28 -23.40
C LEU E 11 45.91 40.91 -23.58
N VAL E 12 46.19 39.97 -24.48
CA VAL E 12 47.51 39.39 -24.64
C VAL E 12 47.76 39.12 -26.12
N LYS E 13 49.05 38.92 -26.46
CA LYS E 13 49.61 38.55 -27.75
C LYS E 13 49.63 37.03 -27.89
N PRO E 14 49.45 36.51 -29.11
CA PRO E 14 49.40 35.05 -29.29
C PRO E 14 50.67 34.37 -28.79
N GLY E 15 50.50 33.19 -28.23
CA GLY E 15 51.59 32.49 -27.57
C GLY E 15 51.89 32.97 -26.17
N GLY E 16 51.17 33.97 -25.67
CA GLY E 16 51.39 34.50 -24.34
C GLY E 16 50.71 33.67 -23.27
N SER E 17 50.56 34.28 -22.09
CA SER E 17 50.00 33.59 -20.94
C SER E 17 49.20 34.58 -20.10
N LEU E 18 48.19 34.04 -19.41
CA LEU E 18 47.32 34.83 -18.53
C LEU E 18 46.88 33.96 -17.37
N ARG E 19 46.12 34.56 -16.45
CA ARG E 19 45.76 33.88 -15.21
C ARG E 19 44.47 34.50 -14.69
N LEU E 20 43.40 33.70 -14.66
CA LEU E 20 42.13 34.11 -14.09
C LEU E 20 41.99 33.57 -12.67
N SER E 21 41.32 34.35 -11.82
CA SER E 21 41.13 33.99 -10.42
C SER E 21 39.70 34.31 -10.02
N CYS E 22 39.01 33.30 -9.50
CA CYS E 22 37.61 33.42 -9.07
C CYS E 22 37.58 33.17 -7.56
N ALA E 23 37.22 34.20 -6.81
CA ALA E 23 37.15 34.17 -5.36
C ALA E 23 35.72 33.86 -4.92
N ALA E 24 35.59 33.00 -3.91
CA ALA E 24 34.31 32.48 -3.47
C ALA E 24 34.00 32.95 -2.05
N SER E 25 32.75 33.38 -1.83
CA SER E 25 32.38 33.92 -0.51
C SER E 25 30.87 33.74 -0.32
N GLY E 26 30.48 32.78 0.52
CA GLY E 26 29.09 32.58 0.83
C GLY E 26 28.65 31.14 0.97
N PHE E 27 29.36 30.22 0.31
CA PHE E 27 29.22 28.81 0.62
C PHE E 27 30.54 28.29 1.20
N THR E 28 30.61 26.99 1.44
CA THR E 28 31.82 26.44 2.04
C THR E 28 32.96 26.35 1.04
N PHE E 29 32.63 26.01 -0.22
CA PHE E 29 33.53 26.00 -1.37
C PHE E 29 34.52 24.85 -1.30
N SER E 30 34.58 24.17 -0.16
CA SER E 30 35.44 23.00 -0.05
C SER E 30 34.72 21.72 -0.44
N ASP E 31 33.40 21.78 -0.65
CA ASP E 31 32.60 20.62 -0.97
C ASP E 31 32.03 20.65 -2.38
N TYR E 32 32.36 21.67 -3.17
CA TYR E 32 31.78 21.88 -4.49
C TYR E 32 32.84 21.76 -5.57
N TYR E 33 32.50 21.06 -6.65
CA TYR E 33 33.35 21.09 -7.85
C TYR E 33 33.37 22.49 -8.43
N MET E 34 34.41 22.78 -9.21
CA MET E 34 34.53 24.09 -9.85
C MET E 34 34.92 23.92 -11.31
N SER E 35 34.17 24.54 -12.21
CA SER E 35 34.44 24.44 -13.64
C SER E 35 34.64 25.82 -14.24
N TRP E 36 35.27 25.83 -15.41
CA TRP E 36 35.44 27.03 -16.22
C TRP E 36 34.69 26.85 -17.53
N ILE E 37 33.88 27.84 -17.88
CA ILE E 37 33.06 27.82 -19.09
C ILE E 37 33.30 29.11 -19.85
N ARG E 38 33.71 29.00 -21.11
CA ARG E 38 34.03 30.18 -21.90
C ARG E 38 32.98 30.39 -22.98
N GLN E 39 32.91 31.64 -23.45
CA GLN E 39 31.91 32.05 -24.45
C GLN E 39 32.60 32.99 -25.44
N ALA E 40 32.75 32.54 -26.68
CA ALA E 40 33.34 33.37 -27.71
C ALA E 40 32.42 34.56 -28.01
N PRO E 41 32.98 35.68 -28.49
CA PRO E 41 32.15 36.85 -28.77
C PRO E 41 31.01 36.55 -29.74
N GLY E 42 29.77 36.62 -29.24
CA GLY E 42 28.59 36.35 -30.03
C GLY E 42 28.15 34.89 -30.02
N LYS E 43 29.09 33.96 -29.83
CA LYS E 43 28.77 32.54 -29.88
C LYS E 43 28.22 32.10 -28.52
N GLY E 44 28.11 30.78 -28.32
CA GLY E 44 27.57 30.20 -27.10
C GLY E 44 28.65 29.75 -26.14
N LEU E 45 28.24 28.88 -25.22
CA LEU E 45 29.10 28.46 -24.11
C LEU E 45 29.83 27.16 -24.44
N GLU E 46 31.13 27.14 -24.15
CA GLU E 46 31.95 25.94 -24.25
C GLU E 46 32.58 25.65 -22.90
N TRP E 47 32.33 24.46 -22.37
CA TRP E 47 33.01 24.03 -21.16
C TRP E 47 34.48 23.77 -21.44
N VAL E 48 35.32 23.99 -20.43
CA VAL E 48 36.76 23.93 -20.63
C VAL E 48 37.40 22.91 -19.70
N SER E 49 37.19 23.06 -18.40
CA SER E 49 37.82 22.17 -17.44
C SER E 49 37.03 22.19 -16.13
N TYR E 50 37.23 21.14 -15.34
CA TYR E 50 36.66 21.08 -13.99
C TYR E 50 37.68 20.48 -13.04
N ILE E 51 37.66 20.98 -11.81
CA ILE E 51 38.50 20.51 -10.72
C ILE E 51 37.59 20.07 -9.58
N SER E 52 38.02 19.03 -8.87
CA SER E 52 37.28 18.41 -7.79
C SER E 52 37.44 19.19 -6.49
N PRO E 53 36.49 19.05 -5.55
CA PRO E 53 36.59 19.77 -4.26
C PRO E 53 37.93 19.65 -3.55
N GLY E 54 38.68 18.59 -3.82
CA GLY E 54 39.92 18.35 -3.10
C GLY E 54 41.17 18.83 -3.82
N GLY E 55 41.09 18.94 -5.14
CA GLY E 55 42.21 19.34 -5.96
C GLY E 55 42.73 18.26 -6.89
N SER E 56 42.48 17.00 -6.58
CA SER E 56 42.85 15.91 -7.46
C SER E 56 41.73 15.63 -8.46
N THR E 57 42.03 14.77 -9.44
CA THR E 57 41.08 14.33 -10.47
C THR E 57 40.52 15.53 -11.25
N ILE E 58 41.41 16.14 -12.00
CA ILE E 58 41.07 17.27 -12.85
C ILE E 58 40.75 16.76 -14.26
N TYR E 59 39.77 17.39 -14.91
CA TYR E 59 39.45 17.05 -16.30
C TYR E 59 39.48 18.30 -17.17
N TYR E 60 39.94 18.13 -18.41
CA TYR E 60 39.97 19.20 -19.40
C TYR E 60 39.24 18.76 -20.66
N ALA E 61 38.97 19.72 -21.54
CA ALA E 61 38.49 19.45 -22.88
C ALA E 61 39.67 19.42 -23.84
N ASP E 62 39.61 18.51 -24.83
CA ASP E 62 40.75 18.35 -25.73
C ASP E 62 41.10 19.64 -26.45
N SER E 63 40.12 20.53 -26.65
CA SER E 63 40.41 21.84 -27.22
C SER E 63 41.43 22.59 -26.38
N VAL E 64 41.37 22.42 -25.06
CA VAL E 64 42.22 23.16 -24.14
C VAL E 64 43.27 22.28 -23.47
N LYS E 65 43.14 20.96 -23.58
CA LYS E 65 44.03 20.03 -22.88
C LYS E 65 45.49 20.29 -23.24
N GLY E 66 46.34 20.38 -22.22
CA GLY E 66 47.75 20.57 -22.39
C GLY E 66 48.24 22.00 -22.25
N ARG E 67 47.36 22.98 -22.47
CA ARG E 67 47.74 24.38 -22.40
C ARG E 67 47.37 25.05 -21.09
N PHE E 68 46.17 24.80 -20.58
CA PHE E 68 45.69 25.46 -19.38
C PHE E 68 45.82 24.54 -18.18
N THR E 69 45.94 25.15 -17.00
CA THR E 69 46.06 24.42 -15.74
C THR E 69 45.11 25.02 -14.74
N ILE E 70 44.14 24.24 -14.28
CA ILE E 70 43.16 24.69 -13.30
C ILE E 70 43.59 24.20 -11.92
N SER E 71 43.51 25.10 -10.94
CA SER E 71 43.94 24.80 -9.57
C SER E 71 43.00 25.50 -8.60
N ARG E 72 43.18 25.22 -7.32
CA ARG E 72 42.35 25.87 -6.31
C ARG E 72 43.08 25.90 -4.99
N ASP E 73 42.78 26.93 -4.19
CA ASP E 73 43.36 27.13 -2.86
C ASP E 73 42.18 27.22 -1.90
N ASN E 74 41.75 26.06 -1.39
CA ASN E 74 40.57 26.04 -0.51
C ASN E 74 40.81 26.84 0.76
N ALA E 75 42.06 26.97 1.19
CA ALA E 75 42.36 27.75 2.38
C ALA E 75 41.95 29.21 2.20
N LYS E 76 42.31 29.80 1.07
CA LYS E 76 41.97 31.19 0.78
C LYS E 76 40.72 31.32 -0.09
N ASN E 77 39.97 30.24 -0.27
CA ASN E 77 38.68 30.25 -0.97
C ASN E 77 38.81 30.86 -2.36
N SER E 78 39.60 30.20 -3.20
CA SER E 78 39.90 30.71 -4.52
C SER E 78 39.99 29.58 -5.54
N LEU E 79 39.90 29.96 -6.81
CA LEU E 79 39.89 28.99 -7.91
C LEU E 79 40.57 29.64 -9.11
N TYR E 80 41.71 29.06 -9.53
CA TYR E 80 42.56 29.69 -10.52
C TYR E 80 42.55 28.90 -11.83
N LEU E 81 42.70 29.63 -12.94
CA LEU E 81 42.86 29.05 -14.27
C LEU E 81 44.06 29.73 -14.93
N GLN E 82 45.13 28.98 -15.14
CA GLN E 82 46.35 29.49 -15.77
C GLN E 82 46.33 29.13 -17.25
N MET E 83 46.35 30.15 -18.11
CA MET E 83 46.32 29.96 -19.55
C MET E 83 47.73 30.14 -20.10
N ASN E 84 48.21 29.13 -20.82
CA ASN E 84 49.51 29.15 -21.47
C ASN E 84 49.34 28.86 -22.96
N SER E 85 50.27 29.38 -23.76
CA SER E 85 50.30 29.14 -25.21
C SER E 85 48.98 29.56 -25.86
N LEU E 86 48.53 30.77 -25.54
CA LEU E 86 47.24 31.27 -26.01
C LEU E 86 47.28 31.54 -27.52
N ARG E 87 46.09 31.55 -28.12
CA ARG E 87 45.91 31.97 -29.51
C ARG E 87 44.47 32.41 -29.70
N ALA E 88 44.20 32.94 -30.90
CA ALA E 88 43.00 33.75 -31.13
C ALA E 88 41.71 32.98 -30.89
N GLU E 89 41.71 31.67 -31.11
CA GLU E 89 40.48 30.90 -30.91
C GLU E 89 40.04 30.95 -29.45
N ASP E 90 40.98 31.12 -28.52
CA ASP E 90 40.65 31.24 -27.11
C ASP E 90 40.02 32.57 -26.75
N THR E 91 40.08 33.58 -27.62
CA THR E 91 39.54 34.88 -27.29
C THR E 91 38.06 34.75 -26.96
N ALA E 92 37.71 34.94 -25.70
CA ALA E 92 36.36 34.67 -25.21
C ALA E 92 36.24 35.22 -23.80
N VAL E 93 35.01 35.26 -23.31
CA VAL E 93 34.73 35.64 -21.93
C VAL E 93 34.61 34.36 -21.11
N TYR E 94 35.46 34.24 -20.07
CA TYR E 94 35.59 33.02 -19.29
C TYR E 94 34.92 33.21 -17.93
N TYR E 95 34.10 32.22 -17.54
CA TYR E 95 33.32 32.27 -16.32
C TYR E 95 33.71 31.10 -15.44
N CYS E 96 33.64 31.29 -14.12
CA CYS E 96 33.74 30.20 -13.17
C CYS E 96 32.34 29.77 -12.73
N ALA E 97 32.19 28.49 -12.43
CA ALA E 97 30.88 27.98 -12.02
C ALA E 97 31.06 26.85 -11.01
N SER E 98 30.04 26.69 -10.17
CA SER E 98 30.03 25.67 -9.13
C SER E 98 28.87 24.71 -9.38
N SER E 99 29.12 23.42 -9.16
CA SER E 99 28.14 22.39 -9.49
C SER E 99 27.62 21.60 -8.29
N ALA E 100 28.42 21.42 -7.24
CA ALA E 100 28.14 20.69 -6.00
C ALA E 100 28.24 19.17 -6.18
N ASP E 101 28.38 18.66 -7.40
CA ASP E 101 28.82 17.29 -7.71
C ASP E 101 29.02 17.20 -9.21
N VAL E 102 29.78 16.18 -9.63
CA VAL E 102 30.34 16.15 -10.98
C VAL E 102 29.26 16.15 -12.05
N TYR E 103 28.07 15.64 -11.75
CA TYR E 103 27.01 15.50 -12.75
C TYR E 103 26.03 16.65 -12.77
N ASN E 104 26.21 17.67 -11.93
CA ASN E 104 25.15 18.61 -11.62
C ASN E 104 25.20 19.84 -12.54
N TRP E 105 24.49 20.91 -12.16
CA TRP E 105 23.89 21.86 -13.08
C TRP E 105 24.52 23.25 -13.11
N PHE E 106 25.71 23.44 -12.53
CA PHE E 106 26.42 24.72 -12.62
C PHE E 106 25.59 25.88 -12.06
N ASP E 107 25.37 25.82 -10.75
CA ASP E 107 24.74 26.94 -10.05
C ASP E 107 25.82 27.98 -9.75
N PRO E 108 25.54 29.07 -8.97
CA PRO E 108 25.96 30.42 -9.38
C PRO E 108 27.30 30.56 -10.09
N TRP E 109 27.30 31.33 -11.17
CA TRP E 109 28.46 31.56 -12.01
C TRP E 109 29.14 32.88 -11.62
N GLY E 110 30.40 33.01 -12.04
CA GLY E 110 31.09 34.28 -11.89
C GLY E 110 30.61 35.32 -12.88
N GLN E 111 31.01 36.55 -12.64
CA GLN E 111 30.49 37.65 -13.46
C GLN E 111 31.04 37.64 -14.88
N GLY E 112 32.20 37.03 -15.11
CA GLY E 112 32.74 36.97 -16.44
C GLY E 112 33.99 37.83 -16.58
N THR E 113 34.87 37.42 -17.49
CA THR E 113 36.12 38.12 -17.74
C THR E 113 36.52 37.90 -19.20
N LEU E 114 36.72 38.98 -19.93
CA LEU E 114 37.03 38.88 -21.35
C LEU E 114 38.51 38.61 -21.57
N VAL E 115 38.80 37.86 -22.64
CA VAL E 115 40.18 37.65 -23.09
C VAL E 115 40.29 37.90 -24.60
N SER F 1 30.72 12.60 -30.72
CA SER F 1 30.31 13.62 -29.75
C SER F 1 28.80 13.82 -29.76
N TYR F 2 28.25 14.08 -28.56
CA TYR F 2 26.83 14.33 -28.37
C TYR F 2 26.55 15.82 -28.58
N GLU F 3 25.69 16.13 -29.54
CA GLU F 3 25.35 17.52 -29.86
C GLU F 3 23.92 17.82 -29.44
N LEU F 4 23.69 19.04 -28.97
CA LEU F 4 22.36 19.55 -28.65
C LEU F 4 21.99 20.63 -29.65
N THR F 5 20.86 20.44 -30.34
CA THR F 5 20.37 21.38 -31.34
C THR F 5 19.32 22.28 -30.72
N GLN F 6 19.33 23.56 -31.11
CA GLN F 6 18.47 24.58 -30.54
C GLN F 6 18.10 25.62 -31.58
N PRO F 7 16.81 25.91 -31.76
CA PRO F 7 16.40 26.89 -32.78
C PRO F 7 16.94 28.27 -32.43
N PRO F 8 17.57 28.94 -33.40
CA PRO F 8 18.25 30.20 -33.09
C PRO F 8 17.33 31.32 -32.64
N SER F 9 16.12 31.42 -33.21
CA SER F 9 15.22 32.53 -32.94
C SER F 9 13.86 32.01 -32.50
N VAL F 10 13.24 32.75 -31.57
CA VAL F 10 11.86 32.52 -31.16
C VAL F 10 11.22 33.88 -30.90
N SER F 11 10.22 34.22 -31.70
CA SER F 11 9.43 35.43 -31.49
C SER F 11 8.15 35.09 -30.75
N VAL F 12 7.73 35.98 -29.85
CA VAL F 12 6.54 35.75 -29.06
C VAL F 12 6.01 37.10 -28.60
N ALA F 13 4.68 37.25 -28.66
CA ALA F 13 4.03 38.46 -28.21
C ALA F 13 3.86 38.45 -26.69
N PRO F 14 3.84 39.62 -26.05
CA PRO F 14 3.66 39.66 -24.60
C PRO F 14 2.30 39.15 -24.19
N GLY F 15 2.25 38.44 -23.07
CA GLY F 15 1.07 37.75 -22.62
C GLY F 15 0.93 36.36 -23.17
N LYS F 16 1.48 36.09 -24.35
CA LYS F 16 1.45 34.75 -24.93
C LYS F 16 2.45 33.85 -24.20
N THR F 17 2.60 32.63 -24.70
CA THR F 17 3.53 31.66 -24.15
C THR F 17 4.63 31.38 -25.17
N ALA F 18 5.86 31.27 -24.66
CA ALA F 18 7.02 30.97 -25.48
C ALA F 18 7.48 29.54 -25.23
N ARG F 19 8.05 28.92 -26.26
CA ARG F 19 8.50 27.54 -26.17
C ARG F 19 9.85 27.40 -26.85
N ILE F 20 10.80 26.79 -26.16
CA ILE F 20 12.16 26.57 -26.68
C ILE F 20 12.48 25.09 -26.58
N THR F 21 12.88 24.50 -27.70
CA THR F 21 13.09 23.07 -27.81
C THR F 21 14.58 22.75 -27.90
N CYS F 22 15.08 22.00 -26.93
CA CYS F 22 16.42 21.43 -26.97
C CYS F 22 16.35 20.05 -27.59
N GLY F 23 17.03 19.86 -28.71
CA GLY F 23 16.97 18.59 -29.41
C GLY F 23 18.26 17.80 -29.33
N GLY F 24 18.18 16.62 -28.74
CA GLY F 24 19.32 15.73 -28.69
C GLY F 24 18.87 14.30 -28.87
N ASN F 25 19.76 13.49 -29.42
CA ASN F 25 19.45 12.08 -29.62
C ASN F 25 19.29 11.37 -28.28
N ASN F 26 18.09 10.83 -28.05
CA ASN F 26 17.79 10.07 -26.83
C ASN F 26 17.97 10.94 -25.59
N ILE F 27 17.50 12.20 -25.67
CA ILE F 27 17.67 13.14 -24.58
C ILE F 27 16.70 12.91 -23.43
N GLY F 28 15.66 12.09 -23.63
CA GLY F 28 14.79 11.75 -22.52
C GLY F 28 15.47 10.99 -21.40
N SER F 29 16.63 10.41 -21.68
CA SER F 29 17.38 9.65 -20.69
C SER F 29 18.39 10.49 -19.93
N LYS F 30 18.50 11.78 -20.24
CA LYS F 30 19.43 12.68 -19.58
C LYS F 30 18.69 13.78 -18.84
N SER F 31 19.33 14.31 -17.81
CA SER F 31 18.79 15.46 -17.08
C SER F 31 19.16 16.73 -17.82
N VAL F 32 18.14 17.50 -18.23
CA VAL F 32 18.31 18.71 -19.02
C VAL F 32 18.27 19.92 -18.08
N HIS F 33 19.13 20.90 -18.34
CA HIS F 33 19.19 22.11 -17.55
C HIS F 33 19.08 23.32 -18.47
N TRP F 34 18.50 24.40 -17.94
CA TRP F 34 18.18 25.58 -18.72
C TRP F 34 18.73 26.82 -18.02
N TYR F 35 19.57 27.57 -18.73
CA TYR F 35 20.14 28.83 -18.26
C TYR F 35 19.63 29.98 -19.11
N GLN F 36 19.41 31.11 -18.47
CA GLN F 36 19.05 32.36 -19.12
C GLN F 36 20.22 33.34 -19.00
N GLN F 37 20.54 34.01 -20.11
CA GLN F 37 21.61 34.99 -20.14
C GLN F 37 21.12 36.26 -20.82
N LYS F 38 21.32 37.38 -20.14
CA LYS F 38 21.05 38.70 -20.68
C LYS F 38 22.33 39.34 -21.17
N PRO F 39 22.25 40.33 -22.08
CA PRO F 39 23.46 40.97 -22.56
C PRO F 39 24.26 41.60 -21.43
N GLY F 40 25.56 41.31 -21.41
CA GLY F 40 26.45 41.89 -20.43
C GLY F 40 26.38 41.27 -19.06
N GLN F 41 25.89 40.04 -18.99
CA GLN F 41 25.67 39.31 -17.75
C GLN F 41 26.35 37.94 -17.82
N ALA F 42 26.09 37.14 -16.81
CA ALA F 42 26.43 35.73 -16.72
C ALA F 42 25.17 34.88 -16.79
N PRO F 43 25.24 33.67 -17.32
CA PRO F 43 24.05 32.82 -17.37
C PRO F 43 23.54 32.51 -15.97
N VAL F 44 22.22 32.52 -15.83
CA VAL F 44 21.57 32.26 -14.55
C VAL F 44 20.73 31.01 -14.70
N LEU F 45 20.94 30.05 -13.81
CA LEU F 45 20.15 28.83 -13.83
C LEU F 45 18.67 29.13 -13.60
N VAL F 46 17.85 28.88 -14.62
CA VAL F 46 16.41 29.04 -14.49
C VAL F 46 15.67 27.73 -14.33
N VAL F 47 16.18 26.61 -14.87
CA VAL F 47 15.56 25.30 -14.67
C VAL F 47 16.64 24.24 -14.52
N TYR F 48 16.47 23.32 -13.58
CA TYR F 48 17.39 22.20 -13.46
C TYR F 48 16.62 20.89 -13.36
N ASP F 49 17.33 19.77 -13.55
CA ASP F 49 16.79 18.44 -13.32
C ASP F 49 15.50 18.19 -14.12
N ASP F 50 15.48 18.73 -15.35
CA ASP F 50 14.44 18.54 -16.37
C ASP F 50 13.12 19.25 -16.13
N SER F 51 12.79 19.61 -14.88
CA SER F 51 11.53 20.31 -14.67
C SER F 51 11.50 21.23 -13.45
N ASP F 52 12.56 21.33 -12.67
CA ASP F 52 12.47 21.98 -11.38
C ASP F 52 13.13 23.35 -11.41
N ARG F 53 12.67 24.22 -10.52
CA ARG F 53 13.06 25.62 -10.48
C ARG F 53 13.87 25.94 -9.23
N PRO F 54 15.02 26.56 -9.36
CA PRO F 54 15.68 27.14 -8.19
C PRO F 54 14.85 28.30 -7.66
N SER F 55 15.09 28.64 -6.40
CA SER F 55 14.36 29.73 -5.78
C SER F 55 14.69 31.04 -6.49
N GLY F 56 13.66 31.85 -6.74
CA GLY F 56 13.78 33.12 -7.43
C GLY F 56 13.22 33.11 -8.83
N ILE F 57 13.18 31.94 -9.46
CA ILE F 57 12.61 31.80 -10.81
C ILE F 57 11.09 31.68 -10.68
N PRO F 58 10.33 32.58 -11.29
CA PRO F 58 8.86 32.56 -11.10
C PRO F 58 8.25 31.28 -11.64
N GLU F 59 7.00 31.03 -11.23
CA GLU F 59 6.27 29.84 -11.67
C GLU F 59 5.87 29.90 -13.14
N ARG F 60 6.26 30.95 -13.86
CA ARG F 60 5.98 31.04 -15.29
C ARG F 60 6.85 30.08 -16.10
N PHE F 61 8.00 29.68 -15.57
CA PHE F 61 8.95 28.84 -16.28
C PHE F 61 8.68 27.38 -15.93
N SER F 62 8.65 26.52 -16.96
CA SER F 62 8.41 25.10 -16.72
C SER F 62 9.20 24.28 -17.72
N GLY F 63 9.81 23.19 -17.24
CA GLY F 63 10.58 22.33 -18.10
C GLY F 63 9.93 20.98 -18.33
N SER F 64 10.25 20.35 -19.45
CA SER F 64 9.78 19.00 -19.75
C SER F 64 10.82 18.32 -20.61
N ASN F 65 10.77 16.98 -20.64
CA ASN F 65 11.77 16.21 -21.37
C ASN F 65 11.17 14.87 -21.76
N SER F 66 11.30 14.49 -23.04
CA SER F 66 10.80 13.20 -23.50
C SER F 66 11.43 12.86 -24.83
N GLY F 67 11.75 11.57 -25.01
CA GLY F 67 12.28 11.08 -26.26
C GLY F 67 13.52 11.79 -26.74
N ASN F 68 13.38 12.58 -27.81
CA ASN F 68 14.50 13.32 -28.38
C ASN F 68 14.29 14.83 -28.28
N THR F 69 13.45 15.30 -27.37
CA THR F 69 13.19 16.73 -27.26
C THR F 69 12.89 17.10 -25.80
N ALA F 70 13.49 18.18 -25.34
CA ALA F 70 13.24 18.73 -24.02
C ALA F 70 12.85 20.20 -24.16
N THR F 71 11.70 20.57 -23.63
CA THR F 71 11.10 21.88 -23.89
C THR F 71 11.14 22.74 -22.63
N LEU F 72 11.56 23.99 -22.80
CA LEU F 72 11.40 25.03 -21.79
C LEU F 72 10.26 25.94 -22.22
N THR F 73 9.24 26.07 -21.38
CA THR F 73 8.04 26.83 -21.70
C THR F 73 7.91 27.99 -20.73
N ILE F 74 7.79 29.19 -21.28
CA ILE F 74 7.72 30.44 -20.53
C ILE F 74 6.32 31.00 -20.74
N SER F 75 5.45 30.82 -19.74
CA SER F 75 4.12 31.39 -19.79
C SER F 75 4.18 32.88 -19.43
N ARG F 76 3.15 33.61 -19.86
CA ARG F 76 3.00 35.03 -19.55
C ARG F 76 4.27 35.81 -19.89
N VAL F 77 4.64 35.76 -21.17
CA VAL F 77 5.88 36.38 -21.61
C VAL F 77 5.88 37.86 -21.28
N GLU F 78 7.01 38.34 -20.73
CA GLU F 78 7.21 39.74 -20.42
C GLU F 78 8.35 40.29 -21.27
N ALA F 79 8.35 41.61 -21.45
CA ALA F 79 9.40 42.25 -22.24
C ALA F 79 10.77 42.02 -21.63
N GLY F 80 10.85 41.86 -20.32
CA GLY F 80 12.11 41.57 -19.66
C GLY F 80 12.63 40.17 -19.86
N ASP F 81 11.89 39.30 -20.55
CA ASP F 81 12.32 37.95 -20.82
C ASP F 81 13.15 37.82 -22.10
N GLU F 82 13.37 38.93 -22.81
CA GLU F 82 14.24 38.93 -23.99
C GLU F 82 15.65 38.51 -23.59
N ALA F 83 16.08 37.34 -24.04
CA ALA F 83 17.37 36.83 -23.57
C ALA F 83 17.77 35.60 -24.38
N ASP F 84 18.99 35.14 -24.13
CA ASP F 84 19.43 33.86 -24.66
C ASP F 84 19.12 32.75 -23.66
N TYR F 85 18.62 31.63 -24.17
CA TYR F 85 18.31 30.46 -23.35
C TYR F 85 19.12 29.28 -23.88
N TYR F 86 19.91 28.67 -23.00
CA TYR F 86 20.78 27.56 -23.35
C TYR F 86 20.38 26.33 -22.55
N CYS F 87 20.33 25.19 -23.22
CA CYS F 87 20.18 23.91 -22.54
C CYS F 87 21.53 23.25 -22.35
N GLN F 88 21.61 22.39 -21.35
CA GLN F 88 22.88 21.80 -20.95
C GLN F 88 22.64 20.43 -20.33
N VAL F 89 23.51 19.47 -20.67
CA VAL F 89 23.41 18.10 -20.16
C VAL F 89 24.80 17.61 -19.80
N TRP F 90 24.84 16.52 -19.04
CA TRP F 90 26.07 15.79 -18.75
C TRP F 90 26.20 14.62 -19.71
N ASP F 91 27.39 14.48 -20.32
CA ASP F 91 27.62 13.40 -21.27
C ASP F 91 29.06 12.94 -21.16
N SER F 92 29.27 11.76 -20.57
CA SER F 92 30.61 11.22 -20.32
C SER F 92 31.18 10.62 -21.60
N SER F 93 31.25 11.45 -22.64
CA SER F 93 31.71 11.01 -23.95
C SER F 93 32.36 12.18 -24.68
N SER F 94 33.50 11.90 -25.30
CA SER F 94 34.21 12.83 -26.17
C SER F 94 34.43 14.19 -25.51
N ASP F 95 34.97 14.14 -24.29
CA ASP F 95 35.81 15.21 -23.76
C ASP F 95 35.09 16.46 -23.26
N HIS F 96 33.80 16.60 -23.55
CA HIS F 96 33.13 17.83 -23.12
C HIS F 96 32.38 17.68 -21.80
N LEU F 97 31.73 16.54 -21.57
CA LEU F 97 31.19 16.19 -20.25
C LEU F 97 30.09 17.13 -19.81
N TYR F 98 29.90 18.22 -20.54
CA TYR F 98 28.89 19.23 -20.22
C TYR F 98 28.56 19.88 -21.57
N VAL F 99 27.47 19.43 -22.19
CA VAL F 99 27.15 19.83 -23.55
C VAL F 99 26.09 20.92 -23.48
N PHE F 100 26.46 22.13 -23.91
CA PHE F 100 25.53 23.24 -24.03
C PHE F 100 24.97 23.28 -25.44
N GLY F 101 23.73 23.79 -25.56
CA GLY F 101 23.10 23.93 -26.84
C GLY F 101 23.63 25.12 -27.61
N THR F 102 23.14 25.24 -28.85
CA THR F 102 23.52 26.37 -29.70
C THR F 102 22.94 27.68 -29.20
N GLY F 103 21.87 27.63 -28.42
CA GLY F 103 21.30 28.84 -27.85
C GLY F 103 20.13 29.39 -28.61
N THR F 104 19.10 29.85 -27.90
CA THR F 104 17.91 30.43 -28.51
C THR F 104 17.71 31.85 -28.02
N LYS F 105 17.61 32.80 -28.95
CA LYS F 105 17.30 34.17 -28.58
C LYS F 105 15.79 34.36 -28.59
N VAL F 106 15.24 34.73 -27.44
CA VAL F 106 13.83 35.06 -27.31
C VAL F 106 13.71 36.58 -27.31
N THR F 107 13.03 37.09 -28.35
CA THR F 107 12.69 38.50 -28.50
C THR F 107 11.19 38.66 -28.40
N VAL F 108 10.77 39.70 -27.66
CA VAL F 108 9.35 39.94 -27.39
C VAL F 108 8.82 40.95 -28.40
N LEU F 109 7.78 40.56 -29.13
CA LEU F 109 7.11 41.44 -30.08
C LEU F 109 6.26 42.45 -29.31
N GLY F 110 5.50 43.28 -30.03
CA GLY F 110 4.72 44.33 -29.41
C GLY F 110 5.57 45.22 -28.52
N GLN F 111 6.73 45.62 -29.02
CA GLN F 111 7.69 46.35 -28.22
C GLN F 111 8.72 47.05 -29.11
N ASP G 2 41.49 -5.21 -28.17
CA ASP G 2 42.44 -4.82 -29.21
C ASP G 2 43.34 -5.98 -29.65
N PRO G 3 43.97 -6.71 -28.70
CA PRO G 3 44.81 -7.84 -29.12
C PRO G 3 44.09 -9.18 -29.07
N HIS G 4 42.88 -9.22 -28.53
CA HIS G 4 42.15 -10.46 -28.30
C HIS G 4 40.89 -10.54 -29.15
N LEU G 5 40.99 -10.17 -30.44
CA LEU G 5 39.82 -10.19 -31.30
C LEU G 5 39.46 -11.60 -31.75
N ARG G 6 40.43 -12.51 -31.80
CA ARG G 6 40.17 -13.89 -32.22
C ARG G 6 39.83 -14.80 -31.05
N ASN G 7 39.93 -14.33 -29.82
CA ASN G 7 39.46 -15.09 -28.66
C ASN G 7 37.95 -14.96 -28.62
N ARG G 8 37.26 -15.95 -29.09
CA ARG G 8 35.86 -15.81 -29.40
C ARG G 8 34.99 -16.13 -28.18
N PRO G 9 33.84 -15.45 -28.07
CA PRO G 9 32.86 -15.83 -27.06
C PRO G 9 32.13 -17.10 -27.48
N GLY G 10 31.82 -17.93 -26.49
CA GLY G 10 31.16 -19.18 -26.82
C GLY G 10 32.12 -20.17 -27.47
N LYS G 11 31.57 -21.02 -28.33
CA LYS G 11 32.36 -22.09 -28.92
C LYS G 11 33.36 -21.57 -29.95
N GLY G 12 33.03 -20.45 -30.61
CA GLY G 12 33.94 -19.87 -31.59
C GLY G 12 33.95 -20.54 -32.93
N HIS G 13 32.87 -21.20 -33.32
CA HIS G 13 32.80 -21.90 -34.60
C HIS G 13 32.39 -20.92 -35.70
N ASN G 14 33.20 -20.86 -36.76
CA ASN G 14 32.97 -19.95 -37.87
C ASN G 14 33.02 -20.72 -39.18
N TYR G 15 32.29 -21.82 -39.25
CA TYR G 15 32.11 -22.58 -40.48
C TYR G 15 30.62 -22.73 -40.77
N ILE G 16 30.30 -22.91 -42.04
CA ILE G 16 28.93 -23.22 -42.42
C ILE G 16 28.80 -24.73 -42.50
N ASP G 17 27.59 -25.24 -42.22
CA ASP G 17 27.43 -26.67 -41.98
C ASP G 17 27.78 -27.50 -43.20
N GLY G 18 27.57 -26.99 -44.40
CA GLY G 18 27.87 -27.76 -45.59
C GLY G 18 29.34 -27.89 -45.91
N MET G 19 30.20 -27.15 -45.23
CA MET G 19 31.63 -27.07 -45.58
C MET G 19 32.45 -27.36 -44.33
N THR G 20 33.18 -28.47 -44.35
CA THR G 20 33.85 -29.04 -43.18
C THR G 20 35.37 -28.81 -43.17
N GLN G 21 36.02 -28.91 -44.33
CA GLN G 21 37.48 -29.01 -44.40
C GLN G 21 38.22 -27.88 -43.71
N GLU G 22 37.56 -26.76 -43.37
CA GLU G 22 38.21 -25.67 -42.67
C GLU G 22 37.99 -25.73 -41.16
N ASP G 23 37.59 -26.88 -40.63
CA ASP G 23 37.36 -27.00 -39.19
C ASP G 23 38.67 -26.94 -38.40
N ALA G 24 39.78 -27.37 -39.00
CA ALA G 24 41.05 -27.39 -38.28
C ALA G 24 41.50 -25.99 -37.86
N THR G 25 40.91 -24.94 -38.43
CA THR G 25 41.28 -23.57 -38.11
C THR G 25 40.10 -22.63 -37.88
N CYS G 26 38.89 -23.00 -38.29
CA CYS G 26 37.69 -22.23 -37.96
C CYS G 26 36.90 -22.84 -36.82
N LYS G 27 37.21 -24.07 -36.40
CA LYS G 27 36.47 -24.80 -35.38
C LYS G 27 37.46 -25.22 -34.29
N PRO G 28 37.76 -24.33 -33.33
CA PRO G 28 37.26 -22.95 -33.29
C PRO G 28 38.25 -21.96 -33.87
N VAL G 29 37.92 -20.68 -33.82
CA VAL G 29 38.84 -19.62 -34.20
C VAL G 29 39.62 -19.18 -32.98
N THR G 30 40.94 -19.11 -33.10
CA THR G 30 41.80 -18.76 -31.97
C THR G 30 42.88 -17.81 -32.46
N TYR G 31 43.90 -17.58 -31.62
CA TYR G 31 44.91 -16.59 -31.92
C TYR G 31 45.67 -16.91 -33.21
N ALA G 32 45.91 -18.18 -33.47
CA ALA G 32 46.65 -18.61 -34.65
C ALA G 32 45.70 -19.16 -35.71
N GLY G 33 46.19 -19.21 -36.93
CA GLY G 33 45.46 -19.79 -38.04
C GLY G 33 44.64 -18.75 -38.79
N ALA G 34 44.21 -19.13 -39.99
CA ALA G 34 43.40 -18.29 -40.85
C ALA G 34 42.04 -18.92 -41.07
N CYS G 35 41.02 -18.08 -41.23
CA CYS G 35 39.65 -18.58 -41.44
C CYS G 35 38.96 -17.64 -42.42
N SER G 36 38.69 -18.12 -43.63
CA SER G 36 38.10 -17.28 -44.67
C SER G 36 36.69 -16.82 -44.35
N SER G 37 36.03 -17.44 -43.37
CA SER G 37 34.67 -17.03 -43.01
C SER G 37 34.65 -15.91 -41.99
N PHE G 38 35.76 -15.67 -41.29
CA PHE G 38 35.77 -14.70 -40.20
C PHE G 38 36.88 -13.67 -40.32
N ASP G 39 38.01 -14.06 -40.93
CA ASP G 39 39.12 -13.12 -41.11
C ASP G 39 38.67 -11.86 -41.84
N VAL G 40 37.85 -12.01 -42.88
CA VAL G 40 37.39 -10.88 -43.68
C VAL G 40 36.63 -9.87 -42.82
N LEU G 41 36.14 -10.28 -41.65
CA LEU G 41 35.42 -9.37 -40.78
C LEU G 41 36.33 -8.37 -40.06
N LEU G 42 37.65 -8.56 -40.12
CA LEU G 42 38.56 -7.73 -39.34
C LEU G 42 39.31 -6.70 -40.16
N GLU G 43 39.13 -6.67 -41.48
CA GLU G 43 39.69 -5.60 -42.30
C GLU G 43 38.98 -4.29 -41.95
N LYS G 44 39.73 -3.33 -41.40
CA LYS G 44 39.12 -2.15 -40.82
C LYS G 44 38.45 -1.30 -41.90
N GLY G 45 37.44 -0.53 -41.46
CA GLY G 45 36.60 0.21 -42.38
C GLY G 45 35.51 -0.65 -42.96
N LYS G 46 35.79 -1.93 -43.12
CA LYS G 46 34.82 -2.90 -43.61
C LYS G 46 34.25 -3.68 -42.43
N PHE G 47 32.92 -3.78 -42.39
CA PHE G 47 32.17 -4.32 -41.26
C PHE G 47 32.38 -3.45 -40.02
N PRO G 48 32.04 -2.16 -40.06
CA PRO G 48 32.26 -1.33 -38.87
C PRO G 48 31.36 -1.67 -37.70
N LEU G 49 30.12 -2.09 -37.94
CA LEU G 49 29.21 -2.38 -36.84
C LEU G 49 29.69 -3.58 -36.02
N PHE G 50 30.17 -4.62 -36.70
CA PHE G 50 30.71 -5.77 -35.97
C PHE G 50 32.01 -5.41 -35.27
N GLN G 51 32.90 -4.68 -35.95
CA GLN G 51 34.15 -4.27 -35.33
C GLN G 51 33.92 -3.40 -34.10
N SER G 52 32.78 -2.69 -34.05
CA SER G 52 32.40 -1.99 -32.83
C SER G 52 32.15 -2.98 -31.70
N TYR G 53 31.20 -3.89 -31.90
CA TYR G 53 30.89 -4.91 -30.90
C TYR G 53 31.63 -6.22 -31.26
N ALA G 54 32.96 -6.13 -31.24
CA ALA G 54 33.78 -7.22 -31.75
C ALA G 54 33.69 -8.48 -30.91
N HIS G 55 33.40 -8.34 -29.61
CA HIS G 55 33.35 -9.50 -28.73
C HIS G 55 31.97 -10.12 -28.63
N HIS G 56 31.06 -9.74 -29.50
CA HIS G 56 29.79 -10.46 -29.67
C HIS G 56 29.89 -11.42 -30.85
N ARG G 57 28.94 -12.34 -30.92
CA ARG G 57 29.04 -13.46 -31.86
C ARG G 57 28.70 -13.04 -33.28
N THR G 58 29.28 -13.76 -34.24
CA THR G 58 28.95 -13.60 -35.65
C THR G 58 27.76 -14.50 -35.98
N LEU G 59 27.38 -14.54 -37.26
CA LEU G 59 26.20 -15.30 -37.65
C LEU G 59 26.46 -16.80 -37.58
N LEU G 60 27.50 -17.27 -38.28
CA LEU G 60 27.92 -18.67 -38.13
C LEU G 60 28.22 -18.99 -36.68
N GLU G 61 28.86 -18.03 -35.97
CA GLU G 61 29.12 -18.22 -34.56
C GLU G 61 27.83 -18.36 -33.76
N ALA G 62 26.77 -17.67 -34.19
CA ALA G 62 25.50 -17.74 -33.47
C ALA G 62 24.74 -19.02 -33.76
N VAL G 63 24.83 -19.55 -34.98
CA VAL G 63 24.05 -20.73 -35.31
C VAL G 63 24.64 -21.98 -34.65
N HIS G 64 25.95 -22.00 -34.44
CA HIS G 64 26.59 -23.13 -33.78
C HIS G 64 26.50 -23.05 -32.25
N ASP G 65 26.02 -21.93 -31.71
CA ASP G 65 25.63 -21.84 -30.32
C ASP G 65 24.12 -21.90 -30.14
N THR G 66 23.40 -22.33 -31.18
CA THR G 66 21.95 -22.55 -31.19
C THR G 66 21.15 -21.26 -31.03
N ILE G 67 21.80 -20.09 -31.08
CA ILE G 67 21.08 -18.84 -30.93
C ILE G 67 20.20 -18.58 -32.15
N ILE G 68 20.75 -18.76 -33.35
CA ILE G 68 20.03 -18.53 -34.59
C ILE G 68 19.85 -19.86 -35.31
N ALA G 69 18.63 -20.10 -35.79
CA ALA G 69 18.32 -21.34 -36.47
C ALA G 69 18.72 -21.29 -37.94
N LYS G 70 18.88 -22.46 -38.53
CA LYS G 70 19.17 -22.59 -39.95
C LYS G 70 17.88 -22.72 -40.73
N ALA G 71 17.90 -22.24 -41.97
CA ALA G 71 16.71 -22.33 -42.80
C ALA G 71 16.64 -23.67 -43.50
N ASP G 72 15.44 -24.01 -43.97
CA ASP G 72 15.36 -25.05 -44.98
C ASP G 72 16.08 -24.49 -46.21
N PRO G 73 16.23 -25.26 -47.27
CA PRO G 73 17.58 -25.62 -47.74
C PRO G 73 18.60 -24.58 -47.32
N PRO G 74 19.64 -25.01 -46.59
CA PRO G 74 20.62 -24.03 -46.09
C PRO G 74 21.35 -23.30 -47.20
N SER G 75 21.44 -23.89 -48.38
CA SER G 75 22.10 -23.30 -49.53
C SER G 75 21.17 -23.34 -50.73
N CYS G 76 20.91 -22.20 -51.34
CA CYS G 76 20.14 -22.15 -52.58
C CYS G 76 21.08 -22.21 -53.77
N ASP G 77 20.68 -22.99 -54.77
CA ASP G 77 21.52 -23.20 -55.94
C ASP G 77 21.28 -22.10 -56.97
N LEU G 78 22.38 -21.63 -57.58
CA LEU G 78 22.32 -20.69 -58.69
C LEU G 78 22.50 -21.38 -60.04
N GLN G 79 22.28 -22.69 -60.09
CA GLN G 79 22.39 -23.47 -61.31
C GLN G 79 21.17 -24.34 -61.60
N SER G 80 20.25 -24.46 -60.65
CA SER G 80 19.15 -25.42 -60.75
C SER G 80 18.09 -24.90 -61.71
N ALA G 81 16.91 -25.54 -61.68
CA ALA G 81 15.76 -25.07 -62.46
C ALA G 81 15.62 -23.55 -62.33
N HIS G 82 15.41 -23.07 -61.12
CA HIS G 82 15.77 -21.69 -60.84
C HIS G 82 16.57 -21.52 -59.56
N GLY G 83 16.29 -22.31 -58.53
CA GLY G 83 16.89 -22.06 -57.22
C GLY G 83 16.27 -20.88 -56.52
N ASN G 84 14.94 -20.78 -56.57
CA ASN G 84 14.15 -19.62 -56.15
C ASN G 84 14.19 -19.26 -54.67
N PRO G 85 14.21 -20.22 -53.72
CA PRO G 85 13.99 -19.86 -52.31
C PRO G 85 14.81 -18.68 -51.80
N CYS G 86 16.03 -18.47 -52.29
CA CYS G 86 16.83 -17.34 -51.85
C CYS G 86 16.84 -16.18 -52.83
N MET G 87 16.69 -16.45 -54.13
CA MET G 87 16.93 -15.43 -55.15
C MET G 87 16.08 -14.18 -54.93
N LYS G 88 14.82 -14.36 -54.51
CA LYS G 88 13.95 -13.21 -54.31
C LYS G 88 14.50 -12.28 -53.24
N GLU G 89 15.08 -12.84 -52.18
CA GLU G 89 15.69 -12.02 -51.13
C GLU G 89 17.08 -11.53 -51.53
N LYS G 90 17.79 -12.31 -52.34
CA LYS G 90 19.17 -11.99 -52.66
C LYS G 90 19.25 -10.84 -53.66
N LEU G 91 18.33 -10.80 -54.62
CA LEU G 91 18.38 -9.77 -55.65
C LEU G 91 18.17 -8.37 -55.07
N VAL G 92 17.29 -8.26 -54.07
CA VAL G 92 16.98 -6.94 -53.50
C VAL G 92 18.15 -6.34 -52.74
N MET G 93 19.17 -7.12 -52.42
CA MET G 93 20.33 -6.62 -51.68
C MET G 93 21.54 -6.58 -52.60
N LYS G 94 22.19 -5.41 -52.65
CA LYS G 94 23.42 -5.24 -53.43
C LYS G 94 24.60 -5.61 -52.55
N THR G 95 25.30 -6.68 -52.90
CA THR G 95 26.47 -7.14 -52.18
C THR G 95 27.63 -7.29 -53.16
N HIS G 96 28.82 -7.56 -52.62
CA HIS G 96 30.02 -7.70 -53.43
C HIS G 96 30.85 -8.86 -52.87
N CYS G 97 30.89 -9.97 -53.61
CA CYS G 97 31.62 -11.16 -53.19
C CYS G 97 33.01 -11.16 -53.80
N PRO G 98 34.07 -11.29 -53.01
CA PRO G 98 35.41 -11.45 -53.58
C PRO G 98 35.52 -12.74 -54.37
N ASN G 99 36.66 -12.90 -55.02
CA ASN G 99 36.90 -14.11 -55.79
C ASN G 99 37.04 -15.32 -54.87
N ASP G 100 36.87 -16.50 -55.46
CA ASP G 100 37.16 -17.81 -54.88
C ASP G 100 36.15 -18.27 -53.84
N TYR G 101 35.05 -17.55 -53.65
CA TYR G 101 34.05 -17.93 -52.65
C TYR G 101 32.96 -18.78 -53.29
N GLN G 102 32.73 -19.95 -52.71
CA GLN G 102 31.68 -20.86 -53.16
C GLN G 102 30.35 -20.62 -52.46
N SER G 103 30.37 -20.03 -51.26
CA SER G 103 29.16 -19.85 -50.47
C SER G 103 29.14 -18.45 -49.87
N ALA G 104 27.94 -17.96 -49.57
CA ALA G 104 27.77 -16.68 -48.92
C ALA G 104 26.48 -16.70 -48.10
N HIS G 105 26.58 -16.42 -46.81
CA HIS G 105 25.46 -16.56 -45.89
C HIS G 105 24.95 -15.21 -45.42
N TYR G 106 23.74 -15.23 -44.87
CA TYR G 106 23.07 -14.03 -44.38
C TYR G 106 21.86 -14.44 -43.56
N LEU G 107 21.24 -13.47 -42.90
CA LEU G 107 19.98 -13.66 -42.20
C LEU G 107 18.83 -13.41 -43.17
N ASN G 108 18.01 -14.43 -43.41
CA ASN G 108 16.86 -14.24 -44.28
C ASN G 108 15.79 -13.41 -43.58
N ASN G 109 14.77 -13.02 -44.34
CA ASN G 109 13.70 -12.22 -43.76
C ASN G 109 12.96 -12.97 -42.65
N ASP G 110 13.08 -14.30 -42.62
CA ASP G 110 12.39 -15.10 -41.63
C ASP G 110 13.12 -15.15 -40.29
N GLY G 111 14.35 -14.63 -40.22
CA GLY G 111 15.13 -14.67 -39.01
C GLY G 111 16.13 -15.81 -38.91
N LYS G 112 16.14 -16.71 -39.87
CA LYS G 112 17.09 -17.83 -39.89
C LYS G 112 18.27 -17.50 -40.79
N MET G 113 19.30 -18.34 -40.71
CA MET G 113 20.49 -18.14 -41.54
C MET G 113 20.31 -18.90 -42.85
N ALA G 114 20.12 -18.15 -43.94
CA ALA G 114 20.13 -18.72 -45.27
C ALA G 114 21.51 -18.48 -45.89
N SER G 115 21.75 -19.18 -47.00
CA SER G 115 22.99 -18.99 -47.73
C SER G 115 22.75 -19.28 -49.20
N VAL G 116 23.57 -18.68 -50.04
CA VAL G 116 23.55 -18.90 -51.48
C VAL G 116 24.90 -19.51 -51.85
N LYS G 117 24.86 -20.62 -52.61
CA LYS G 117 26.03 -21.45 -52.80
C LYS G 117 26.07 -21.98 -54.23
N CYS G 118 27.27 -22.27 -54.70
CA CYS G 118 27.52 -22.78 -56.05
C CYS G 118 27.89 -24.25 -56.02
N PRO G 119 27.70 -24.97 -57.13
CA PRO G 119 28.16 -26.36 -57.21
C PRO G 119 29.68 -26.44 -57.13
N PRO G 120 30.24 -27.62 -56.96
CA PRO G 120 31.69 -27.73 -56.71
C PRO G 120 32.52 -27.09 -57.82
N LYS G 121 33.59 -26.40 -57.39
CA LYS G 121 34.56 -25.75 -58.27
C LYS G 121 33.94 -24.65 -59.12
N TYR G 122 32.83 -24.08 -58.67
CA TYR G 122 32.28 -22.84 -59.21
C TYR G 122 32.33 -21.77 -58.14
N GLU G 123 32.44 -20.51 -58.57
CA GLU G 123 32.59 -19.39 -57.66
C GLU G 123 31.50 -18.36 -57.91
N LEU G 124 31.24 -17.55 -56.88
CA LEU G 124 30.24 -16.51 -56.96
C LEU G 124 30.80 -15.30 -57.69
N THR G 125 29.94 -14.66 -58.48
CA THR G 125 30.34 -13.46 -59.21
C THR G 125 30.49 -12.28 -58.26
N GLU G 126 31.00 -11.17 -58.79
CA GLU G 126 31.31 -10.01 -57.95
C GLU G 126 30.08 -9.33 -57.39
N ASP G 127 28.87 -9.75 -57.79
CA ASP G 127 27.64 -9.25 -57.19
C ASP G 127 26.90 -10.32 -56.39
N CYS G 128 27.48 -11.52 -56.26
CA CYS G 128 26.96 -12.63 -55.47
C CYS G 128 25.65 -13.20 -56.01
N ASN G 129 25.31 -12.90 -57.26
CA ASN G 129 24.04 -13.32 -57.83
C ASN G 129 24.15 -14.51 -58.77
N PHE G 130 25.36 -14.88 -59.19
CA PHE G 130 25.54 -15.91 -60.20
C PHE G 130 26.73 -16.78 -59.83
N CYS G 131 26.82 -17.92 -60.51
CA CYS G 131 27.94 -18.84 -60.37
C CYS G 131 28.65 -18.96 -61.70
N ARG G 132 29.98 -19.03 -61.65
CA ARG G 132 30.79 -19.20 -62.85
C ARG G 132 31.92 -20.18 -62.55
N GLN G 133 32.32 -20.94 -63.56
CA GLN G 133 33.44 -21.86 -63.41
C GLN G 133 34.66 -21.12 -62.89
N MET G 134 35.23 -21.64 -61.80
CA MET G 134 36.25 -20.90 -61.06
C MET G 134 37.44 -20.57 -61.95
N THR G 135 38.01 -19.39 -61.76
CA THR G 135 39.09 -18.89 -62.60
C THR G 135 40.47 -19.26 -62.06
N GLY G 136 40.57 -19.64 -60.80
CA GLY G 136 41.82 -20.07 -60.21
C GLY G 136 41.91 -21.57 -60.10
N ALA G 137 42.71 -22.04 -59.13
CA ALA G 137 42.81 -23.45 -58.83
C ALA G 137 42.29 -23.82 -57.45
N SER G 138 42.24 -22.86 -56.53
CA SER G 138 41.81 -23.10 -55.16
C SER G 138 40.62 -22.20 -54.84
N LEU G 139 39.54 -22.80 -54.37
CA LEU G 139 38.41 -22.05 -53.85
C LEU G 139 38.56 -21.84 -52.36
N LYS G 140 38.01 -20.73 -51.87
CA LYS G 140 37.94 -20.53 -50.43
C LYS G 140 37.09 -21.62 -49.79
N LYS G 141 37.54 -22.09 -48.62
CA LYS G 141 36.87 -23.16 -47.91
C LYS G 141 35.88 -22.64 -46.87
N GLY G 142 35.41 -21.40 -47.03
CA GLY G 142 34.45 -20.84 -46.12
C GLY G 142 33.26 -20.21 -46.81
N SER G 143 32.44 -19.50 -46.06
CA SER G 143 31.28 -18.78 -46.59
C SER G 143 31.42 -17.32 -46.24
N TYR G 144 31.17 -16.44 -47.22
CA TYR G 144 31.40 -15.01 -47.05
C TYR G 144 30.17 -14.34 -46.46
N PRO G 145 30.28 -13.69 -45.30
CA PRO G 145 29.12 -13.01 -44.72
C PRO G 145 28.71 -11.80 -45.56
N LEU G 146 27.41 -11.67 -45.81
CA LEU G 146 26.87 -10.61 -46.65
C LEU G 146 26.30 -9.45 -45.85
N GLN G 147 26.46 -9.42 -44.53
CA GLN G 147 25.86 -8.39 -43.70
C GLN G 147 26.84 -7.96 -42.63
N ASP G 148 26.71 -6.71 -42.19
CA ASP G 148 27.50 -6.22 -41.06
C ASP G 148 26.71 -6.46 -39.78
N LEU G 149 27.14 -7.44 -38.98
CA LEU G 149 26.18 -8.03 -38.06
C LEU G 149 26.86 -8.51 -36.79
N PHE G 150 26.10 -8.54 -35.70
CA PHE G 150 26.52 -9.16 -34.45
C PHE G 150 25.29 -9.76 -33.78
N CYS G 151 25.53 -10.74 -32.89
CA CYS G 151 24.46 -11.51 -32.28
C CYS G 151 24.77 -11.81 -30.82
N GLN G 152 23.73 -12.20 -30.10
CA GLN G 152 23.83 -12.52 -28.68
C GLN G 152 22.67 -13.44 -28.31
N SER G 153 22.76 -14.03 -27.12
CA SER G 153 21.68 -14.86 -26.60
C SER G 153 20.59 -13.99 -26.00
N SER G 154 19.34 -14.36 -26.25
CA SER G 154 18.23 -13.57 -25.74
C SER G 154 16.97 -14.42 -25.68
N GLU G 155 16.16 -14.16 -24.67
CA GLU G 155 14.84 -14.77 -24.51
C GLU G 155 13.71 -13.75 -24.59
N ASP G 156 14.02 -12.50 -24.89
CA ASP G 156 13.01 -11.44 -24.94
C ASP G 156 12.09 -11.66 -26.13
N ASP G 157 10.80 -11.84 -25.85
CA ASP G 157 9.83 -12.09 -26.91
C ASP G 157 9.55 -10.80 -27.68
N GLY G 158 9.62 -10.89 -29.00
CA GLY G 158 9.36 -9.74 -29.84
C GLY G 158 8.36 -10.01 -30.94
N SER G 159 7.42 -10.92 -30.68
CA SER G 159 6.41 -11.25 -31.69
C SER G 159 5.52 -10.07 -32.01
N LYS G 160 5.30 -9.17 -31.04
CA LYS G 160 4.49 -7.98 -31.26
C LYS G 160 5.17 -6.97 -32.18
N LEU G 161 6.46 -7.11 -32.43
CA LEU G 161 7.21 -6.11 -33.18
C LEU G 161 7.08 -6.34 -34.68
N LYS G 162 7.34 -5.27 -35.44
CA LYS G 162 7.19 -5.25 -36.89
C LYS G 162 7.87 -4.01 -37.43
N THR G 163 8.31 -4.08 -38.67
CA THR G 163 9.01 -2.97 -39.30
C THR G 163 8.07 -1.78 -39.48
N LYS G 164 8.52 -0.60 -39.02
CA LYS G 164 7.82 0.65 -39.30
C LYS G 164 8.86 1.69 -39.71
N MET G 165 8.73 2.19 -40.94
CA MET G 165 9.64 3.20 -41.48
C MET G 165 8.80 4.29 -42.14
N LYS G 166 9.08 5.54 -41.78
CA LYS G 166 8.30 6.66 -42.29
C LYS G 166 8.54 6.84 -43.78
N GLY G 167 7.45 6.93 -44.55
CA GLY G 167 7.53 7.20 -45.96
C GLY G 167 8.15 6.11 -46.80
N VAL G 168 8.17 4.87 -46.31
CA VAL G 168 8.75 3.74 -47.04
C VAL G 168 7.62 2.84 -47.50
N CYS G 169 7.65 2.46 -48.78
CA CYS G 169 6.68 1.54 -49.36
C CYS G 169 7.20 0.12 -49.39
N GLU G 170 8.45 -0.07 -49.84
CA GLU G 170 9.08 -1.38 -49.84
C GLU G 170 10.49 -1.23 -49.30
N VAL G 171 10.89 -2.15 -48.41
CA VAL G 171 12.25 -2.22 -47.91
C VAL G 171 12.72 -3.65 -48.05
N GLY G 172 13.58 -3.90 -49.02
CA GLY G 172 13.99 -5.27 -49.31
C GLY G 172 12.80 -6.09 -49.77
N VAL G 173 12.67 -7.29 -49.20
CA VAL G 173 11.53 -8.13 -49.53
C VAL G 173 10.24 -7.55 -48.97
N GLN G 174 10.31 -6.99 -47.76
CA GLN G 174 9.11 -6.53 -47.06
C GLN G 174 8.41 -5.42 -47.84
N ALA G 175 7.10 -5.56 -47.99
CA ALA G 175 6.26 -4.52 -48.57
C ALA G 175 5.42 -3.94 -47.43
N LEU G 176 5.80 -2.75 -46.98
CA LEU G 176 5.14 -2.15 -45.82
C LEU G 176 3.74 -1.68 -46.17
N LYS G 177 3.56 -1.10 -47.35
CA LYS G 177 2.24 -0.69 -47.81
C LYS G 177 2.28 -0.55 -49.34
N LYS G 178 1.12 -0.26 -49.92
CA LYS G 178 1.02 0.04 -51.33
C LYS G 178 0.97 1.55 -51.52
N CYS G 179 1.74 2.04 -52.50
CA CYS G 179 1.91 3.47 -52.71
C CYS G 179 1.44 3.84 -54.10
N ASP G 180 0.66 4.91 -54.19
CA ASP G 180 0.22 5.46 -55.47
C ASP G 180 1.11 6.58 -55.97
N GLY G 181 2.02 7.09 -55.14
CA GLY G 181 2.81 8.24 -55.52
C GLY G 181 4.05 7.88 -56.30
N GLN G 182 4.58 8.89 -57.01
CA GLN G 182 5.88 8.76 -57.64
C GLN G 182 6.93 8.44 -56.59
N LEU G 183 7.66 7.34 -56.77
CA LEU G 183 8.53 6.80 -55.75
C LEU G 183 9.99 7.06 -56.08
N SER G 184 10.79 7.21 -55.03
CA SER G 184 12.25 7.27 -55.15
C SER G 184 12.82 5.92 -54.76
N THR G 185 13.62 5.33 -55.65
CA THR G 185 14.17 4.00 -55.47
C THR G 185 15.69 4.10 -55.32
N ALA G 186 16.22 3.52 -54.25
CA ALA G 186 17.66 3.58 -54.05
C ALA G 186 18.14 2.44 -53.17
N HIS G 187 19.37 2.00 -53.40
CA HIS G 187 20.01 1.04 -52.51
C HIS G 187 20.48 1.78 -51.26
N GLU G 188 19.93 1.40 -50.10
CA GLU G 188 20.26 2.03 -48.84
C GLU G 188 20.83 1.00 -47.88
N VAL G 189 21.78 1.45 -47.05
CA VAL G 189 22.32 0.62 -45.98
C VAL G 189 21.36 0.78 -44.79
N VAL G 190 20.45 -0.17 -44.65
CA VAL G 190 19.42 -0.09 -43.61
C VAL G 190 19.85 -0.96 -42.43
N PRO G 191 19.63 -0.50 -41.19
CA PRO G 191 19.81 -1.37 -40.03
C PRO G 191 18.59 -2.25 -39.81
N PHE G 192 18.81 -3.29 -39.01
CA PHE G 192 17.76 -4.27 -38.72
C PHE G 192 18.18 -5.05 -37.48
N ALA G 193 17.21 -5.76 -36.92
CA ALA G 193 17.46 -6.65 -35.79
C ALA G 193 16.42 -7.76 -35.78
N VAL G 194 16.85 -8.95 -35.39
CA VAL G 194 15.98 -10.11 -35.25
C VAL G 194 15.93 -10.52 -33.79
N PHE G 195 14.73 -10.85 -33.33
CA PHE G 195 14.38 -11.13 -31.94
C PHE G 195 13.89 -12.58 -31.85
N LYS G 196 13.40 -12.96 -30.67
CA LYS G 196 13.06 -14.36 -30.42
C LYS G 196 11.99 -14.86 -31.39
N ASN G 197 10.80 -14.26 -31.36
CA ASN G 197 9.67 -14.69 -32.18
C ASN G 197 9.30 -13.65 -33.23
N SER G 198 10.29 -13.01 -33.82
CA SER G 198 10.06 -11.95 -34.78
C SER G 198 10.71 -12.29 -36.11
N LYS G 199 10.29 -11.57 -37.15
CA LYS G 199 10.96 -11.60 -38.44
C LYS G 199 12.02 -10.51 -38.45
N LYS G 200 12.66 -10.30 -39.61
CA LYS G 200 13.64 -9.22 -39.73
C LYS G 200 12.93 -7.88 -39.64
N VAL G 201 13.32 -7.08 -38.65
CA VAL G 201 12.67 -5.79 -38.38
C VAL G 201 13.62 -4.69 -38.83
N TYR G 202 13.27 -4.01 -39.92
CA TYR G 202 14.05 -2.87 -40.39
C TYR G 202 13.75 -1.64 -39.55
N LEU G 203 14.72 -0.73 -39.52
CA LEU G 203 14.70 0.39 -38.59
C LEU G 203 15.04 1.69 -39.31
N ASP G 204 14.52 2.80 -38.77
CA ASP G 204 14.94 4.12 -39.21
C ASP G 204 16.21 4.55 -38.47
N LYS G 205 16.16 4.55 -37.14
CA LYS G 205 17.32 4.84 -36.31
C LYS G 205 17.87 3.55 -35.73
N LEU G 206 19.17 3.56 -35.42
CA LEU G 206 19.83 2.47 -34.71
C LEU G 206 20.34 3.01 -33.38
N ASP G 207 19.59 2.75 -32.31
CA ASP G 207 19.94 3.20 -30.97
C ASP G 207 20.20 1.96 -30.12
N LEU G 208 21.47 1.74 -29.77
CA LEU G 208 21.88 0.58 -28.99
C LEU G 208 22.45 1.03 -27.65
N LYS G 209 22.33 0.17 -26.65
CA LYS G 209 22.94 0.43 -25.34
C LYS G 209 23.47 -0.87 -24.77
N THR G 210 24.69 -0.84 -24.25
CA THR G 210 25.37 -2.03 -23.73
C THR G 210 25.47 -1.94 -22.22
N GLU G 211 24.92 -2.94 -21.53
CA GLU G 211 25.04 -3.08 -20.09
C GLU G 211 26.15 -4.08 -19.80
N GLU G 212 27.23 -3.62 -19.17
CA GLU G 212 28.35 -4.50 -18.85
C GLU G 212 28.03 -5.35 -17.63
N ASN G 213 28.63 -6.52 -17.57
CA ASN G 213 28.41 -7.46 -16.47
C ASN G 213 29.64 -8.35 -16.33
N LEU G 214 29.64 -9.16 -15.28
CA LEU G 214 30.74 -10.08 -14.97
C LEU G 214 30.42 -11.51 -15.40
N LEU G 215 29.60 -11.68 -16.43
CA LEU G 215 29.23 -12.99 -16.93
C LEU G 215 30.42 -13.62 -17.67
N PRO G 216 30.36 -14.92 -17.97
CA PRO G 216 31.51 -15.56 -18.64
C PRO G 216 31.88 -14.94 -19.98
N ASP G 217 30.90 -14.68 -20.85
CA ASP G 217 31.19 -14.13 -22.18
C ASP G 217 31.75 -12.72 -22.14
N SER G 218 31.82 -12.07 -20.97
CA SER G 218 32.43 -10.76 -20.84
C SER G 218 33.93 -10.83 -20.58
N PHE G 219 34.51 -12.02 -20.54
CA PHE G 219 35.93 -12.21 -20.29
C PHE G 219 36.58 -12.96 -21.44
N VAL G 220 37.89 -12.80 -21.54
CA VAL G 220 38.74 -13.57 -22.45
C VAL G 220 39.94 -14.07 -21.66
N CYS G 221 40.12 -15.39 -21.63
CA CYS G 221 41.23 -16.01 -20.90
C CYS G 221 42.26 -16.52 -21.90
N PHE G 222 43.53 -16.45 -21.53
CA PHE G 222 44.59 -16.91 -22.40
C PHE G 222 45.77 -17.43 -21.58
N GLU G 223 46.44 -18.44 -22.15
CA GLU G 223 47.63 -19.04 -21.56
C GLU G 223 48.74 -19.09 -22.60
N HIS G 224 49.82 -19.79 -22.29
CA HIS G 224 50.91 -19.96 -23.26
C HIS G 224 50.79 -21.28 -24.01
N ARG G 239 54.59 -13.84 -29.09
CA ARG G 239 53.21 -14.27 -28.95
C ARG G 239 53.07 -15.76 -29.30
N GLU G 240 52.68 -16.55 -28.31
CA GLU G 240 52.27 -17.94 -28.51
C GLU G 240 50.98 -18.21 -27.74
N LEU G 241 50.05 -17.26 -27.80
CA LEU G 241 48.83 -17.34 -27.03
C LEU G 241 47.84 -18.30 -27.66
N LYS G 242 47.15 -19.07 -26.81
CA LYS G 242 46.04 -19.89 -27.24
C LYS G 242 44.90 -19.74 -26.24
N SER G 243 43.68 -19.82 -26.75
CA SER G 243 42.50 -19.63 -25.91
C SER G 243 42.40 -20.71 -24.84
N PHE G 244 41.67 -20.40 -23.78
CA PHE G 244 41.53 -21.29 -22.64
C PHE G 244 40.16 -21.09 -22.02
N ASP G 245 39.41 -22.18 -21.84
CA ASP G 245 38.03 -22.10 -21.39
C ASP G 245 37.96 -21.55 -19.97
N ILE G 246 37.13 -20.52 -19.78
CA ILE G 246 36.99 -19.90 -18.47
C ILE G 246 36.21 -20.78 -17.50
N SER G 247 35.46 -21.77 -18.01
CA SER G 247 34.71 -22.65 -17.13
C SER G 247 35.60 -23.52 -16.26
N GLN G 248 36.89 -23.63 -16.61
CA GLN G 248 37.83 -24.37 -15.78
C GLN G 248 38.36 -23.56 -14.60
N CYS G 249 38.22 -22.23 -14.64
CA CYS G 249 38.61 -21.41 -13.51
C CYS G 249 37.56 -21.49 -12.41
N PRO G 250 37.94 -21.78 -11.17
CA PRO G 250 36.97 -21.82 -10.08
C PRO G 250 36.59 -20.41 -9.64
N LYS G 251 35.29 -20.21 -9.40
CA LYS G 251 34.82 -18.96 -8.84
C LYS G 251 35.21 -18.88 -7.36
N ILE G 252 35.08 -17.67 -6.80
CA ILE G 252 35.30 -17.51 -5.37
C ILE G 252 34.33 -18.39 -4.62
N GLY G 253 34.86 -19.22 -3.73
CA GLY G 253 34.03 -20.19 -3.03
C GLY G 253 33.46 -21.23 -3.96
N GLY G 254 34.31 -21.82 -4.79
CA GLY G 254 33.89 -22.85 -5.73
C GLY G 254 34.96 -23.88 -6.01
N HIS G 255 34.72 -24.73 -7.00
CA HIS G 255 35.64 -25.80 -7.37
C HIS G 255 36.02 -25.65 -8.84
N GLY G 256 37.30 -25.91 -9.14
CA GLY G 256 37.78 -25.81 -10.50
C GLY G 256 38.94 -26.75 -10.74
N SER G 257 39.18 -27.05 -12.02
CA SER G 257 40.23 -27.97 -12.42
C SER G 257 41.56 -27.28 -12.68
N LYS G 258 41.57 -25.96 -12.87
CA LYS G 258 42.78 -25.22 -13.18
C LYS G 258 42.94 -24.07 -12.18
N LYS G 259 44.02 -23.31 -12.36
CA LYS G 259 44.29 -22.12 -11.57
C LYS G 259 44.43 -20.92 -12.51
N CYS G 260 43.89 -19.78 -12.09
CA CYS G 260 43.77 -18.63 -12.98
C CYS G 260 44.06 -17.34 -12.23
N THR G 261 44.43 -16.31 -12.98
CA THR G 261 44.54 -14.94 -12.48
C THR G 261 43.84 -14.03 -13.47
N GLY G 262 43.48 -12.83 -13.00
CA GLY G 262 42.84 -11.88 -13.90
C GLY G 262 43.05 -10.46 -13.45
N ASP G 263 42.42 -9.54 -14.19
CA ASP G 263 42.37 -8.15 -13.77
C ASP G 263 41.43 -8.00 -12.58
N ALA G 264 41.23 -6.75 -12.15
CA ALA G 264 40.38 -6.49 -10.99
C ALA G 264 38.98 -7.07 -11.20
N ALA G 265 38.44 -6.93 -12.41
CA ALA G 265 37.11 -7.46 -12.68
C ALA G 265 37.06 -8.97 -12.55
N PHE G 266 38.09 -9.67 -13.04
CA PHE G 266 38.10 -11.12 -12.96
C PHE G 266 38.24 -11.60 -11.52
N CYS G 267 39.19 -11.03 -10.78
CA CYS G 267 39.41 -11.46 -9.41
C CYS G 267 38.31 -11.00 -8.46
N SER G 268 37.45 -10.07 -8.88
CA SER G 268 36.31 -9.72 -8.05
C SER G 268 35.34 -10.89 -7.90
N ALA G 269 35.32 -11.82 -8.85
CA ALA G 269 34.37 -12.93 -8.85
C ALA G 269 35.03 -14.28 -8.74
N TYR G 270 36.15 -14.50 -9.42
CA TYR G 270 36.87 -15.77 -9.36
C TYR G 270 38.11 -15.60 -8.50
N GLU G 271 38.59 -16.71 -7.94
CA GLU G 271 39.78 -16.66 -7.09
C GLU G 271 41.03 -16.59 -7.95
N CYS G 272 42.00 -15.80 -7.50
CA CYS G 272 43.20 -15.50 -8.26
C CYS G 272 44.44 -15.88 -7.48
N THR G 273 45.41 -16.49 -8.17
CA THR G 273 46.71 -16.84 -7.59
C THR G 273 47.79 -16.39 -8.57
N ALA G 274 48.61 -15.44 -8.14
CA ALA G 274 49.53 -14.78 -9.06
C ALA G 274 50.71 -15.65 -9.46
N GLN G 275 51.02 -16.70 -8.70
CA GLN G 275 52.20 -17.52 -8.97
C GLN G 275 51.86 -18.85 -9.62
N TYR G 276 50.70 -19.43 -9.33
CA TYR G 276 50.37 -20.79 -9.74
C TYR G 276 49.28 -20.82 -10.81
N ALA G 277 49.03 -19.72 -11.48
CA ALA G 277 47.94 -19.64 -12.44
C ALA G 277 48.36 -20.21 -13.79
N ASN G 278 47.49 -21.05 -14.37
CA ASN G 278 47.72 -21.52 -15.73
C ASN G 278 47.52 -20.40 -16.74
N ALA G 279 46.55 -19.52 -16.49
CA ALA G 279 46.17 -18.53 -17.49
C ALA G 279 45.76 -17.22 -16.82
N TYR G 280 45.58 -16.21 -17.67
CA TYR G 280 45.26 -14.85 -17.26
C TYR G 280 44.03 -14.42 -18.06
N CYS G 281 43.07 -13.80 -17.37
CA CYS G 281 41.78 -13.46 -17.95
C CYS G 281 41.53 -11.96 -17.85
N SER G 282 41.25 -11.32 -18.98
CA SER G 282 40.90 -9.92 -19.02
C SER G 282 39.40 -9.75 -19.27
N HIS G 283 38.89 -8.58 -18.93
CA HIS G 283 37.50 -8.24 -19.21
C HIS G 283 37.40 -7.69 -20.62
N ALA G 284 36.60 -8.34 -21.46
CA ALA G 284 36.48 -7.93 -22.86
C ALA G 284 35.79 -6.57 -22.96
N ASN G 285 36.46 -5.63 -23.62
CA ASN G 285 35.88 -4.31 -23.82
C ASN G 285 34.69 -4.39 -24.76
N GLY G 286 33.65 -3.62 -24.44
CA GLY G 286 32.46 -3.60 -25.27
C GLY G 286 31.61 -4.86 -25.20
N SER G 287 31.74 -5.63 -24.13
CA SER G 287 30.93 -6.83 -23.95
C SER G 287 29.86 -6.57 -22.90
N GLY G 288 28.82 -7.38 -22.95
CA GLY G 288 27.67 -7.26 -22.07
C GLY G 288 26.37 -7.35 -22.84
N ILE G 289 25.28 -7.32 -22.09
CA ILE G 289 23.96 -7.45 -22.68
C ILE G 289 23.63 -6.19 -23.47
N VAL G 290 23.42 -6.34 -24.78
CA VAL G 290 23.10 -5.22 -25.66
C VAL G 290 21.59 -5.18 -25.84
N GLN G 291 21.03 -3.97 -25.82
CA GLN G 291 19.62 -3.74 -26.07
C GLN G 291 19.46 -2.69 -27.14
N ILE G 292 18.32 -2.75 -27.83
CA ILE G 292 18.02 -1.87 -28.95
C ILE G 292 16.67 -1.21 -28.71
N GLN G 293 16.53 0.03 -29.17
CA GLN G 293 15.31 0.81 -28.99
C GLN G 293 14.50 0.74 -30.29
N VAL G 294 13.42 -0.03 -30.27
CA VAL G 294 12.51 -0.16 -31.39
C VAL G 294 11.24 0.60 -31.06
N SER G 295 10.97 1.67 -31.82
CA SER G 295 9.75 2.46 -31.71
C SER G 295 9.43 2.83 -30.26
N GLY G 296 10.46 3.30 -29.55
CA GLY G 296 10.31 3.76 -28.19
C GLY G 296 10.54 2.73 -27.10
N VAL G 297 10.44 1.45 -27.43
CA VAL G 297 10.55 0.38 -26.44
C VAL G 297 11.95 -0.24 -26.52
N TRP G 298 12.59 -0.40 -25.37
CA TRP G 298 13.88 -1.08 -25.31
C TRP G 298 13.67 -2.59 -25.24
N LYS G 299 14.35 -3.32 -26.12
CA LYS G 299 14.23 -4.77 -26.19
C LYS G 299 15.62 -5.39 -26.28
N LYS G 300 15.68 -6.70 -26.02
CA LYS G 300 16.92 -7.44 -26.08
C LYS G 300 16.96 -8.27 -27.36
N PRO G 301 17.67 -7.82 -28.40
CA PRO G 301 17.61 -8.51 -29.69
C PRO G 301 18.52 -9.74 -29.74
N LEU G 302 18.19 -10.64 -30.68
CA LEU G 302 19.06 -11.78 -30.96
C LEU G 302 20.20 -11.40 -31.87
N CYS G 303 19.94 -10.60 -32.90
CA CYS G 303 20.99 -10.09 -33.78
C CYS G 303 20.66 -8.67 -34.22
N VAL G 304 21.70 -7.88 -34.44
CA VAL G 304 21.58 -6.54 -34.99
C VAL G 304 22.58 -6.38 -36.12
N GLY G 305 22.17 -5.72 -37.20
CA GLY G 305 23.06 -5.58 -38.34
C GLY G 305 22.65 -4.50 -39.31
N TYR G 306 23.50 -4.30 -40.31
CA TYR G 306 23.27 -3.46 -41.47
C TYR G 306 23.34 -4.30 -42.73
N GLU G 307 22.42 -4.02 -43.67
CA GLU G 307 22.50 -4.63 -44.99
C GLU G 307 21.99 -3.62 -46.00
N ARG G 308 22.52 -3.73 -47.23
CA ARG G 308 22.22 -2.79 -48.31
C ARG G 308 21.12 -3.37 -49.18
N VAL G 309 19.93 -2.78 -49.11
CA VAL G 309 18.76 -3.30 -49.81
C VAL G 309 18.08 -2.17 -50.59
N VAL G 310 17.18 -2.57 -51.49
CA VAL G 310 16.41 -1.63 -52.30
C VAL G 310 15.30 -1.04 -51.44
N VAL G 311 15.30 0.28 -51.27
CA VAL G 311 14.26 0.99 -50.54
C VAL G 311 13.55 1.92 -51.51
N LYS G 312 12.21 1.84 -51.50
CA LYS G 312 11.35 2.73 -52.28
C LYS G 312 10.58 3.62 -51.32
N ARG G 313 10.56 4.92 -51.61
CA ARG G 313 9.97 5.90 -50.71
C ARG G 313 8.95 6.76 -51.47
N GLU G 314 7.88 7.12 -50.78
CA GLU G 314 6.85 7.99 -51.33
C GLU G 314 7.31 9.45 -51.27
N LEU G 315 6.60 10.31 -51.98
CA LEU G 315 6.85 11.75 -52.01
C LEU G 315 5.64 12.46 -51.42
N SER G 316 5.64 12.64 -50.11
CA SER G 316 4.54 13.31 -49.42
C SER G 316 5.05 14.24 -48.33
N GLN H 1 29.10 -46.32 -34.61
CA GLN H 1 29.44 -44.91 -34.53
C GLN H 1 28.32 -44.04 -35.11
N VAL H 2 28.19 -44.02 -36.43
CA VAL H 2 27.20 -43.19 -37.11
C VAL H 2 25.98 -44.00 -37.55
N GLN H 3 26.21 -45.14 -38.21
CA GLN H 3 25.27 -46.27 -38.24
C GLN H 3 23.87 -45.86 -38.72
N LEU H 4 23.78 -45.53 -40.01
CA LEU H 4 22.48 -45.55 -40.68
C LEU H 4 22.02 -47.00 -40.82
N VAL H 5 20.93 -47.39 -40.14
CA VAL H 5 20.49 -48.77 -40.09
C VAL H 5 19.08 -48.87 -40.64
N GLN H 6 18.85 -49.81 -41.55
CA GLN H 6 17.63 -49.85 -42.33
C GLN H 6 16.70 -50.99 -41.91
N SER H 7 15.44 -50.86 -42.34
CA SER H 7 14.42 -51.89 -42.21
C SER H 7 13.58 -51.87 -43.49
N GLY H 8 12.43 -52.54 -43.45
CA GLY H 8 11.50 -52.47 -44.56
C GLY H 8 11.41 -53.71 -45.43
N GLY H 9 10.18 -54.17 -45.69
CA GLY H 9 9.99 -55.35 -46.50
C GLY H 9 10.34 -55.13 -47.96
N GLY H 10 10.51 -56.24 -48.68
CA GLY H 10 11.00 -56.17 -50.04
C GLY H 10 10.51 -57.20 -51.03
N LEU H 11 9.30 -57.73 -50.87
CA LEU H 11 8.77 -58.71 -51.81
C LEU H 11 7.30 -58.41 -52.04
N VAL H 12 6.98 -57.91 -53.23
CA VAL H 12 5.65 -57.41 -53.55
C VAL H 12 5.33 -57.75 -55.00
N LYS H 13 4.00 -57.76 -55.32
CA LYS H 13 3.38 -57.92 -56.63
C LYS H 13 3.32 -56.58 -57.35
N PRO H 14 3.46 -56.59 -58.68
CA PRO H 14 3.46 -55.33 -59.42
C PRO H 14 2.21 -54.52 -59.19
N GLY H 15 2.37 -53.20 -59.19
CA GLY H 15 1.30 -52.30 -58.81
C GLY H 15 1.08 -52.16 -57.33
N GLY H 16 1.88 -52.85 -56.50
CA GLY H 16 1.74 -52.78 -55.06
C GLY H 16 2.50 -51.61 -54.46
N SER H 17 2.65 -51.65 -53.14
CA SER H 17 3.28 -50.57 -52.40
C SER H 17 4.11 -51.14 -51.26
N LEU H 18 5.18 -50.43 -50.92
CA LEU H 18 6.08 -50.81 -49.84
C LEU H 18 6.60 -49.55 -49.16
N ARG H 19 7.43 -49.74 -48.13
CA ARG H 19 7.87 -48.62 -47.30
C ARG H 19 9.19 -49.00 -46.65
N LEU H 20 10.25 -48.25 -46.96
CA LEU H 20 11.55 -48.43 -46.35
C LEU H 20 11.77 -47.36 -45.29
N SER H 21 12.50 -47.73 -44.23
CA SER H 21 12.74 -46.86 -43.09
C SER H 21 14.19 -46.99 -42.66
N CYS H 22 14.89 -45.87 -42.59
CA CYS H 22 16.30 -45.80 -42.26
C CYS H 22 16.44 -44.97 -40.98
N ALA H 23 16.86 -45.62 -39.90
CA ALA H 23 17.01 -45.01 -38.60
C ALA H 23 18.45 -44.59 -38.39
N ALA H 24 18.64 -43.37 -37.86
CA ALA H 24 19.96 -42.75 -37.74
C ALA H 24 20.34 -42.60 -36.29
N SER H 25 21.60 -42.92 -35.97
CA SER H 25 22.05 -42.87 -34.58
C SER H 25 23.56 -42.65 -34.55
N GLY H 26 23.99 -41.43 -34.22
CA GLY H 26 25.40 -41.14 -34.12
C GLY H 26 25.82 -39.76 -34.62
N PHE H 27 25.05 -39.19 -35.52
CA PHE H 27 25.20 -37.77 -35.82
C PHE H 27 23.90 -37.05 -35.41
N THR H 28 23.82 -35.76 -35.74
CA THR H 28 22.63 -35.00 -35.34
C THR H 28 21.43 -35.34 -36.22
N PHE H 29 21.68 -35.53 -37.53
CA PHE H 29 20.71 -35.98 -38.52
C PHE H 29 19.69 -34.89 -38.85
N SER H 30 19.69 -33.82 -38.08
CA SER H 30 18.82 -32.69 -38.38
C SER H 30 19.49 -31.67 -39.28
N ASP H 31 20.80 -31.81 -39.51
CA ASP H 31 21.56 -30.88 -40.32
C ASP H 31 22.04 -31.48 -41.63
N TYR H 32 21.70 -32.74 -41.91
CA TYR H 32 22.22 -33.47 -43.06
C TYR H 32 21.10 -33.78 -44.04
N TYR H 33 21.37 -33.57 -45.33
CA TYR H 33 20.48 -34.07 -46.36
C TYR H 33 20.44 -35.59 -46.33
N MET H 34 19.37 -36.16 -46.87
CA MET H 34 19.25 -37.62 -46.92
C MET H 34 18.75 -38.05 -48.28
N SER H 35 19.47 -38.99 -48.91
CA SER H 35 19.11 -39.47 -50.24
C SER H 35 18.89 -40.98 -50.23
N TRP H 36 18.23 -41.45 -51.28
CA TRP H 36 18.01 -42.87 -51.52
C TRP H 36 18.66 -43.27 -52.83
N ILE H 37 19.51 -44.29 -52.79
CA ILE H 37 20.23 -44.79 -53.95
C ILE H 37 19.94 -46.27 -54.10
N ARG H 38 19.47 -46.68 -55.27
CA ARG H 38 19.14 -48.09 -55.49
C ARG H 38 20.15 -48.73 -56.43
N GLN H 39 20.21 -50.06 -56.36
CA GLN H 39 21.15 -50.85 -57.15
C GLN H 39 20.41 -52.09 -57.64
N ALA H 40 20.17 -52.17 -58.95
CA ALA H 40 19.54 -53.35 -59.52
C ALA H 40 20.46 -54.57 -59.36
N PRO H 41 19.89 -55.78 -59.30
CA PRO H 41 20.71 -56.97 -59.10
C PRO H 41 21.78 -57.13 -60.16
N GLY H 42 23.04 -56.99 -59.77
CA GLY H 42 24.16 -57.08 -60.69
C GLY H 42 24.55 -55.78 -61.35
N LYS H 43 23.64 -54.81 -61.46
CA LYS H 43 23.91 -53.55 -62.13
C LYS H 43 24.54 -52.57 -61.14
N GLY H 44 24.65 -51.30 -61.53
CA GLY H 44 25.26 -50.27 -60.72
C GLY H 44 24.24 -49.45 -59.95
N LEU H 45 24.71 -48.32 -59.42
CA LEU H 45 23.92 -47.50 -58.52
C LEU H 45 23.12 -46.47 -59.28
N GLU H 46 21.86 -46.29 -58.89
CA GLU H 46 21.01 -45.21 -59.40
C GLU H 46 20.50 -44.39 -58.24
N TRP H 47 20.81 -43.09 -58.25
CA TRP H 47 20.16 -42.15 -57.33
C TRP H 47 18.69 -42.01 -57.67
N VAL H 48 17.86 -41.85 -56.62
CA VAL H 48 16.41 -41.84 -56.75
C VAL H 48 15.81 -40.52 -56.27
N SER H 49 16.11 -40.13 -55.02
CA SER H 49 15.57 -38.89 -54.49
C SER H 49 16.42 -38.41 -53.32
N TYR H 50 16.25 -37.12 -53.01
CA TYR H 50 16.86 -36.53 -51.84
C TYR H 50 15.88 -35.59 -51.16
N ILE H 51 15.99 -35.54 -49.83
CA ILE H 51 15.19 -34.68 -48.98
C ILE H 51 16.14 -33.83 -48.14
N SER H 52 15.74 -32.59 -47.90
CA SER H 52 16.54 -31.59 -47.21
C SER H 52 16.46 -31.77 -45.70
N PRO H 53 17.45 -31.26 -44.96
CA PRO H 53 17.44 -31.39 -43.50
C PRO H 53 16.14 -30.97 -42.82
N GLY H 54 15.36 -30.09 -43.44
CA GLY H 54 14.16 -29.59 -42.79
C GLY H 54 12.88 -30.32 -43.18
N GLY H 55 12.87 -30.93 -44.35
CA GLY H 55 11.71 -31.62 -44.86
C GLY H 55 11.13 -31.02 -46.13
N SER H 56 11.39 -29.75 -46.41
CA SER H 56 10.94 -29.11 -47.63
C SER H 56 11.99 -29.28 -48.72
N THR H 57 11.62 -28.89 -49.96
CA THR H 57 12.50 -28.91 -51.11
C THR H 57 13.05 -30.32 -51.37
N ILE H 58 12.15 -31.18 -51.76
CA ILE H 58 12.45 -32.56 -52.10
C ILE H 58 12.70 -32.66 -53.61
N TYR H 59 13.66 -33.50 -54.02
CA TYR H 59 13.91 -33.74 -55.43
C TYR H 59 13.86 -35.24 -55.73
N TYR H 60 13.28 -35.59 -56.88
CA TYR H 60 13.18 -36.97 -57.35
C TYR H 60 13.84 -37.10 -58.72
N ALA H 61 14.04 -38.35 -59.13
CA ALA H 61 14.47 -38.67 -60.48
C ALA H 61 13.26 -39.03 -61.31
N ASP H 62 13.25 -38.61 -62.58
CA ASP H 62 12.07 -38.80 -63.42
C ASP H 62 11.69 -40.27 -63.55
N SER H 63 12.66 -41.17 -63.43
CA SER H 63 12.35 -42.60 -63.42
C SER H 63 11.38 -42.94 -62.29
N VAL H 64 11.48 -42.24 -61.18
CA VAL H 64 10.70 -42.54 -59.98
C VAL H 64 9.72 -41.44 -59.63
N LYS H 65 9.85 -40.26 -60.21
CA LYS H 65 9.00 -39.11 -59.87
C LYS H 65 7.52 -39.45 -60.03
N GLY H 66 6.74 -39.09 -59.01
CA GLY H 66 5.31 -39.29 -59.00
C GLY H 66 4.86 -40.53 -58.25
N ARG H 67 5.71 -41.56 -58.19
CA ARG H 67 5.35 -42.81 -57.55
C ARG H 67 5.80 -42.89 -56.09
N PHE H 68 7.03 -42.49 -55.80
CA PHE H 68 7.60 -42.61 -54.47
C PHE H 68 7.54 -41.27 -53.74
N THR H 69 7.47 -41.36 -52.42
CA THR H 69 7.40 -40.19 -51.54
C THR H 69 8.44 -40.35 -50.45
N ILE H 70 9.42 -39.45 -50.40
CA ILE H 70 10.46 -39.49 -49.38
C ILE H 70 10.11 -38.49 -48.29
N SER H 71 10.21 -38.91 -47.04
CA SER H 71 9.86 -38.08 -45.89
C SER H 71 10.85 -38.33 -44.78
N ARG H 72 10.75 -37.54 -43.71
CA ARG H 72 11.64 -37.72 -42.58
C ARG H 72 10.98 -37.22 -41.31
N ASP H 73 11.35 -37.84 -40.19
CA ASP H 73 10.84 -37.49 -38.86
C ASP H 73 12.06 -37.20 -38.00
N ASN H 74 12.51 -35.94 -38.03
CA ASN H 74 13.72 -35.56 -37.30
C ASN H 74 13.58 -35.80 -35.81
N ALA H 75 12.36 -35.73 -35.27
CA ALA H 75 12.16 -35.96 -33.85
C ALA H 75 12.59 -37.37 -33.46
N LYS H 76 12.16 -38.37 -34.24
CA LYS H 76 12.50 -39.76 -33.98
C LYS H 76 13.68 -40.25 -34.80
N ASN H 77 14.43 -39.34 -35.41
CA ASN H 77 15.68 -39.63 -36.11
C ASN H 77 15.50 -40.75 -37.14
N SER H 78 14.64 -40.48 -38.12
CA SER H 78 14.26 -41.50 -39.09
C SER H 78 14.11 -40.86 -40.47
N LEU H 79 14.14 -41.72 -41.50
CA LEU H 79 14.08 -41.30 -42.89
C LEU H 79 13.31 -42.34 -43.67
N TYR H 80 12.16 -41.96 -44.22
CA TYR H 80 11.25 -42.91 -44.84
C TYR H 80 11.21 -42.73 -46.36
N LEU H 81 10.97 -43.83 -47.05
CA LEU H 81 10.74 -43.84 -48.50
C LEU H 81 9.55 -44.73 -48.79
N GLN H 82 8.44 -44.13 -49.23
CA GLN H 82 7.21 -44.84 -49.54
C GLN H 82 7.14 -45.10 -51.04
N MET H 83 7.07 -46.37 -51.42
CA MET H 83 7.01 -46.77 -52.82
C MET H 83 5.59 -47.17 -53.19
N ASN H 84 5.05 -46.52 -54.22
CA ASN H 84 3.71 -46.81 -54.71
C ASN H 84 3.78 -47.13 -56.20
N SER H 85 2.81 -47.93 -56.66
CA SER H 85 2.71 -48.31 -58.07
C SER H 85 3.98 -48.98 -58.57
N LEU H 86 4.45 -49.95 -57.80
CA LEU H 86 5.71 -50.62 -58.08
C LEU H 86 5.60 -51.50 -59.34
N ARG H 87 6.76 -51.75 -59.96
CA ARG H 87 6.86 -52.69 -61.06
C ARG H 87 8.29 -53.18 -61.16
N ALA H 88 8.50 -54.13 -62.08
CA ALA H 88 9.70 -54.97 -62.04
C ALA H 88 10.99 -54.17 -62.21
N GLU H 89 10.95 -53.04 -62.91
CA GLU H 89 12.16 -52.24 -63.08
C GLU H 89 12.67 -51.70 -61.75
N ASP H 90 11.81 -51.61 -60.74
CA ASP H 90 12.24 -51.11 -59.44
C ASP H 90 12.91 -52.18 -58.59
N THR H 91 12.80 -53.46 -58.97
CA THR H 91 13.38 -54.53 -58.17
C THR H 91 14.87 -54.31 -58.02
N ALA H 92 15.31 -53.97 -56.81
CA ALA H 92 16.68 -53.56 -56.56
C ALA H 92 16.89 -53.50 -55.06
N VAL H 93 18.15 -53.31 -54.66
CA VAL H 93 18.50 -53.11 -53.26
C VAL H 93 18.66 -51.62 -53.03
N TYR H 94 17.88 -51.07 -52.09
CA TYR H 94 17.78 -49.63 -51.87
C TYR H 94 18.54 -49.26 -50.60
N TYR H 95 19.34 -48.20 -50.69
CA TYR H 95 20.21 -47.76 -49.60
C TYR H 95 19.87 -46.30 -49.26
N CYS H 96 19.97 -45.96 -47.99
CA CYS H 96 19.91 -44.57 -47.56
C CYS H 96 21.33 -44.02 -47.41
N ALA H 97 21.48 -42.72 -47.65
CA ALA H 97 22.79 -42.12 -47.55
C ALA H 97 22.66 -40.68 -47.06
N SER H 98 23.73 -40.20 -46.42
CA SER H 98 23.80 -38.86 -45.85
C SER H 98 24.91 -38.06 -46.52
N SER H 99 24.64 -36.80 -46.84
CA SER H 99 25.56 -35.99 -47.63
C SER H 99 26.17 -34.81 -46.89
N ALA H 100 25.44 -34.19 -45.94
CA ALA H 100 25.80 -33.02 -45.14
C ALA H 100 25.68 -31.71 -45.92
N ASP H 101 25.44 -31.74 -47.24
CA ASP H 101 24.96 -30.63 -48.05
C ASP H 101 24.69 -31.16 -49.45
N VAL H 102 23.91 -30.38 -50.21
CA VAL H 102 23.27 -30.89 -51.42
C VAL H 102 24.28 -31.34 -52.48
N TYR H 103 25.49 -30.76 -52.47
CA TYR H 103 26.48 -31.05 -53.51
C TYR H 103 27.49 -32.12 -53.10
N ASN H 104 27.37 -32.71 -51.91
CA ASN H 104 28.45 -33.46 -51.32
C ASN H 104 28.35 -34.96 -51.63
N TRP H 105 29.08 -35.79 -50.88
CA TRP H 105 29.64 -37.04 -51.38
C TRP H 105 29.01 -38.31 -50.81
N PHE H 106 27.87 -38.23 -50.12
CA PHE H 106 27.17 -39.42 -49.62
C PHE H 106 28.06 -40.24 -48.69
N ASP H 107 28.37 -39.65 -47.54
CA ASP H 107 29.05 -40.38 -46.47
C ASP H 107 27.99 -41.22 -45.75
N PRO H 108 28.32 -41.92 -44.61
CA PRO H 108 27.91 -43.33 -44.46
C PRO H 108 26.53 -43.73 -44.96
N TRP H 109 26.46 -44.89 -45.60
CA TRP H 109 25.24 -45.42 -46.18
C TRP H 109 24.60 -46.45 -45.27
N GLY H 110 23.32 -46.72 -45.52
CA GLY H 110 22.65 -47.81 -44.85
C GLY H 110 23.15 -49.16 -45.33
N GLN H 111 22.74 -50.21 -44.62
CA GLN H 111 23.25 -51.54 -44.94
C GLN H 111 22.64 -52.10 -46.22
N GLY H 112 21.46 -51.65 -46.62
CA GLY H 112 20.86 -52.16 -47.83
C GLY H 112 19.62 -52.99 -47.55
N THR H 113 18.68 -52.94 -48.49
CA THR H 113 17.42 -53.68 -48.35
C THR H 113 16.92 -54.06 -49.74
N LEU H 114 16.70 -55.35 -49.96
CA LEU H 114 16.30 -55.84 -51.27
C LEU H 114 14.81 -55.62 -51.51
N VAL H 115 14.47 -55.41 -52.78
CA VAL H 115 13.08 -55.36 -53.22
C VAL H 115 12.90 -56.17 -54.51
N SER I 1 21.78 -35.57 -70.82
CA SER I 1 22.23 -36.16 -69.56
C SER I 1 23.74 -36.39 -69.55
N TYR I 2 24.37 -36.09 -68.41
CA TYR I 2 25.80 -36.28 -68.21
C TYR I 2 26.05 -37.74 -67.84
N GLU I 3 26.89 -38.42 -68.63
CA GLU I 3 27.22 -39.82 -68.38
C GLU I 3 28.68 -39.94 -67.95
N LEU I 4 28.94 -40.89 -67.05
CA LEU I 4 30.30 -41.23 -66.63
C LEU I 4 30.62 -42.64 -67.11
N THR I 5 31.69 -42.77 -67.87
CA THR I 5 32.14 -44.05 -68.40
C THR I 5 33.25 -44.61 -67.54
N GLN I 6 33.26 -45.95 -67.41
CA GLN I 6 34.15 -46.65 -66.51
C GLN I 6 34.46 -48.04 -67.05
N PRO I 7 35.73 -48.41 -67.19
CA PRO I 7 36.07 -49.72 -67.75
C PRO I 7 35.57 -50.83 -66.85
N PRO I 8 34.88 -51.83 -67.42
CA PRO I 8 34.22 -52.83 -66.57
C PRO I 8 35.18 -53.72 -65.81
N SER I 9 36.36 -54.02 -66.37
CA SER I 9 37.30 -54.94 -65.74
C SER I 9 38.67 -54.28 -65.58
N VAL I 10 39.35 -54.62 -64.48
CA VAL I 10 40.74 -54.25 -64.26
C VAL I 10 41.41 -55.41 -63.52
N SER I 11 42.42 -56.01 -64.14
CA SER I 11 43.22 -57.05 -63.51
C SER I 11 44.53 -56.45 -63.03
N VAL I 12 45.01 -56.92 -61.89
CA VAL I 12 46.26 -56.42 -61.31
C VAL I 12 46.82 -57.49 -60.39
N ALA I 13 48.12 -57.72 -60.49
CA ALA I 13 48.80 -58.65 -59.60
C ALA I 13 49.02 -57.99 -58.24
N PRO I 14 49.11 -58.78 -57.17
CA PRO I 14 49.33 -58.19 -55.84
C PRO I 14 50.71 -57.56 -55.74
N GLY I 15 50.79 -56.47 -54.98
CA GLY I 15 51.98 -55.67 -54.87
C GLY I 15 52.12 -54.61 -55.95
N LYS I 16 51.53 -54.85 -57.12
CA LYS I 16 51.55 -53.88 -58.21
C LYS I 16 50.61 -52.72 -57.87
N THR I 17 50.42 -51.82 -58.82
CA THR I 17 49.51 -50.70 -58.67
C THR I 17 48.34 -50.84 -59.63
N ALA I 18 47.14 -50.54 -59.15
CA ALA I 18 45.94 -50.59 -59.97
C ALA I 18 45.46 -49.17 -60.28
N ARG I 19 44.81 -49.01 -61.43
CA ARG I 19 44.35 -47.71 -61.88
C ARG I 19 42.96 -47.84 -62.49
N ILE I 20 42.04 -46.98 -62.07
CA ILE I 20 40.66 -46.99 -62.55
C ILE I 20 40.33 -45.58 -63.05
N THR I 21 39.86 -45.50 -64.30
CA THR I 21 39.63 -44.21 -64.95
C THR I 21 38.13 -43.97 -65.11
N CYS I 22 37.66 -42.88 -64.53
CA CYS I 22 36.30 -42.39 -64.71
C CYS I 22 36.33 -41.35 -65.83
N GLY I 23 35.60 -41.63 -66.91
CA GLY I 23 35.59 -40.75 -68.04
C GLY I 23 34.31 -39.95 -68.19
N GLY I 24 34.43 -38.64 -68.08
CA GLY I 24 33.29 -37.76 -68.29
C GLY I 24 33.72 -36.52 -69.06
N ASN I 25 32.79 -36.03 -69.88
CA ASN I 25 33.05 -34.84 -70.67
C ASN I 25 33.28 -33.65 -69.74
N ASN I 26 34.47 -33.04 -69.82
CA ASN I 26 34.82 -31.86 -69.04
C ASN I 26 34.75 -32.17 -67.54
N ILE I 27 35.21 -33.37 -67.16
CA ILE I 27 35.13 -33.80 -65.77
C ILE I 27 36.14 -33.10 -64.87
N GLY I 28 37.14 -32.43 -65.45
CA GLY I 28 38.08 -31.67 -64.63
C GLY I 28 37.46 -30.51 -63.91
N SER I 29 36.25 -30.10 -64.29
CA SER I 29 35.54 -29.01 -63.65
C SER I 29 34.65 -29.46 -62.50
N LYS I 30 34.51 -30.77 -62.30
CA LYS I 30 33.63 -31.32 -61.27
C LYS I 30 34.45 -32.03 -60.21
N SER I 31 33.87 -32.10 -59.01
CA SER I 31 34.48 -32.86 -57.92
C SER I 31 34.10 -34.32 -58.05
N VAL I 32 35.10 -35.20 -58.11
CA VAL I 32 34.90 -36.62 -58.34
C VAL I 32 35.02 -37.37 -57.02
N HIS I 33 34.13 -38.34 -56.81
CA HIS I 33 34.14 -39.15 -55.60
C HIS I 33 34.22 -40.62 -55.98
N TRP I 34 34.83 -41.42 -55.11
CA TRP I 34 35.09 -42.83 -55.36
C TRP I 34 34.58 -43.66 -54.19
N TYR I 35 33.71 -44.61 -54.47
CA TYR I 35 33.17 -45.56 -53.50
C TYR I 35 33.64 -46.96 -53.83
N GLN I 36 33.93 -47.74 -52.79
CA GLN I 36 34.27 -49.15 -52.91
C GLN I 36 33.13 -49.99 -52.36
N GLN I 37 32.76 -51.04 -53.07
CA GLN I 37 31.69 -51.94 -52.66
C GLN I 37 32.17 -53.38 -52.78
N LYS I 38 32.07 -54.12 -51.69
CA LYS I 38 32.31 -55.55 -51.64
C LYS I 38 30.98 -56.30 -51.73
N PRO I 39 30.99 -57.55 -52.20
CA PRO I 39 29.74 -58.30 -52.30
C PRO I 39 29.03 -58.41 -50.97
N GLY I 40 27.71 -58.28 -50.99
CA GLY I 40 26.91 -58.37 -49.78
C GLY I 40 27.10 -57.21 -48.83
N GLN I 41 27.57 -56.07 -49.34
CA GLN I 41 27.82 -54.90 -48.50
C GLN I 41 27.15 -53.65 -49.08
N ALA I 42 27.46 -52.51 -48.50
CA ALA I 42 27.09 -51.20 -48.98
C ALA I 42 28.33 -50.44 -49.45
N PRO I 43 28.19 -49.52 -50.41
CA PRO I 43 29.35 -48.74 -50.84
C PRO I 43 29.95 -47.95 -49.70
N VAL I 44 31.27 -47.86 -49.67
CA VAL I 44 31.99 -47.12 -48.65
C VAL I 44 32.83 -46.07 -49.35
N LEU I 45 32.64 -44.81 -48.94
CA LEU I 45 33.43 -43.72 -49.51
C LEU I 45 34.92 -43.95 -49.26
N VAL I 46 35.69 -44.11 -50.34
CA VAL I 46 37.12 -44.24 -50.25
C VAL I 46 37.86 -42.96 -50.66
N VAL I 47 37.30 -42.16 -51.58
CA VAL I 47 37.93 -40.88 -51.98
C VAL I 47 36.85 -39.84 -52.21
N TYR I 48 37.09 -38.62 -51.71
CA TYR I 48 36.16 -37.52 -52.01
C TYR I 48 36.93 -36.29 -52.48
N ASP I 49 36.19 -35.35 -53.07
CA ASP I 49 36.72 -34.03 -53.45
C ASP I 49 37.98 -34.14 -54.33
N ASP I 50 37.95 -35.12 -55.24
CA ASP I 50 38.93 -35.34 -56.30
C ASP I 50 40.28 -35.89 -55.85
N SER I 51 40.65 -35.73 -54.57
CA SER I 51 41.93 -36.29 -54.16
C SER I 51 42.04 -36.67 -52.68
N ASP I 52 41.01 -36.44 -51.88
CA ASP I 52 41.16 -36.50 -50.43
C ASP I 52 40.49 -37.74 -49.86
N ARG I 53 41.03 -38.21 -48.73
CA ARG I 53 40.64 -39.48 -48.13
C ARG I 53 39.91 -39.26 -46.81
N PRO I 54 38.79 -39.93 -46.59
CA PRO I 54 38.21 -39.98 -45.24
C PRO I 54 39.08 -40.83 -44.32
N SER I 55 38.95 -40.58 -43.02
CA SER I 55 39.73 -41.32 -42.04
C SER I 55 39.35 -42.80 -42.07
N GLY I 56 40.36 -43.66 -42.15
CA GLY I 56 40.18 -45.08 -42.26
C GLY I 56 40.65 -45.67 -43.57
N ILE I 57 40.70 -44.87 -44.64
CA ILE I 57 41.18 -45.32 -45.93
C ILE I 57 42.69 -45.18 -45.95
N PRO I 58 43.44 -46.25 -46.21
CA PRO I 58 44.90 -46.17 -46.14
C PRO I 58 45.47 -45.20 -47.19
N GLU I 59 46.72 -44.81 -46.97
CA GLU I 59 47.41 -43.92 -47.90
C GLU I 59 47.70 -44.56 -49.25
N ARG I 60 47.33 -45.83 -49.44
CA ARG I 60 47.52 -46.50 -50.73
C ARG I 60 46.59 -45.93 -51.79
N PHE I 61 45.46 -45.35 -51.40
CA PHE I 61 44.45 -44.86 -52.33
C PHE I 61 44.71 -43.39 -52.63
N SER I 62 44.72 -43.03 -53.91
CA SER I 62 44.95 -41.65 -54.29
C SER I 62 44.08 -41.27 -55.48
N GLY I 63 43.51 -40.08 -55.43
CA GLY I 63 42.64 -39.60 -56.50
C GLY I 63 43.27 -38.47 -57.29
N SER I 64 42.91 -38.38 -58.57
CA SER I 64 43.33 -37.28 -59.42
C SER I 64 42.23 -37.02 -60.44
N ASN I 65 42.26 -35.82 -61.02
CA ASN I 65 41.20 -35.41 -61.94
C ASN I 65 41.74 -34.33 -62.87
N SER I 66 41.57 -34.51 -64.17
CA SER I 66 42.02 -33.52 -65.13
C SER I 66 41.29 -33.71 -66.46
N GLY I 67 40.93 -32.59 -67.09
CA GLY I 67 40.31 -32.63 -68.39
C GLY I 67 39.07 -33.49 -68.47
N ASN I 68 39.18 -34.63 -69.15
CA ASN I 68 38.05 -35.54 -69.33
C ASN I 68 38.29 -36.89 -68.66
N THR I 69 39.16 -36.95 -67.64
CA THR I 69 39.45 -38.21 -66.99
C THR I 69 39.83 -37.97 -65.53
N ALA I 70 39.24 -38.77 -64.64
CA ALA I 70 39.59 -38.75 -63.22
C ALA I 70 40.01 -40.16 -62.81
N THR I 71 41.20 -40.29 -62.23
CA THR I 71 41.81 -41.59 -61.98
C THR I 71 41.92 -41.86 -60.49
N LEU I 72 41.50 -43.05 -60.09
CA LEU I 72 41.74 -43.58 -58.76
C LEU I 72 42.86 -44.60 -58.86
N THR I 73 43.93 -44.39 -58.09
CA THR I 73 45.11 -45.23 -58.14
C THR I 73 45.32 -45.90 -56.78
N ILE I 74 45.39 -47.23 -56.80
CA ILE I 74 45.54 -48.06 -55.61
C ILE I 74 46.94 -48.66 -55.65
N SER I 75 47.84 -48.10 -54.85
CA SER I 75 49.18 -48.66 -54.73
C SER I 75 49.16 -49.86 -53.78
N ARG I 76 50.15 -50.74 -53.94
CA ARG I 76 50.33 -51.91 -53.09
C ARG I 76 49.05 -52.72 -52.99
N VAL I 77 48.59 -53.20 -54.17
CA VAL I 77 47.31 -53.90 -54.24
C VAL I 77 47.34 -55.15 -53.35
N GLU I 78 46.26 -55.34 -52.58
CA GLU I 78 46.08 -56.51 -51.75
C GLU I 78 44.91 -57.33 -52.28
N ALA I 79 44.92 -58.62 -51.94
CA ALA I 79 43.84 -59.50 -52.37
C ALA I 79 42.50 -59.05 -51.82
N GLY I 80 42.49 -58.39 -50.66
CA GLY I 80 41.28 -57.84 -50.10
C GLY I 80 40.74 -56.63 -50.81
N ASP I 81 41.43 -56.13 -51.83
CA ASP I 81 40.96 -54.98 -52.60
C ASP I 81 40.08 -55.38 -53.77
N GLU I 82 39.82 -56.67 -53.96
CA GLU I 82 38.87 -57.13 -54.98
C GLU I 82 37.49 -56.56 -54.68
N ALA I 83 36.99 -55.71 -55.56
CA ALA I 83 35.73 -55.03 -55.27
C ALA I 83 35.28 -54.24 -56.49
N ASP I 84 34.08 -53.67 -56.39
CA ASP I 84 33.60 -52.73 -57.39
C ASP I 84 33.93 -51.30 -56.93
N TYR I 85 34.45 -50.50 -57.84
CA TYR I 85 34.76 -49.10 -57.58
C TYR I 85 33.91 -48.24 -58.50
N TYR I 86 33.17 -47.30 -57.90
CA TYR I 86 32.25 -46.42 -58.62
C TYR I 86 32.68 -44.98 -58.42
N CYS I 87 32.69 -44.21 -59.50
CA CYS I 87 32.86 -42.77 -59.41
C CYS I 87 31.50 -42.08 -59.39
N GLN I 88 31.49 -40.87 -58.83
CA GLN I 88 30.24 -40.16 -58.62
C GLN I 88 30.50 -38.66 -58.60
N VAL I 89 29.61 -37.90 -59.25
CA VAL I 89 29.72 -36.44 -59.35
C VAL I 89 28.34 -35.83 -59.15
N TRP I 90 28.33 -34.53 -58.88
CA TRP I 90 27.10 -33.73 -58.88
C TRP I 90 26.92 -33.08 -60.24
N ASP I 91 25.69 -33.08 -60.74
CA ASP I 91 25.40 -32.51 -62.05
C ASP I 91 23.96 -32.00 -62.04
N SER I 92 23.79 -30.68 -61.98
CA SER I 92 22.46 -30.07 -61.91
C SER I 92 21.81 -30.05 -63.29
N SER I 93 21.64 -31.25 -63.86
CA SER I 93 21.09 -31.39 -65.19
C SER I 93 20.42 -32.75 -65.34
N SER I 94 19.25 -32.74 -65.98
CA SER I 94 18.54 -33.95 -66.37
C SER I 94 18.38 -34.93 -65.20
N ASP I 95 17.90 -34.39 -64.08
CA ASP I 95 17.10 -35.15 -63.12
C ASP I 95 17.85 -36.10 -62.20
N HIS I 96 19.13 -36.36 -62.46
CA HIS I 96 19.85 -37.31 -61.62
C HIS I 96 20.69 -36.66 -60.54
N LEU I 97 21.34 -35.53 -60.84
CA LEU I 97 21.92 -34.66 -59.82
C LEU I 97 23.06 -35.34 -59.06
N TYR I 98 23.21 -36.64 -59.25
CA TYR I 98 24.27 -37.45 -58.62
C TYR I 98 24.52 -38.58 -59.60
N VAL I 99 25.52 -38.42 -60.44
CA VAL I 99 25.77 -39.33 -61.54
C VAL I 99 26.82 -40.34 -61.10
N PHE I 100 26.42 -41.61 -61.02
CA PHE I 100 27.33 -42.71 -60.74
C PHE I 100 27.84 -43.32 -62.03
N GLY I 101 29.06 -43.87 -61.97
CA GLY I 101 29.63 -44.51 -63.13
C GLY I 101 29.11 -45.92 -63.34
N THR I 102 29.53 -46.52 -64.46
CA THR I 102 29.12 -47.89 -64.75
C THR I 102 29.75 -48.88 -63.78
N GLY I 103 30.89 -48.53 -63.19
CA GLY I 103 31.51 -49.37 -62.19
C GLY I 103 32.64 -50.24 -62.73
N THR I 104 33.70 -50.38 -61.95
CA THR I 104 34.85 -51.19 -62.35
C THR I 104 35.09 -52.30 -61.33
N LYS I 105 35.13 -53.55 -61.80
CA LYS I 105 35.48 -54.66 -60.93
C LYS I 105 36.99 -54.85 -60.95
N VAL I 106 37.61 -54.70 -59.78
CA VAL I 106 39.03 -54.97 -59.60
C VAL I 106 39.17 -56.37 -59.00
N THR I 107 39.78 -57.26 -59.77
CA THR I 107 40.15 -58.61 -59.37
C THR I 107 41.66 -58.70 -59.25
N VAL I 108 42.13 -59.38 -58.21
CA VAL I 108 43.56 -59.50 -57.93
C VAL I 108 44.04 -60.85 -58.46
N LEU I 109 45.01 -60.80 -59.36
CA LEU I 109 45.63 -62.01 -59.89
C LEU I 109 46.55 -62.62 -58.84
N GLY I 110 47.28 -63.67 -59.22
CA GLY I 110 48.12 -64.39 -58.28
C GLY I 110 47.35 -64.81 -57.05
N GLN I 111 46.15 -65.36 -57.27
CA GLN I 111 45.24 -65.68 -56.19
C GLN I 111 44.17 -66.67 -56.67
N ASP J 2 -12.18 2.64 21.12
CA ASP J 2 -11.19 2.00 20.27
C ASP J 2 -10.23 1.09 21.07
N PRO J 3 -9.66 1.56 22.19
CA PRO J 3 -8.80 0.67 22.97
C PRO J 3 -9.52 -0.01 24.13
N HIS J 4 -10.77 0.38 24.40
CA HIS J 4 -11.52 -0.10 25.55
C HIS J 4 -12.71 -0.96 25.15
N LEU J 5 -12.53 -1.84 24.17
CA LEU J 5 -13.63 -2.68 23.71
C LEU J 5 -13.96 -3.78 24.70
N ARG J 6 -12.97 -4.25 25.47
CA ARG J 6 -13.21 -5.32 26.43
C ARG J 6 -13.62 -4.80 27.80
N ASN J 7 -13.64 -3.49 28.01
CA ASN J 7 -14.18 -2.90 29.22
C ASN J 7 -15.70 -2.85 29.06
N ARG J 8 -16.38 -3.77 29.69
CA ARG J 8 -17.77 -4.05 29.33
C ARG J 8 -18.74 -3.25 30.18
N PRO J 9 -19.88 -2.89 29.61
CA PRO J 9 -20.96 -2.32 30.42
C PRO J 9 -21.65 -3.39 31.25
N GLY J 10 -22.08 -2.99 32.44
CA GLY J 10 -22.70 -3.96 33.32
C GLY J 10 -21.67 -4.90 33.91
N LYS J 11 -22.14 -6.12 34.23
CA LYS J 11 -21.27 -7.09 34.90
C LYS J 11 -20.21 -7.64 33.98
N GLY J 12 -20.49 -7.71 32.68
CA GLY J 12 -19.51 -8.18 31.72
C GLY J 12 -19.41 -9.68 31.56
N HIS J 13 -20.46 -10.43 31.92
CA HIS J 13 -20.41 -11.88 31.85
C HIS J 13 -20.71 -12.36 30.45
N ASN J 14 -19.81 -13.17 29.90
CA ASN J 14 -19.92 -13.70 28.55
C ASN J 14 -19.79 -15.21 28.54
N TYR J 15 -20.54 -15.87 29.43
CA TYR J 15 -20.63 -17.31 29.47
C TYR J 15 -22.09 -17.72 29.38
N ILE J 16 -22.32 -18.94 28.93
CA ILE J 16 -23.65 -19.55 28.95
C ILE J 16 -23.75 -20.40 30.21
N ASP J 17 -24.96 -20.48 30.77
CA ASP J 17 -25.14 -21.03 32.11
C ASP J 17 -24.64 -22.47 32.19
N GLY J 18 -24.82 -23.25 31.13
CA GLY J 18 -24.44 -24.66 31.19
C GLY J 18 -22.95 -24.91 31.18
N MET J 19 -22.13 -23.90 30.95
CA MET J 19 -20.69 -24.07 30.78
C MET J 19 -19.96 -23.09 31.69
N THR J 20 -19.24 -23.62 32.68
CA THR J 20 -18.67 -22.85 33.78
C THR J 20 -17.17 -22.61 33.66
N GLN J 21 -16.41 -23.60 33.16
CA GLN J 21 -14.96 -23.63 33.29
C GLN J 21 -14.25 -22.41 32.68
N GLU J 22 -14.94 -21.58 31.90
CA GLU J 22 -14.34 -20.39 31.33
C GLU J 22 -14.65 -19.13 32.14
N ASP J 23 -15.15 -19.28 33.37
CA ASP J 23 -15.52 -18.12 34.18
C ASP J 23 -14.31 -17.29 34.60
N ALA J 24 -13.14 -17.92 34.70
CA ALA J 24 -11.93 -17.21 35.12
C ALA J 24 -11.50 -16.14 34.13
N THR J 25 -12.03 -16.16 32.90
CA THR J 25 -11.66 -15.19 31.89
C THR J 25 -12.84 -14.59 31.13
N CYS J 26 -14.03 -15.19 31.22
CA CYS J 26 -15.25 -14.59 30.66
C CYS J 26 -16.15 -13.97 31.73
N LYS J 27 -15.89 -14.24 33.01
CA LYS J 27 -16.73 -13.79 34.11
C LYS J 27 -15.87 -12.98 35.08
N PRO J 28 -15.66 -11.69 34.79
CA PRO J 28 -16.13 -11.01 33.58
C PRO J 28 -15.07 -10.99 32.49
N VAL J 29 -15.36 -10.30 31.39
CA VAL J 29 -14.38 -10.05 30.35
C VAL J 29 -13.73 -8.70 30.61
N THR J 30 -12.40 -8.67 30.53
CA THR J 30 -11.65 -7.45 30.84
C THR J 30 -10.54 -7.31 29.80
N TYR J 31 -9.60 -6.40 30.07
CA TYR J 31 -8.55 -6.10 29.10
C TYR J 31 -7.70 -7.32 28.77
N ALA J 32 -7.44 -8.17 29.76
CA ALA J 32 -6.59 -9.33 29.58
C ALA J 32 -7.44 -10.60 29.45
N GLY J 33 -6.81 -11.64 28.91
CA GLY J 33 -7.45 -12.93 28.78
C GLY J 33 -8.24 -13.08 27.49
N ALA J 34 -8.57 -14.33 27.18
CA ALA J 34 -9.33 -14.68 26.00
C ALA J 34 -10.67 -15.30 26.41
N CYS J 35 -11.68 -15.11 25.57
CA CYS J 35 -13.03 -15.62 25.84
C CYS J 35 -13.63 -16.09 24.52
N SER J 36 -13.81 -17.41 24.36
CA SER J 36 -14.31 -17.95 23.11
C SER J 36 -15.74 -17.52 22.80
N SER J 37 -16.48 -17.02 23.79
CA SER J 37 -17.85 -16.58 23.56
C SER J 37 -17.96 -15.13 23.12
N PHE J 38 -16.90 -14.34 23.27
CA PHE J 38 -16.97 -12.91 22.98
C PHE J 38 -15.86 -12.44 22.05
N ASP J 39 -14.68 -13.07 22.12
CA ASP J 39 -13.57 -12.66 21.27
C ASP J 39 -13.95 -12.68 19.79
N VAL J 40 -14.69 -13.71 19.38
CA VAL J 40 -15.09 -13.86 17.97
C VAL J 40 -15.91 -12.67 17.50
N LEU J 41 -16.48 -11.89 18.42
CA LEU J 41 -17.26 -10.72 18.06
C LEU J 41 -16.41 -9.54 17.60
N LEU J 42 -15.09 -9.61 17.75
CA LEU J 42 -14.23 -8.46 17.46
C LEU J 42 -13.43 -8.61 16.18
N GLU J 43 -13.52 -9.74 15.48
CA GLU J 43 -12.89 -9.88 14.18
C GLU J 43 -13.62 -8.97 13.18
N LYS J 44 -12.90 -7.97 12.65
CA LYS J 44 -13.54 -6.91 11.89
C LYS J 44 -14.12 -7.45 10.59
N GLY J 45 -15.11 -6.73 10.08
CA GLY J 45 -15.89 -7.19 8.94
C GLY J 45 -16.96 -8.18 9.36
N LYS J 46 -16.65 -8.97 10.39
CA LYS J 46 -17.59 -9.91 10.96
C LYS J 46 -18.25 -9.30 12.18
N PHE J 47 -19.57 -9.50 12.30
CA PHE J 47 -20.41 -8.85 13.29
C PHE J 47 -20.31 -7.33 13.16
N PRO J 48 -20.65 -6.74 12.01
CA PRO J 48 -20.53 -5.28 11.88
C PRO J 48 -21.52 -4.50 12.73
N LEU J 49 -22.74 -5.00 12.93
CA LEU J 49 -23.73 -4.25 13.69
C LEU J 49 -23.31 -4.13 15.16
N PHE J 50 -22.81 -5.20 15.75
CA PHE J 50 -22.34 -5.11 17.13
C PHE J 50 -21.09 -4.25 17.23
N GLN J 51 -20.16 -4.41 16.28
CA GLN J 51 -18.96 -3.57 16.28
C GLN J 51 -19.29 -2.10 16.09
N SER J 52 -20.45 -1.79 15.50
CA SER J 52 -20.92 -0.42 15.49
C SER J 52 -21.26 0.05 16.90
N TYR J 53 -22.18 -0.64 17.56
CA TYR J 53 -22.57 -0.31 18.93
C TYR J 53 -21.84 -1.23 19.91
N ALA J 54 -20.50 -1.08 19.93
CA ALA J 54 -19.66 -2.01 20.67
C ALA J 54 -19.87 -1.94 22.17
N HIS J 55 -20.20 -0.75 22.69
CA HIS J 55 -20.32 -0.56 24.13
C HIS J 55 -21.72 -0.87 24.65
N HIS J 56 -22.56 -1.51 23.86
CA HIS J 56 -23.80 -2.09 24.35
C HIS J 56 -23.62 -3.58 24.57
N ARG J 57 -24.55 -4.17 25.33
CA ARG J 57 -24.37 -5.54 25.82
C ARG J 57 -24.59 -6.57 24.71
N THR J 58 -23.94 -7.72 24.88
CA THR J 58 -24.18 -8.88 24.02
C THR J 58 -25.32 -9.71 24.60
N LEU J 59 -25.61 -10.85 23.97
CA LEU J 59 -26.75 -11.66 24.38
C LEU J 59 -26.50 -12.34 25.72
N LEU J 60 -25.39 -13.09 25.82
CA LEU J 60 -24.99 -13.64 27.11
C LEU J 60 -24.79 -12.52 28.12
N GLU J 61 -24.21 -11.41 27.69
CA GLU J 61 -24.08 -10.26 28.57
C GLU J 61 -25.43 -9.73 29.03
N ALA J 62 -26.47 -9.87 28.21
CA ALA J 62 -27.77 -9.35 28.58
C ALA J 62 -28.52 -10.29 29.51
N VAL J 63 -28.39 -11.61 29.29
CA VAL J 63 -29.13 -12.55 30.14
C VAL J 63 -28.56 -12.55 31.56
N HIS J 64 -27.27 -12.28 31.72
CA HIS J 64 -26.67 -12.23 33.06
C HIS J 64 -26.89 -10.89 33.75
N ASP J 65 -27.39 -9.89 33.03
CA ASP J 65 -27.89 -8.66 33.63
C ASP J 65 -29.41 -8.65 33.71
N THR J 66 -30.05 -9.81 33.53
CA THR J 66 -31.48 -10.04 33.64
C THR J 66 -32.29 -9.27 32.60
N ILE J 67 -31.64 -8.74 31.56
CA ILE J 67 -32.37 -8.01 30.52
C ILE J 67 -33.15 -8.97 29.65
N ILE J 68 -32.54 -10.09 29.27
CA ILE J 68 -33.16 -11.09 28.41
C ILE J 68 -33.28 -12.40 29.19
N ALA J 69 -34.43 -13.07 29.04
CA ALA J 69 -34.69 -14.32 29.74
C ALA J 69 -34.16 -15.51 28.95
N LYS J 70 -34.16 -16.67 29.61
CA LYS J 70 -33.71 -17.93 29.01
C LYS J 70 -34.90 -18.79 28.61
N ALA J 71 -34.73 -19.57 27.54
CA ALA J 71 -35.75 -20.47 27.05
C ALA J 71 -35.80 -21.73 27.92
N ASP J 72 -36.78 -22.61 27.67
CA ASP J 72 -36.90 -23.67 28.66
C ASP J 72 -36.74 -25.08 28.11
N PRO J 73 -35.91 -25.28 27.10
CA PRO J 73 -34.62 -25.90 27.32
C PRO J 73 -33.54 -24.82 27.27
N PRO J 74 -32.58 -24.81 28.19
CA PRO J 74 -31.44 -23.91 27.98
C PRO J 74 -30.61 -24.31 26.77
N SER J 75 -30.69 -25.57 26.37
CA SER J 75 -29.97 -26.08 25.21
C SER J 75 -30.78 -27.22 24.60
N CYS J 76 -30.88 -27.23 23.28
CA CYS J 76 -31.54 -28.30 22.56
C CYS J 76 -30.52 -29.31 22.06
N ASP J 77 -30.87 -30.59 22.14
CA ASP J 77 -29.96 -31.67 21.79
C ASP J 77 -30.11 -32.05 20.32
N LEU J 78 -28.98 -32.24 19.65
CA LEU J 78 -28.95 -32.75 18.28
C LEU J 78 -28.63 -34.23 18.23
N GLN J 79 -28.87 -34.96 19.33
CA GLN J 79 -28.65 -36.39 19.38
C GLN J 79 -29.84 -37.16 19.94
N SER J 80 -30.83 -36.49 20.51
CA SER J 80 -31.92 -37.13 21.23
C SER J 80 -32.91 -37.75 20.24
N ALA J 81 -34.09 -38.13 20.75
CA ALA J 81 -35.16 -38.62 19.91
C ALA J 81 -35.31 -37.76 18.66
N HIS J 82 -35.63 -36.49 18.85
CA HIS J 82 -35.32 -35.53 17.80
C HIS J 82 -34.62 -34.28 18.33
N GLY J 83 -34.99 -33.81 19.52
CA GLY J 83 -34.51 -32.51 19.99
C GLY J 83 -35.18 -31.35 19.29
N ASN J 84 -36.50 -31.43 19.12
CA ASN J 84 -37.30 -30.53 18.28
C ASN J 84 -37.41 -29.08 18.72
N PRO J 85 -37.47 -28.74 20.03
CA PRO J 85 -37.78 -27.34 20.41
C PRO J 85 -37.00 -26.26 19.67
N CYS J 86 -35.74 -26.51 19.32
CA CYS J 86 -34.96 -25.53 18.58
C CYS J 86 -34.88 -25.80 17.08
N MET J 87 -34.95 -27.07 16.67
CA MET J 87 -34.63 -27.42 15.29
C MET J 87 -35.48 -26.64 14.28
N LYS J 88 -36.76 -26.45 14.59
CA LYS J 88 -37.63 -25.75 13.65
C LYS J 88 -37.17 -24.32 13.42
N GLU J 89 -36.63 -23.67 14.46
CA GLU J 89 -36.12 -22.31 14.32
C GLU J 89 -34.71 -22.30 13.75
N LYS J 90 -33.92 -23.33 14.06
CA LYS J 90 -32.52 -23.36 13.66
C LYS J 90 -32.36 -23.67 12.17
N LEU J 91 -33.22 -24.52 11.62
CA LEU J 91 -33.09 -24.89 10.22
C LEU J 91 -33.36 -23.71 9.30
N VAL J 92 -34.29 -22.83 9.66
CA VAL J 92 -34.63 -21.71 8.80
C VAL J 92 -33.53 -20.68 8.71
N MET J 93 -32.54 -20.73 9.60
CA MET J 93 -31.44 -19.78 9.58
C MET J 93 -30.17 -20.46 9.12
N LYS J 94 -29.52 -19.89 8.11
CA LYS J 94 -28.22 -20.37 7.63
C LYS J 94 -27.11 -19.72 8.47
N THR J 95 -26.40 -20.54 9.23
CA THR J 95 -25.29 -20.07 10.05
C THR J 95 -24.05 -20.91 9.73
N HIS J 96 -22.90 -20.48 10.24
CA HIS J 96 -21.64 -21.16 9.99
C HIS J 96 -20.84 -21.20 11.29
N CYS J 97 -20.74 -22.40 11.88
CA CYS J 97 -20.03 -22.59 13.14
C CYS J 97 -18.59 -23.01 12.88
N PRO J 98 -17.62 -22.34 13.47
CA PRO J 98 -16.23 -22.83 13.40
C PRO J 98 -16.08 -24.14 14.14
N ASN J 99 -14.92 -24.75 13.98
CA ASN J 99 -14.64 -25.99 14.67
C ASN J 99 -14.54 -25.76 16.18
N ASP J 100 -14.65 -26.86 16.92
CA ASP J 100 -14.43 -27.00 18.37
C ASP J 100 -15.54 -26.39 19.22
N TYR J 101 -16.64 -25.91 18.65
CA TYR J 101 -17.71 -25.34 19.45
C TYR J 101 -18.74 -26.39 19.83
N GLN J 102 -19.05 -26.46 21.13
CA GLN J 102 -20.05 -27.39 21.64
C GLN J 102 -21.44 -26.79 21.71
N SER J 103 -21.54 -25.46 21.81
CA SER J 103 -22.82 -24.79 21.96
C SER J 103 -22.85 -23.54 21.09
N ALA J 104 -24.05 -23.15 20.69
CA ALA J 104 -24.27 -21.92 19.94
C ALA J 104 -25.60 -21.33 20.33
N HIS J 105 -25.61 -20.06 20.72
CA HIS J 105 -26.80 -19.43 21.28
C HIS J 105 -27.35 -18.36 20.34
N TYR J 106 -28.60 -17.97 20.60
CA TYR J 106 -29.30 -16.99 19.78
C TYR J 106 -30.57 -16.57 20.50
N LEU J 107 -31.24 -15.57 19.94
CA LEU J 107 -32.56 -15.14 20.39
C LEU J 107 -33.63 -15.90 19.63
N ASN J 108 -34.44 -16.69 20.32
CA ASN J 108 -35.49 -17.43 19.66
C ASN J 108 -36.60 -16.46 19.21
N ASN J 109 -37.59 -17.03 18.50
CA ASN J 109 -38.71 -16.20 18.07
C ASN J 109 -39.56 -15.74 19.24
N ASP J 110 -39.42 -16.37 20.39
CA ASP J 110 -40.19 -15.98 21.57
C ASP J 110 -39.54 -14.84 22.35
N GLY J 111 -38.36 -14.39 21.95
CA GLY J 111 -37.70 -13.29 22.62
C GLY J 111 -36.72 -13.69 23.71
N LYS J 112 -36.58 -14.99 23.99
CA LYS J 112 -35.64 -15.47 24.99
C LYS J 112 -34.40 -16.04 24.32
N MET J 113 -33.37 -16.26 25.12
CA MET J 113 -32.11 -16.81 24.62
C MET J 113 -32.20 -18.34 24.62
N ALA J 114 -32.24 -18.92 23.44
CA ALA J 114 -32.11 -20.36 23.28
C ALA J 114 -30.71 -20.70 22.80
N SER J 115 -30.38 -21.98 22.85
CA SER J 115 -29.10 -22.43 22.35
C SER J 115 -29.24 -23.85 21.83
N VAL J 116 -28.34 -24.22 20.94
CA VAL J 116 -28.23 -25.57 20.40
C VAL J 116 -26.88 -26.12 20.82
N LYS J 117 -26.88 -27.31 21.42
CA LYS J 117 -25.70 -27.82 22.08
C LYS J 117 -25.55 -29.32 21.81
N CYS J 118 -24.30 -29.79 21.86
CA CYS J 118 -23.95 -31.18 21.64
C CYS J 118 -23.60 -31.88 22.95
N PRO J 119 -23.68 -33.21 23.00
CA PRO J 119 -23.19 -33.95 24.17
C PRO J 119 -21.69 -33.77 24.33
N PRO J 120 -21.14 -34.15 25.49
CA PRO J 120 -19.73 -33.86 25.76
C PRO J 120 -18.79 -34.45 24.70
N LYS J 121 -17.78 -33.65 24.35
CA LYS J 121 -16.74 -34.01 23.38
C LYS J 121 -17.30 -34.27 21.99
N TYR J 122 -18.47 -33.73 21.69
CA TYR J 122 -18.99 -33.61 20.34
C TYR J 122 -19.03 -32.14 19.95
N GLU J 123 -18.87 -31.88 18.65
CA GLU J 123 -18.79 -30.51 18.15
C GLU J 123 -19.88 -30.27 17.10
N LEU J 124 -20.15 -28.99 16.88
CA LEU J 124 -21.14 -28.59 15.88
C LEU J 124 -20.51 -28.59 14.50
N THR J 125 -21.30 -28.96 13.50
CA THR J 125 -20.84 -28.97 12.13
C THR J 125 -20.75 -27.55 11.58
N GLU J 126 -20.19 -27.42 10.37
CA GLU J 126 -19.97 -26.12 9.77
C GLU J 126 -21.26 -25.39 9.42
N ASP J 127 -22.41 -26.04 9.54
CA ASP J 127 -23.71 -25.39 9.36
C ASP J 127 -24.49 -25.25 10.65
N CYS J 128 -23.91 -25.68 11.78
CA CYS J 128 -24.51 -25.60 13.12
C CYS J 128 -25.79 -26.41 13.26
N ASN J 129 -26.02 -27.39 12.38
CA ASN J 129 -27.25 -28.18 12.41
C ASN J 129 -27.07 -29.59 12.95
N PHE J 130 -25.83 -30.05 13.13
CA PHE J 130 -25.58 -31.43 13.52
C PHE J 130 -24.41 -31.49 14.50
N CYS J 131 -24.33 -32.62 15.20
CA CYS J 131 -23.23 -32.89 16.12
C CYS J 131 -22.41 -34.06 15.59
N ARG J 132 -21.09 -33.94 15.70
CA ARG J 132 -20.18 -34.98 15.28
C ARG J 132 -19.08 -35.14 16.32
N GLN J 133 -18.63 -36.38 16.50
CA GLN J 133 -17.54 -36.65 17.43
C GLN J 133 -16.34 -35.76 17.12
N MET J 134 -15.88 -35.03 18.14
CA MET J 134 -14.91 -33.95 17.92
C MET J 134 -13.64 -34.48 17.25
N THR J 135 -13.08 -33.65 16.36
CA THR J 135 -11.94 -34.05 15.55
C THR J 135 -10.61 -33.72 16.20
N GLY J 136 -10.59 -32.79 17.14
CA GLY J 136 -9.39 -32.43 17.86
C GLY J 136 -9.31 -33.08 19.23
N ALA J 137 -8.58 -32.43 20.14
CA ALA J 137 -8.51 -32.87 21.52
C ALA J 137 -9.12 -31.88 22.50
N SER J 138 -9.24 -30.62 22.11
CA SER J 138 -9.79 -29.57 22.97
C SER J 138 -10.99 -28.92 22.30
N LEU J 139 -12.11 -28.88 23.01
CA LEU J 139 -13.28 -28.13 22.58
C LEU J 139 -13.23 -26.71 23.15
N LYS J 140 -13.87 -25.79 22.43
CA LYS J 140 -14.06 -24.45 22.98
C LYS J 140 -14.92 -24.51 24.23
N LYS J 141 -14.58 -23.71 25.24
CA LYS J 141 -15.29 -23.70 26.50
C LYS J 141 -16.39 -22.63 26.54
N GLY J 142 -16.86 -22.21 25.38
CA GLY J 142 -17.91 -21.21 25.33
C GLY J 142 -19.01 -21.55 24.36
N SER J 143 -19.87 -20.58 24.07
CA SER J 143 -20.95 -20.76 23.11
C SER J 143 -20.83 -19.70 22.03
N TYR J 144 -21.00 -20.12 20.76
CA TYR J 144 -20.78 -19.24 19.63
C TYR J 144 -22.04 -18.45 19.33
N PRO J 145 -21.99 -17.11 19.31
CA PRO J 145 -23.18 -16.33 18.97
C PRO J 145 -23.53 -16.48 17.50
N LEU J 146 -24.80 -16.83 17.25
CA LEU J 146 -25.28 -17.02 15.89
C LEU J 146 -25.91 -15.77 15.30
N GLN J 147 -25.76 -14.61 15.95
CA GLN J 147 -26.42 -13.40 15.50
C GLN J 147 -25.52 -12.19 15.76
N ASP J 148 -25.44 -11.31 14.76
CA ASP J 148 -24.88 -9.98 14.96
C ASP J 148 -25.90 -9.15 15.72
N LEU J 149 -25.57 -8.74 16.93
CA LEU J 149 -26.63 -8.30 17.84
C LEU J 149 -26.05 -7.41 18.93
N PHE J 150 -26.93 -6.55 19.48
CA PHE J 150 -26.61 -5.77 20.66
C PHE J 150 -27.89 -5.58 21.47
N CYS J 151 -27.74 -5.26 22.76
CA CYS J 151 -28.88 -5.19 23.67
C CYS J 151 -28.70 -4.04 24.64
N GLN J 152 -29.78 -3.73 25.36
CA GLN J 152 -29.81 -2.65 26.34
C GLN J 152 -31.01 -2.86 27.25
N SER J 153 -31.00 -2.18 28.39
CA SER J 153 -32.13 -2.20 29.30
C SER J 153 -33.25 -1.33 28.77
N SER J 154 -34.49 -1.78 28.97
CA SER J 154 -35.64 -1.02 28.51
C SER J 154 -36.90 -1.50 29.20
N GLU J 155 -37.82 -0.56 29.47
CA GLU J 155 -39.14 -0.84 30.00
C GLU J 155 -40.25 -0.48 29.03
N ASP J 156 -39.90 -0.11 27.80
CA ASP J 156 -40.89 0.32 26.81
C ASP J 156 -41.72 -0.87 26.37
N ASP J 157 -43.03 -0.80 26.59
CA ASP J 157 -43.92 -1.89 26.22
C ASP J 157 -44.11 -1.94 24.71
N GLY J 158 -43.95 -3.13 24.14
CA GLY J 158 -44.13 -3.31 22.71
C GLY J 158 -45.05 -4.44 22.36
N SER J 159 -46.02 -4.73 23.24
CA SER J 159 -46.93 -5.84 23.00
C SER J 159 -47.81 -5.60 21.78
N LYS J 160 -48.08 -4.33 21.45
CA LYS J 160 -48.88 -4.01 20.28
C LYS J 160 -48.13 -4.21 18.97
N LEU J 161 -46.82 -4.40 19.03
CA LEU J 161 -46.00 -4.48 17.83
C LEU J 161 -45.96 -5.89 17.27
N LYS J 162 -45.69 -5.98 15.97
CA LYS J 162 -45.72 -7.23 15.22
C LYS J 162 -45.00 -7.01 13.90
N THR J 163 -44.40 -8.09 13.38
CA THR J 163 -43.67 -8.00 12.13
C THR J 163 -44.60 -7.63 10.98
N LYS J 164 -44.18 -6.65 10.18
CA LYS J 164 -44.87 -6.31 8.94
C LYS J 164 -43.81 -6.07 7.87
N MET J 165 -43.85 -6.87 6.80
CA MET J 165 -42.89 -6.75 5.71
C MET J 165 -43.64 -6.83 4.39
N LYS J 166 -43.39 -5.86 3.52
CA LYS J 166 -44.11 -5.77 2.26
C LYS J 166 -43.79 -6.96 1.37
N GLY J 167 -44.83 -7.66 0.92
CA GLY J 167 -44.68 -8.75 -0.03
C GLY J 167 -44.02 -10.00 0.51
N VAL J 168 -43.94 -10.15 1.83
CA VAL J 168 -43.30 -11.31 2.45
C VAL J 168 -44.39 -12.25 2.96
N CYS J 169 -44.27 -13.53 2.64
CA CYS J 169 -45.19 -14.56 3.12
C CYS J 169 -44.66 -15.27 4.36
N GLU J 170 -43.39 -15.67 4.33
CA GLU J 170 -42.74 -16.31 5.46
C GLU J 170 -41.37 -15.68 5.68
N VAL J 171 -41.08 -15.32 6.92
CA VAL J 171 -39.77 -14.81 7.30
C VAL J 171 -39.30 -15.62 8.50
N GLY J 172 -38.33 -16.50 8.30
CA GLY J 172 -37.91 -17.39 9.37
C GLY J 172 -39.04 -18.30 9.80
N VAL J 173 -39.25 -18.39 11.11
CA VAL J 173 -40.35 -19.20 11.63
C VAL J 173 -41.69 -18.54 11.33
N GLN J 174 -41.75 -17.21 11.42
CA GLN J 174 -43.01 -16.49 11.31
C GLN J 174 -43.64 -16.67 9.93
N ALA J 175 -44.93 -16.95 9.92
CA ALA J 175 -45.72 -16.98 8.69
C ALA J 175 -46.65 -15.77 8.73
N LEU J 176 -46.28 -14.72 7.98
CA LEU J 176 -47.04 -13.49 8.00
C LEU J 176 -48.41 -13.66 7.37
N LYS J 177 -48.48 -14.38 6.24
CA LYS J 177 -49.74 -14.75 5.63
C LYS J 177 -49.50 -15.99 4.79
N LYS J 178 -50.57 -16.47 4.14
CA LYS J 178 -50.45 -17.54 3.16
C LYS J 178 -50.56 -16.94 1.77
N CYS J 179 -49.73 -17.42 0.85
CA CYS J 179 -49.62 -16.85 -0.48
C CYS J 179 -49.93 -17.89 -1.54
N ASP J 180 -50.68 -17.47 -2.56
CA ASP J 180 -51.01 -18.32 -3.68
C ASP J 180 -50.06 -18.16 -4.87
N GLY J 181 -49.33 -17.05 -4.94
CA GLY J 181 -48.51 -16.78 -6.10
C GLY J 181 -47.21 -17.56 -6.09
N GLN J 182 -46.60 -17.65 -7.28
CA GLN J 182 -45.25 -18.18 -7.39
C GLN J 182 -44.30 -17.36 -6.52
N LEU J 183 -43.58 -18.04 -5.63
CA LEU J 183 -42.80 -17.38 -4.61
C LEU J 183 -41.32 -17.43 -4.93
N SER J 184 -40.62 -16.36 -4.55
CA SER J 184 -39.16 -16.31 -4.60
C SER J 184 -38.63 -16.61 -3.20
N THR J 185 -37.76 -17.60 -3.09
CA THR J 185 -37.25 -18.08 -1.81
C THR J 185 -35.75 -17.84 -1.76
N ALA J 186 -35.30 -17.18 -0.69
CA ALA J 186 -33.86 -16.92 -0.59
C ALA J 186 -33.49 -16.66 0.87
N HIS J 187 -32.24 -16.99 1.21
CA HIS J 187 -31.69 -16.64 2.51
C HIS J 187 -31.34 -15.15 2.51
N GLU J 188 -31.95 -14.41 3.42
CA GLU J 188 -31.75 -12.97 3.52
C GLU J 188 -31.26 -12.61 4.92
N VAL J 189 -30.37 -11.63 4.98
CA VAL J 189 -29.91 -11.05 6.24
C VAL J 189 -30.96 -10.02 6.65
N VAL J 190 -31.87 -10.41 7.53
CA VAL J 190 -32.98 -9.55 7.93
C VAL J 190 -32.68 -8.95 9.30
N PRO J 191 -32.94 -7.66 9.50
CA PRO J 191 -32.86 -7.09 10.85
C PRO J 191 -34.09 -7.44 11.67
N PHE J 192 -33.93 -7.27 12.98
CA PHE J 192 -34.98 -7.58 13.93
C PHE J 192 -34.67 -6.91 15.25
N ALA J 193 -35.68 -6.88 16.12
CA ALA J 193 -35.54 -6.35 17.46
C ALA J 193 -36.57 -6.99 18.37
N VAL J 194 -36.20 -7.14 19.64
CA VAL J 194 -37.09 -7.66 20.66
C VAL J 194 -37.25 -6.61 21.74
N PHE J 195 -38.50 -6.45 22.20
CA PHE J 195 -38.96 -5.40 23.10
C PHE J 195 -39.44 -6.05 24.40
N LYS J 196 -40.06 -5.25 25.27
CA LYS J 196 -40.43 -5.74 26.60
C LYS J 196 -41.38 -6.94 26.50
N ASN J 197 -42.56 -6.73 25.92
CA ASN J 197 -43.59 -7.77 25.86
C ASN J 197 -43.91 -8.15 24.43
N SER J 198 -42.87 -8.27 23.59
CA SER J 198 -43.04 -8.60 22.19
C SER J 198 -42.29 -9.88 21.85
N LYS J 199 -42.64 -10.45 20.70
CA LYS J 199 -41.86 -11.53 20.12
C LYS J 199 -40.80 -10.92 19.20
N LYS J 200 -40.10 -11.75 18.44
CA LYS J 200 -39.12 -11.24 17.50
C LYS J 200 -39.83 -10.51 16.36
N VAL J 201 -39.50 -9.24 16.17
CA VAL J 201 -40.14 -8.40 15.16
C VAL J 201 -39.14 -8.19 14.03
N TYR J 202 -39.40 -8.81 12.88
CA TYR J 202 -38.57 -8.60 11.71
C TYR J 202 -38.93 -7.29 11.03
N LEU J 203 -37.93 -6.70 10.36
CA LEU J 203 -38.03 -5.35 9.83
C LEU J 203 -37.64 -5.32 8.37
N ASP J 204 -38.18 -4.32 7.66
CA ASP J 204 -37.74 -4.00 6.30
C ASP J 204 -36.53 -3.05 6.33
N LYS J 205 -36.68 -1.90 6.97
CA LYS J 205 -35.59 -0.97 7.19
C LYS J 205 -35.09 -1.08 8.62
N LEU J 206 -33.83 -0.70 8.83
CA LEU J 206 -33.24 -0.62 10.16
C LEU J 206 -32.86 0.84 10.40
N ASP J 207 -33.71 1.55 11.13
CA ASP J 207 -33.47 2.95 11.46
C ASP J 207 -33.24 3.06 12.97
N LEU J 208 -32.03 3.41 13.35
CA LEU J 208 -31.64 3.51 14.76
C LEU J 208 -31.21 4.94 15.07
N LYS J 209 -31.37 5.34 16.33
CA LYS J 209 -30.86 6.62 16.79
C LYS J 209 -30.39 6.50 18.24
N THR J 210 -29.26 7.10 18.55
CA THR J 210 -28.63 6.99 19.86
C THR J 210 -28.65 8.34 20.56
N GLU J 211 -29.26 8.39 21.75
CA GLU J 211 -29.27 9.58 22.60
C GLU J 211 -28.19 9.41 23.65
N GLU J 212 -27.13 10.22 23.57
CA GLU J 212 -26.05 10.13 24.54
C GLU J 212 -26.45 10.75 25.87
N ASN J 213 -25.86 10.25 26.95
CA ASN J 213 -26.16 10.71 28.29
C ASN J 213 -24.96 10.45 29.18
N LEU J 214 -25.03 10.98 30.41
CA LEU J 214 -23.97 10.83 31.41
C LEU J 214 -24.25 9.71 32.39
N LEU J 215 -25.00 8.69 31.98
CA LEU J 215 -25.33 7.57 32.84
C LEU J 215 -24.09 6.69 33.04
N PRO J 216 -24.11 5.80 34.04
CA PRO J 216 -22.92 4.97 34.31
C PRO J 216 -22.46 4.15 33.11
N ASP J 217 -23.37 3.50 32.38
CA ASP J 217 -22.99 2.64 31.28
C ASP J 217 -22.43 3.41 30.09
N SER J 218 -22.46 4.74 30.10
CA SER J 218 -21.85 5.55 29.06
C SER J 218 -20.38 5.84 29.32
N PHE J 219 -19.83 5.33 30.42
CA PHE J 219 -18.43 5.55 30.78
C PHE J 219 -17.69 4.22 30.83
N VAL J 220 -16.36 4.32 30.78
CA VAL J 220 -15.47 3.19 30.99
C VAL J 220 -14.31 3.68 31.86
N CYS J 221 -14.12 3.04 33.01
CA CYS J 221 -13.08 3.43 33.96
C CYS J 221 -11.97 2.38 33.96
N PHE J 222 -10.74 2.84 34.14
CA PHE J 222 -9.60 1.92 34.15
C PHE J 222 -8.50 2.46 35.06
N GLU J 223 -7.79 1.52 35.70
CA GLU J 223 -6.67 1.83 36.56
C GLU J 223 -5.45 1.02 36.13
N HIS J 224 -4.40 1.00 36.94
CA HIS J 224 -3.25 0.15 36.65
C HIS J 224 -3.31 -1.16 37.43
N ARG J 239 0.87 -1.65 28.53
CA ARG J 239 -0.52 -1.85 28.91
C ARG J 239 -0.64 -2.92 30.01
N GLU J 240 -1.08 -2.48 31.19
CA GLU J 240 -1.49 -3.37 32.28
C GLU J 240 -2.82 -2.91 32.85
N LEU J 241 -3.74 -2.52 31.96
CA LEU J 241 -5.01 -1.95 32.38
C LEU J 241 -5.97 -3.04 32.85
N LYS J 242 -6.70 -2.75 33.91
CA LYS J 242 -7.79 -3.59 34.37
C LYS J 242 -9.01 -2.73 34.69
N SER J 243 -10.19 -3.30 34.44
CA SER J 243 -11.43 -2.57 34.63
C SER J 243 -11.61 -2.19 36.10
N PHE J 244 -12.44 -1.17 36.32
CA PHE J 244 -12.68 -0.65 37.67
C PHE J 244 -14.10 -0.11 37.73
N ASP J 245 -14.85 -0.59 38.73
CA ASP J 245 -16.27 -0.25 38.84
C ASP J 245 -16.44 1.25 39.07
N ILE J 246 -17.28 1.87 38.25
CA ILE J 246 -17.52 3.31 38.36
C ILE J 246 -18.36 3.64 39.59
N SER J 247 -19.06 2.66 40.15
CA SER J 247 -19.88 2.90 41.33
C SER J 247 -19.05 3.30 42.55
N GLN J 248 -17.74 3.02 42.52
CA GLN J 248 -16.87 3.42 43.62
C GLN J 248 -16.44 4.88 43.51
N CYS J 249 -16.59 5.51 42.35
CA CYS J 249 -16.28 6.92 42.21
C CYS J 249 -17.41 7.76 42.79
N PRO J 250 -17.12 8.71 43.67
CA PRO J 250 -18.19 9.57 44.20
C PRO J 250 -18.57 10.66 43.22
N LYS J 251 -19.88 10.88 43.09
CA LYS J 251 -20.38 11.97 42.27
C LYS J 251 -20.08 13.31 42.93
N ILE J 252 -20.35 14.38 42.20
CA ILE J 252 -20.24 15.72 42.77
C ILE J 252 -21.26 15.85 43.89
N GLY J 253 -20.79 16.20 45.09
CA GLY J 253 -21.65 16.28 46.24
C GLY J 253 -22.18 14.92 46.67
N GLY J 254 -21.28 13.94 46.77
CA GLY J 254 -21.65 12.60 47.16
C GLY J 254 -20.57 11.91 47.96
N HIS J 255 -20.73 10.60 48.17
CA HIS J 255 -19.77 9.81 48.94
C HIS J 255 -19.26 8.65 48.10
N GLY J 256 -17.98 8.33 48.26
CA GLY J 256 -17.38 7.25 47.50
C GLY J 256 -16.22 6.64 48.25
N SER J 257 -15.87 5.41 47.86
CA SER J 257 -14.80 4.66 48.50
C SER J 257 -13.44 4.88 47.85
N LYS J 258 -13.40 5.37 46.61
CA LYS J 258 -12.15 5.57 45.90
C LYS J 258 -12.07 7.01 45.41
N LYS J 259 -10.99 7.33 44.70
CA LYS J 259 -10.80 8.62 44.06
C LYS J 259 -10.58 8.39 42.57
N CYS J 260 -11.16 9.28 41.75
CA CYS J 260 -11.19 9.09 40.31
C CYS J 260 -10.95 10.42 39.60
N THR J 261 -10.51 10.31 38.34
CA THR J 261 -10.43 11.44 37.43
C THR J 261 -11.05 11.01 36.11
N GLY J 262 -11.45 11.98 35.29
CA GLY J 262 -12.01 11.64 34.00
C GLY J 262 -11.86 12.78 33.01
N ASP J 263 -12.41 12.56 31.81
CA ASP J 263 -12.47 13.62 30.81
C ASP J 263 -13.50 14.68 31.23
N ALA J 264 -13.72 15.64 30.35
CA ALA J 264 -14.67 16.72 30.66
C ALA J 264 -16.04 16.16 31.00
N ALA J 265 -16.52 15.18 30.24
CA ALA J 265 -17.84 14.60 30.51
C ALA J 265 -17.90 13.96 31.88
N PHE J 266 -16.86 13.21 32.26
CA PHE J 266 -16.87 12.53 33.55
C PHE J 266 -16.82 13.55 34.70
N CYS J 267 -15.95 14.55 34.60
CA CYS J 267 -15.84 15.52 35.68
C CYS J 267 -17.00 16.50 35.71
N SER J 268 -17.86 16.51 34.67
CA SER J 268 -19.06 17.34 34.75
C SER J 268 -20.02 16.82 35.80
N ALA J 269 -19.97 15.53 36.13
CA ALA J 269 -20.91 14.91 37.07
C ALA J 269 -20.24 14.36 38.31
N TYR J 270 -19.05 13.79 38.20
CA TYR J 270 -18.33 13.22 39.33
C TYR J 270 -17.16 14.14 39.68
N GLU J 271 -16.70 14.08 40.92
CA GLU J 271 -15.59 14.91 41.34
C GLU J 271 -14.27 14.28 40.94
N CYS J 272 -13.34 15.11 40.50
CA CYS J 272 -12.08 14.67 39.89
C CYS J 272 -10.90 15.26 40.64
N THR J 273 -9.92 14.41 40.95
CA THR J 273 -8.66 14.83 41.58
C THR J 273 -7.51 14.29 40.74
N ALA J 274 -6.76 15.21 40.12
CA ALA J 274 -5.77 14.81 39.13
C ALA J 274 -4.55 14.12 39.73
N GLN J 275 -4.33 14.25 41.03
CA GLN J 275 -3.14 13.68 41.66
C GLN J 275 -3.40 12.43 42.49
N TYR J 276 -4.58 12.31 43.10
CA TYR J 276 -4.87 11.26 44.06
C TYR J 276 -5.87 10.24 43.52
N ALA J 277 -6.08 10.21 42.20
CA ALA J 277 -7.09 9.33 41.62
C ALA J 277 -6.58 7.92 41.48
N ASN J 278 -7.40 6.95 41.88
CA ASN J 278 -7.07 5.55 41.63
C ASN J 278 -7.18 5.22 40.15
N ALA J 279 -8.13 5.84 39.45
CA ALA J 279 -8.41 5.45 38.08
C ALA J 279 -8.85 6.66 37.25
N TYR J 280 -8.99 6.41 35.96
CA TYR J 280 -9.35 7.41 34.96
C TYR J 280 -10.51 6.86 34.14
N CYS J 281 -11.53 7.70 33.94
CA CYS J 281 -12.79 7.28 33.31
C CYS J 281 -13.02 8.11 32.06
N SER J 282 -13.18 7.45 30.92
CA SER J 282 -13.52 8.12 29.67
C SER J 282 -14.99 7.88 29.32
N HIS J 283 -15.51 8.72 28.43
CA HIS J 283 -16.88 8.58 27.95
C HIS J 283 -16.88 7.62 26.76
N ALA J 284 -17.63 6.53 26.88
CA ALA J 284 -17.64 5.50 25.84
C ALA J 284 -18.32 6.04 24.59
N ASN J 285 -17.58 6.04 23.47
CA ASN J 285 -18.15 6.49 22.21
C ASN J 285 -19.27 5.56 21.77
N GLY J 286 -20.32 6.15 21.20
CA GLY J 286 -21.45 5.36 20.74
C GLY J 286 -22.30 4.74 21.82
N SER J 287 -22.23 5.25 23.04
CA SER J 287 -23.04 4.75 24.14
C SER J 287 -24.19 5.71 24.40
N GLY J 288 -25.26 5.16 24.99
CA GLY J 288 -26.46 5.94 25.24
C GLY J 288 -27.73 5.17 24.92
N ILE J 289 -28.89 5.76 25.18
CA ILE J 289 -30.14 5.05 24.95
C ILE J 289 -30.43 4.98 23.46
N VAL J 290 -30.56 3.77 22.94
CA VAL J 290 -30.79 3.54 21.51
C VAL J 290 -32.28 3.28 21.29
N GLN J 291 -32.85 3.95 20.30
CA GLN J 291 -34.23 3.76 19.90
C GLN J 291 -34.28 3.36 18.44
N ILE J 292 -35.33 2.60 18.11
CA ILE J 292 -35.52 2.05 16.77
C ILE J 292 -36.88 2.47 16.25
N GLN J 293 -36.97 2.72 14.95
CA GLN J 293 -38.20 3.17 14.32
C GLN J 293 -38.90 1.97 13.71
N VAL J 294 -39.99 1.53 14.33
CA VAL J 294 -40.80 0.43 13.82
C VAL J 294 -42.09 1.03 13.27
N SER J 295 -42.30 0.86 11.97
CA SER J 295 -43.51 1.31 11.27
C SER J 295 -43.90 2.73 11.68
N GLY J 296 -42.92 3.62 11.69
CA GLY J 296 -43.15 5.02 11.95
C GLY J 296 -42.99 5.45 13.39
N VAL J 297 -43.16 4.54 14.35
CA VAL J 297 -43.13 4.88 15.77
C VAL J 297 -41.74 4.58 16.31
N TRP J 298 -41.18 5.53 17.05
CA TRP J 298 -39.90 5.31 17.72
C TRP J 298 -40.15 4.60 19.04
N LYS J 299 -39.41 3.51 19.28
CA LYS J 299 -39.55 2.71 20.47
C LYS J 299 -38.17 2.39 21.04
N LYS J 300 -38.15 1.98 22.31
CA LYS J 300 -36.91 1.63 22.99
C LYS J 300 -36.79 0.11 23.06
N PRO J 301 -36.02 -0.52 22.17
CA PRO J 301 -35.99 -1.99 22.14
C PRO J 301 -35.06 -2.56 23.19
N LEU J 302 -35.30 -3.84 23.51
CA LEU J 302 -34.39 -4.57 24.39
C LEU J 302 -33.16 -5.07 23.64
N CYS J 303 -33.34 -5.60 22.43
CA CYS J 303 -32.21 -6.02 21.61
C CYS J 303 -32.50 -5.73 20.15
N VAL J 304 -31.43 -5.45 19.39
CA VAL J 304 -31.49 -5.22 17.96
C VAL J 304 -30.39 -6.03 17.30
N GLY J 305 -30.71 -6.71 16.20
CA GLY J 305 -29.72 -7.52 15.53
C GLY J 305 -30.11 -7.86 14.11
N TYR J 306 -29.23 -8.63 13.47
CA TYR J 306 -29.45 -9.20 12.15
C TYR J 306 -29.36 -10.72 12.22
N GLU J 307 -30.06 -11.40 11.34
CA GLU J 307 -29.89 -12.84 11.20
C GLU J 307 -30.27 -13.27 9.80
N ARG J 308 -29.60 -14.32 9.32
CA ARG J 308 -29.81 -14.82 7.97
C ARG J 308 -30.86 -15.93 8.02
N VAL J 309 -32.06 -15.64 7.54
CA VAL J 309 -33.17 -16.59 7.59
C VAL J 309 -33.79 -16.72 6.21
N VAL J 310 -34.60 -17.76 6.04
CA VAL J 310 -35.27 -18.04 4.77
C VAL J 310 -36.46 -17.10 4.63
N VAL J 311 -36.44 -16.28 3.58
CA VAL J 311 -37.53 -15.35 3.27
C VAL J 311 -38.18 -15.80 1.97
N LYS J 312 -39.50 -15.92 2.00
CA LYS J 312 -40.32 -16.22 0.82
C LYS J 312 -41.16 -15.01 0.48
N ARG J 313 -41.15 -14.62 -0.79
CA ARG J 313 -41.81 -13.39 -1.22
C ARG J 313 -42.74 -13.67 -2.39
N GLU J 314 -43.88 -12.97 -2.41
CA GLU J 314 -44.85 -13.06 -3.49
C GLU J 314 -44.38 -12.26 -4.69
N LEU J 315 -45.06 -12.46 -5.82
CA LEU J 315 -44.77 -11.75 -7.06
C LEU J 315 -46.02 -10.96 -7.44
N SER J 316 -46.11 -9.73 -6.94
CA SER J 316 -47.26 -8.87 -7.19
C SER J 316 -46.84 -7.42 -7.42
N GLN K 1 -23.96 -24.29 52.73
CA GLN K 1 -23.67 -23.46 51.57
C GLN K 1 -24.74 -23.61 50.48
N VAL K 2 -24.76 -24.76 49.82
CA VAL K 2 -25.70 -25.03 48.73
C VAL K 2 -26.86 -25.92 49.18
N GLN K 3 -26.55 -27.04 49.83
CA GLN K 3 -27.46 -27.70 50.76
C GLN K 3 -28.83 -28.03 50.15
N LEU K 4 -28.83 -28.97 49.21
CA LEU K 4 -30.08 -29.64 48.87
C LEU K 4 -30.51 -30.52 50.05
N VAL K 5 -31.63 -30.18 50.69
CA VAL K 5 -32.06 -30.84 51.92
C VAL K 5 -33.44 -31.46 51.69
N GLN K 6 -33.58 -32.74 52.05
CA GLN K 6 -34.73 -33.53 51.65
C GLN K 6 -35.70 -33.80 52.80
N SER K 7 -36.90 -34.20 52.41
CA SER K 7 -37.93 -34.68 53.33
C SER K 7 -38.64 -35.85 52.65
N GLY K 8 -39.77 -36.27 53.21
CA GLY K 8 -40.60 -37.28 52.58
C GLY K 8 -40.61 -38.63 53.27
N GLY K 9 -41.81 -39.17 53.50
CA GLY K 9 -41.93 -40.48 54.11
C GLY K 9 -41.51 -41.59 53.16
N GLY K 10 -41.28 -42.77 53.74
CA GLY K 10 -40.75 -43.87 52.96
C GLY K 10 -41.16 -45.28 53.36
N LEU K 11 -42.33 -45.47 53.96
CA LEU K 11 -42.78 -46.80 54.36
C LEU K 11 -44.22 -46.96 53.91
N VAL K 12 -44.44 -47.78 52.88
CA VAL K 12 -45.74 -47.94 52.25
C VAL K 12 -45.92 -49.39 51.83
N LYS K 13 -47.18 -49.76 51.56
CA LYS K 13 -47.72 -51.01 51.06
C LYS K 13 -47.72 -50.99 49.53
N PRO K 14 -47.48 -52.14 48.88
CA PRO K 14 -47.40 -52.17 47.41
C PRO K 14 -48.67 -51.64 46.77
N GLY K 15 -48.49 -51.00 45.61
CA GLY K 15 -49.58 -50.29 44.97
C GLY K 15 -49.91 -48.95 45.61
N GLY K 16 -49.18 -48.55 46.64
CA GLY K 16 -49.43 -47.29 47.32
C GLY K 16 -48.77 -46.12 46.63
N SER K 17 -48.63 -45.02 47.38
CA SER K 17 -48.10 -43.79 46.82
C SER K 17 -47.36 -43.01 47.90
N LEU K 18 -46.37 -42.22 47.47
CA LEU K 18 -45.57 -41.40 48.36
C LEU K 18 -45.15 -40.14 47.62
N ARG K 19 -44.41 -39.28 48.32
CA ARG K 19 -44.06 -37.96 47.78
C ARG K 19 -42.79 -37.47 48.46
N LEU K 20 -41.72 -37.34 47.69
CA LEU K 20 -40.46 -36.77 48.17
C LEU K 20 -40.38 -35.30 47.81
N SER K 21 -39.73 -34.53 48.67
CA SER K 21 -39.57 -33.09 48.46
C SER K 21 -38.16 -32.68 48.83
N CYS K 22 -37.46 -32.04 47.90
CA CYS K 22 -36.08 -31.61 48.05
C CYS K 22 -36.06 -30.09 47.99
N ALA K 23 -35.73 -29.45 49.12
CA ALA K 23 -35.68 -28.00 49.23
C ALA K 23 -34.26 -27.51 48.99
N ALA K 24 -34.14 -26.43 48.21
CA ALA K 24 -32.86 -25.89 47.78
C ALA K 24 -32.60 -24.54 48.41
N SER K 25 -31.37 -24.32 48.89
CA SER K 25 -31.05 -23.06 49.55
C SER K 25 -29.54 -22.81 49.43
N GLY K 26 -29.17 -21.87 48.57
CA GLY K 26 -27.78 -21.50 48.41
C GLY K 26 -27.34 -21.19 46.99
N PHE K 27 -28.03 -21.76 46.01
CA PHE K 27 -27.90 -21.32 44.64
C PHE K 27 -29.24 -20.76 44.17
N THR K 28 -29.28 -20.31 42.91
CA THR K 28 -30.51 -19.70 42.41
C THR K 28 -31.58 -20.74 42.18
N PHE K 29 -31.18 -21.93 41.72
CA PHE K 29 -32.02 -23.13 41.57
C PHE K 29 -33.00 -22.97 40.41
N SER K 30 -33.10 -21.78 39.85
CA SER K 30 -33.95 -21.55 38.69
C SER K 30 -33.22 -21.82 37.38
N ASP K 31 -31.90 -22.01 37.42
CA ASP K 31 -31.09 -22.16 36.23
C ASP K 31 -30.51 -23.56 36.09
N TYR K 32 -30.78 -24.46 37.03
CA TYR K 32 -30.15 -25.78 37.08
C TYR K 32 -31.18 -26.86 36.84
N TYR K 33 -30.81 -27.87 36.06
CA TYR K 33 -31.65 -29.06 35.95
C TYR K 33 -31.69 -29.79 37.29
N MET K 34 -32.71 -30.64 37.47
CA MET K 34 -32.83 -31.38 38.71
C MET K 34 -33.18 -32.84 38.41
N SER K 35 -32.43 -33.76 39.00
CA SER K 35 -32.65 -35.19 38.76
C SER K 35 -32.86 -35.94 40.06
N TRP K 36 -33.46 -37.12 39.93
CA TRP K 36 -33.64 -38.05 41.03
C TRP K 36 -32.87 -39.33 40.74
N ILE K 37 -32.04 -39.75 41.69
CA ILE K 37 -31.22 -40.94 41.54
C ILE K 37 -31.47 -41.83 42.76
N ARG K 38 -31.83 -43.09 42.51
CA ARG K 38 -32.15 -44.00 43.60
C ARG K 38 -31.08 -45.09 43.72
N GLN K 39 -31.03 -45.68 44.91
CA GLN K 39 -30.02 -46.68 45.24
C GLN K 39 -30.70 -47.77 46.08
N ALA K 40 -30.81 -48.97 45.51
CA ALA K 40 -31.38 -50.09 46.25
C ALA K 40 -30.46 -50.46 47.41
N PRO K 41 -31.01 -51.05 48.47
CA PRO K 41 -30.17 -51.43 49.62
C PRO K 41 -29.03 -52.35 49.20
N GLY K 42 -27.80 -51.86 49.35
CA GLY K 42 -26.60 -52.60 48.99
C GLY K 42 -26.15 -52.42 47.56
N LYS K 43 -27.07 -52.17 46.64
CA LYS K 43 -26.74 -52.07 45.23
C LYS K 43 -26.22 -50.66 44.92
N GLY K 44 -26.05 -50.35 43.63
CA GLY K 44 -25.53 -49.08 43.18
C GLY K 44 -26.63 -48.09 42.82
N LEU K 45 -26.24 -47.06 42.08
CA LEU K 45 -27.13 -45.95 41.77
C LEU K 45 -27.85 -46.16 40.45
N GLU K 46 -29.13 -45.82 40.42
CA GLU K 46 -29.92 -45.82 39.20
C GLU K 46 -30.56 -44.44 39.03
N TRP K 47 -30.39 -43.85 37.86
CA TRP K 47 -31.07 -42.60 37.54
C TRP K 47 -32.54 -42.86 37.25
N VAL K 48 -33.39 -41.90 37.60
CA VAL K 48 -34.82 -42.14 37.50
C VAL K 48 -35.49 -41.13 36.57
N SER K 49 -35.30 -39.84 36.84
CA SER K 49 -35.93 -38.81 36.03
C SER K 49 -35.21 -37.49 36.22
N TYR K 50 -35.40 -36.59 35.26
CA TYR K 50 -34.86 -35.25 35.33
C TYR K 50 -35.89 -34.25 34.80
N ILE K 51 -35.87 -33.06 35.41
CA ILE K 51 -36.72 -31.95 35.03
C ILE K 51 -35.84 -30.76 34.71
N SER K 52 -36.28 -29.96 33.75
CA SER K 52 -35.55 -28.80 33.24
C SER K 52 -35.74 -27.60 34.16
N PRO K 53 -34.80 -26.62 34.12
CA PRO K 53 -34.89 -25.46 35.01
C PRO K 53 -36.22 -24.74 35.06
N GLY K 54 -37.07 -24.92 34.05
CA GLY K 54 -38.31 -24.15 33.99
C GLY K 54 -39.57 -24.95 34.22
N GLY K 55 -39.49 -26.28 34.07
CA GLY K 55 -40.61 -27.17 34.32
C GLY K 55 -40.98 -28.02 33.12
N SER K 56 -40.72 -27.54 31.91
CA SER K 56 -41.04 -28.29 30.71
C SER K 56 -39.90 -29.24 30.36
N THR K 57 -40.17 -30.12 29.38
CA THR K 57 -39.18 -31.06 28.84
C THR K 57 -38.61 -31.96 29.94
N ILE K 58 -39.49 -32.80 30.46
CA ILE K 58 -39.17 -33.76 31.51
C ILE K 58 -38.80 -35.10 30.88
N TYR K 59 -37.84 -35.82 31.48
CA TYR K 59 -37.52 -37.17 31.05
C TYR K 59 -37.57 -38.15 32.22
N TYR K 60 -38.00 -39.37 31.92
CA TYR K 60 -38.06 -40.47 32.87
C TYR K 60 -37.29 -41.66 32.32
N ALA K 61 -37.01 -42.61 33.20
CA ALA K 61 -36.46 -43.91 32.82
C ALA K 61 -37.60 -44.90 32.68
N ASP K 62 -37.50 -45.80 31.69
CA ASP K 62 -38.61 -46.70 31.40
C ASP K 62 -38.97 -47.57 32.61
N SER K 63 -38.00 -47.84 33.48
CA SER K 63 -38.29 -48.57 34.71
C SER K 63 -39.35 -47.85 35.53
N VAL K 64 -39.36 -46.53 35.50
CA VAL K 64 -40.26 -45.73 36.32
C VAL K 64 -41.27 -44.95 35.49
N LYS K 65 -41.08 -44.86 34.18
CA LYS K 65 -41.98 -44.09 33.32
C LYS K 65 -43.42 -44.55 33.48
N GLY K 66 -44.33 -43.58 33.65
CA GLY K 66 -45.75 -43.84 33.80
C GLY K 66 -46.25 -43.82 35.22
N ARG K 67 -45.38 -44.11 36.19
CA ARG K 67 -45.78 -44.20 37.59
C ARG K 67 -45.46 -42.92 38.38
N PHE K 68 -44.25 -42.40 38.23
CA PHE K 68 -43.81 -41.24 39.00
C PHE K 68 -44.00 -39.96 38.20
N THR K 69 -44.05 -38.85 38.92
CA THR K 69 -44.19 -37.53 38.32
C THR K 69 -43.26 -36.56 39.05
N ILE K 70 -42.29 -36.02 38.31
CA ILE K 70 -41.35 -35.05 38.89
C ILE K 70 -41.83 -33.65 38.54
N SER K 71 -41.82 -32.76 39.54
CA SER K 71 -42.27 -31.40 39.37
C SER K 71 -41.36 -30.48 40.16
N ARG K 72 -41.55 -29.17 39.99
CA ARG K 72 -40.75 -28.20 40.73
C ARG K 72 -41.54 -26.92 40.91
N ASP K 73 -41.27 -26.23 42.01
CA ASP K 73 -41.87 -24.93 42.34
C ASP K 73 -40.72 -23.96 42.54
N ASN K 74 -40.30 -23.30 41.45
CA ASN K 74 -39.15 -22.40 41.54
C ASN K 74 -39.42 -21.22 42.47
N ALA K 75 -40.69 -20.85 42.65
CA ALA K 75 -41.03 -19.76 43.56
C ALA K 75 -40.60 -20.10 44.98
N LYS K 76 -40.96 -21.29 45.45
CA LYS K 76 -40.63 -21.73 46.80
C LYS K 76 -39.37 -22.57 46.85
N ASN K 77 -38.60 -22.60 45.77
CA ASN K 77 -37.29 -23.27 45.72
C ASN K 77 -37.39 -24.73 46.18
N SER K 78 -38.16 -25.51 45.44
CA SER K 78 -38.41 -26.89 45.84
C SER K 78 -38.50 -27.77 44.61
N LEU K 79 -38.33 -29.08 44.83
CA LEU K 79 -38.28 -30.08 43.76
C LEU K 79 -38.97 -31.34 44.26
N TYR K 80 -40.09 -31.71 43.63
CA TYR K 80 -40.95 -32.77 44.14
C TYR K 80 -40.88 -34.00 43.24
N LEU K 81 -41.04 -35.18 43.86
CA LEU K 81 -41.15 -36.44 43.16
C LEU K 81 -42.34 -37.19 43.73
N GLN K 82 -43.38 -37.36 42.93
CA GLN K 82 -44.60 -38.07 43.34
C GLN K 82 -44.52 -39.51 42.84
N MET K 83 -44.58 -40.47 43.76
CA MET K 83 -44.51 -41.88 43.43
C MET K 83 -45.92 -42.48 43.52
N ASN K 84 -46.37 -43.08 42.43
CA ASN K 84 -47.64 -43.78 42.37
C ASN K 84 -47.40 -45.24 41.95
N SER K 85 -48.31 -46.11 42.38
CA SER K 85 -48.27 -47.54 42.01
C SER K 85 -46.92 -48.16 42.39
N LEU K 86 -46.53 -47.95 43.65
CA LEU K 86 -45.24 -48.44 44.13
C LEU K 86 -45.24 -49.97 44.24
N ARG K 87 -44.04 -50.54 44.20
CA ARG K 87 -43.85 -51.96 44.45
C ARG K 87 -42.41 -52.18 44.90
N ALA K 88 -42.12 -53.43 45.31
CA ALA K 88 -40.93 -53.72 46.11
C ALA K 88 -39.63 -53.41 45.37
N GLU K 89 -39.62 -53.49 44.03
CA GLU K 89 -38.42 -53.15 43.29
C GLU K 89 -38.03 -51.69 43.48
N ASP K 90 -38.99 -50.83 43.82
CA ASP K 90 -38.69 -49.42 44.05
C ASP K 90 -38.09 -49.14 45.41
N THR K 91 -38.18 -50.10 46.34
CA THR K 91 -37.66 -49.88 47.69
C THR K 91 -36.17 -49.56 47.62
N ALA K 92 -35.82 -48.31 47.94
CA ALA K 92 -34.47 -47.80 47.76
C ALA K 92 -34.38 -46.45 48.46
N VAL K 93 -33.17 -45.91 48.51
CA VAL K 93 -32.93 -44.57 49.03
C VAL K 93 -32.79 -43.62 47.85
N TYR K 94 -33.62 -42.59 47.82
CA TYR K 94 -33.76 -41.70 46.68
C TYR K 94 -33.13 -40.35 47.00
N TYR K 95 -32.31 -39.85 46.08
CA TYR K 95 -31.56 -38.60 46.27
C TYR K 95 -31.93 -37.63 45.16
N CYS K 96 -31.89 -36.34 45.48
CA CYS K 96 -32.03 -35.28 44.50
C CYS K 96 -30.65 -34.72 44.16
N ALA K 97 -30.47 -34.32 42.91
CA ALA K 97 -29.18 -33.84 42.45
C ALA K 97 -29.38 -32.71 41.46
N SER K 98 -28.38 -31.83 41.39
CA SER K 98 -28.38 -30.68 40.49
C SER K 98 -27.22 -30.80 39.52
N SER K 99 -27.48 -30.49 38.25
CA SER K 99 -26.48 -30.70 37.20
C SER K 99 -25.99 -29.42 36.54
N ALA K 100 -26.79 -28.36 36.51
CA ALA K 100 -26.55 -27.05 35.90
C ALA K 100 -26.59 -27.08 34.38
N ASP K 101 -26.69 -28.25 33.74
CA ASP K 101 -27.06 -28.43 32.34
C ASP K 101 -27.23 -29.91 32.08
N VAL K 102 -27.95 -30.23 31.00
CA VAL K 102 -28.51 -31.57 30.82
C VAL K 102 -27.41 -32.63 30.73
N TYR K 103 -26.21 -32.26 30.28
CA TYR K 103 -25.14 -33.23 30.06
C TYR K 103 -24.18 -33.36 31.24
N ASN K 104 -24.37 -32.59 32.31
CA ASN K 104 -23.33 -32.38 33.30
C ASN K 104 -23.41 -33.39 34.45
N TRP K 105 -22.74 -33.09 35.56
CA TRP K 105 -22.14 -34.10 36.42
C TRP K 105 -22.77 -34.27 37.79
N PHE K 106 -23.98 -33.74 38.03
CA PHE K 106 -24.70 -33.97 39.28
C PHE K 106 -23.89 -33.50 40.50
N ASP K 107 -23.67 -32.19 40.56
CA ASP K 107 -23.08 -31.59 41.75
C ASP K 107 -24.17 -31.45 42.81
N PRO K 108 -23.92 -30.82 43.99
CA PRO K 108 -24.32 -31.43 45.27
C PRO K 108 -25.66 -32.15 45.31
N TRP K 109 -25.68 -33.30 45.97
CA TRP K 109 -26.84 -34.16 46.10
C TRP K 109 -27.55 -33.91 47.43
N GLY K 110 -28.80 -34.36 47.49
CA GLY K 110 -29.52 -34.36 48.74
C GLY K 110 -28.98 -35.41 49.69
N GLN K 111 -29.43 -35.33 50.94
CA GLN K 111 -28.91 -36.25 51.96
C GLN K 111 -29.43 -37.67 51.78
N GLY K 112 -30.57 -37.86 51.13
CA GLY K 112 -31.12 -39.18 50.93
C GLY K 112 -32.38 -39.42 51.75
N THR K 113 -33.19 -40.35 51.27
CA THR K 113 -34.45 -40.71 51.93
C THR K 113 -34.82 -42.13 51.55
N LEU K 114 -35.08 -42.97 52.55
CA LEU K 114 -35.36 -44.37 52.30
C LEU K 114 -36.82 -44.58 51.92
N VAL K 115 -37.06 -45.59 51.08
CA VAL K 115 -38.41 -46.02 50.71
C VAL K 115 -38.50 -47.55 50.76
N SER L 1 -28.39 -50.80 25.22
CA SER L 1 -28.01 -49.96 26.35
C SER L 1 -26.49 -49.93 26.54
N TYR L 2 -25.98 -48.77 26.96
CA TYR L 2 -24.57 -48.58 27.25
C TYR L 2 -24.32 -48.92 28.72
N GLU L 3 -23.43 -49.89 28.97
CA GLU L 3 -23.11 -50.33 30.31
C GLU L 3 -21.70 -49.92 30.68
N LEU L 4 -21.51 -49.59 31.96
CA LEU L 4 -20.20 -49.30 32.52
C LEU L 4 -19.83 -50.41 33.50
N THR L 5 -18.69 -51.05 33.25
CA THR L 5 -18.20 -52.13 34.08
C THR L 5 -17.15 -51.60 35.06
N GLN L 6 -17.20 -52.11 36.29
CA GLN L 6 -16.37 -51.63 37.38
C GLN L 6 -15.99 -52.79 38.31
N PRO L 7 -14.71 -52.98 38.60
CA PRO L 7 -14.30 -54.08 39.47
C PRO L 7 -14.86 -53.89 40.87
N PRO L 8 -15.41 -54.95 41.47
CA PRO L 8 -16.14 -54.77 42.73
C PRO L 8 -15.26 -54.41 43.91
N SER L 9 -14.05 -54.98 43.99
CA SER L 9 -13.17 -54.79 45.13
C SER L 9 -11.82 -54.23 44.70
N VAL L 10 -11.25 -53.38 45.55
CA VAL L 10 -9.88 -52.89 45.37
C VAL L 10 -9.27 -52.78 46.76
N SER L 11 -8.23 -53.57 47.02
CA SER L 11 -7.45 -53.48 48.25
C SER L 11 -6.18 -52.70 47.99
N VAL L 12 -5.78 -51.89 48.96
CA VAL L 12 -4.57 -51.07 48.83
C VAL L 12 -4.08 -50.74 50.23
N ALA L 13 -2.76 -50.80 50.40
CA ALA L 13 -2.15 -50.47 51.67
C ALA L 13 -2.06 -48.95 51.84
N PRO L 14 -2.01 -48.47 53.07
CA PRO L 14 -1.88 -47.02 53.28
C PRO L 14 -0.53 -46.51 52.80
N GLY L 15 -0.54 -45.31 52.23
CA GLY L 15 0.62 -44.73 51.61
C GLY L 15 0.81 -45.13 50.16
N LYS L 16 0.33 -46.32 49.78
CA LYS L 16 0.40 -46.75 48.39
C LYS L 16 -0.63 -45.96 47.55
N THR L 17 -0.71 -46.31 46.28
CA THR L 17 -1.66 -45.69 45.36
C THR L 17 -2.74 -46.70 44.98
N ALA L 18 -3.97 -46.21 44.84
CA ALA L 18 -5.10 -47.04 44.43
C ALA L 18 -5.55 -46.65 43.04
N ARG L 19 -6.08 -47.62 42.30
CA ARG L 19 -6.50 -47.39 40.92
C ARG L 19 -7.84 -48.08 40.69
N ILE L 20 -8.80 -47.33 40.13
CA ILE L 20 -10.13 -47.85 39.84
C ILE L 20 -10.41 -47.62 38.36
N THR L 21 -10.84 -48.68 37.67
CA THR L 21 -11.01 -48.65 36.22
C THR L 21 -12.49 -48.78 35.85
N CYS L 22 -13.03 -47.73 35.26
CA CYS L 22 -14.36 -47.73 34.67
C CYS L 22 -14.25 -48.20 33.23
N GLY L 23 -14.91 -49.31 32.92
CA GLY L 23 -14.81 -49.89 31.60
C GLY L 23 -16.08 -49.77 30.77
N GLY L 24 -15.99 -49.01 29.68
CA GLY L 24 -17.11 -48.89 28.76
C GLY L 24 -16.62 -48.90 27.33
N ASN L 25 -17.48 -49.38 26.45
CA ASN L 25 -17.14 -49.42 25.03
C ASN L 25 -16.99 -48.00 24.49
N ASN L 26 -15.80 -47.69 23.98
CA ASN L 26 -15.51 -46.40 23.36
C ASN L 26 -15.72 -45.25 24.35
N ILE L 27 -15.28 -45.46 25.59
CA ILE L 27 -15.50 -44.46 26.64
C ILE L 27 -14.59 -43.26 26.49
N GLY L 28 -13.54 -43.36 25.67
CA GLY L 28 -12.66 -42.22 25.44
C GLY L 28 -13.36 -41.05 24.77
N SER L 29 -14.53 -41.28 24.19
CA SER L 29 -15.30 -40.23 23.54
C SER L 29 -16.35 -39.61 24.44
N LYS L 30 -16.45 -40.05 25.70
CA LYS L 30 -17.42 -39.51 26.64
C LYS L 30 -16.69 -38.87 27.82
N SER L 31 -17.37 -37.92 28.46
CA SER L 31 -16.84 -37.31 29.68
C SER L 31 -17.20 -38.19 30.87
N VAL L 32 -16.19 -38.63 31.61
CA VAL L 32 -16.35 -39.53 32.75
C VAL L 32 -16.36 -38.71 34.03
N HIS L 33 -17.20 -39.11 34.98
CA HIS L 33 -17.31 -38.45 36.27
C HIS L 33 -17.19 -39.48 37.38
N TRP L 34 -16.62 -39.06 38.51
CA TRP L 34 -16.29 -39.96 39.62
C TRP L 34 -16.88 -39.39 40.91
N TYR L 35 -17.71 -40.20 41.56
CA TYR L 35 -18.31 -39.88 42.86
C TYR L 35 -17.80 -40.84 43.92
N GLN L 36 -17.67 -40.31 45.14
CA GLN L 36 -17.29 -41.07 46.32
C GLN L 36 -18.46 -41.09 47.29
N GLN L 37 -18.75 -42.25 47.86
CA GLN L 37 -19.85 -42.42 48.81
C GLN L 37 -19.37 -43.23 50.00
N LYS L 38 -19.55 -42.68 51.19
CA LYS L 38 -19.30 -43.35 52.45
C LYS L 38 -20.61 -43.92 53.00
N PRO L 39 -20.53 -44.91 53.89
CA PRO L 39 -21.77 -45.46 54.46
C PRO L 39 -22.59 -44.40 55.17
N GLY L 40 -23.90 -44.44 54.95
CA GLY L 40 -24.79 -43.49 55.58
C GLY L 40 -24.69 -42.08 55.07
N GLN L 41 -24.19 -41.90 53.84
CA GLN L 41 -24.01 -40.58 53.25
C GLN L 41 -24.64 -40.50 51.87
N ALA L 42 -24.38 -39.40 51.18
CA ALA L 42 -24.71 -39.20 49.78
C ALA L 42 -23.44 -39.18 48.94
N PRO L 43 -23.52 -39.55 47.66
CA PRO L 43 -22.32 -39.48 46.80
C PRO L 43 -21.84 -38.04 46.67
N VAL L 44 -20.52 -37.87 46.76
CA VAL L 44 -19.89 -36.56 46.63
C VAL L 44 -19.04 -36.57 45.38
N LEU L 45 -19.24 -35.58 44.52
CA LEU L 45 -18.43 -35.46 43.32
C LEU L 45 -16.97 -35.24 43.67
N VAL L 46 -16.11 -36.20 43.31
CA VAL L 46 -14.68 -36.05 43.49
C VAL L 46 -13.94 -35.73 42.19
N VAL L 47 -14.45 -36.16 41.03
CA VAL L 47 -13.81 -35.83 39.74
C VAL L 47 -14.90 -35.60 38.69
N TYR L 48 -14.73 -34.57 37.87
CA TYR L 48 -15.64 -34.37 36.75
C TYR L 48 -14.83 -34.15 35.46
N ASP L 49 -15.52 -34.25 34.32
CA ASP L 49 -14.95 -33.88 33.02
C ASP L 49 -13.64 -34.62 32.73
N ASP L 50 -13.58 -35.89 33.14
CA ASP L 50 -12.53 -36.86 32.87
C ASP L 50 -11.22 -36.66 33.64
N SER L 51 -10.93 -35.45 34.13
CA SER L 51 -9.68 -35.30 34.88
C SER L 51 -9.68 -34.18 35.92
N ASP L 52 -10.74 -33.42 36.08
CA ASP L 52 -10.68 -32.20 36.89
C ASP L 52 -11.32 -32.42 38.25
N ARG L 53 -10.92 -31.58 39.20
CA ARG L 53 -11.33 -31.71 40.59
C ARG L 53 -12.17 -30.51 41.02
N PRO L 54 -13.33 -30.72 41.63
CA PRO L 54 -14.02 -29.61 42.27
C PRO L 54 -13.28 -29.17 43.52
N SER L 55 -13.58 -27.95 43.95
CA SER L 55 -12.91 -27.40 45.12
C SER L 55 -13.23 -28.25 46.35
N GLY L 56 -12.19 -28.59 47.11
CA GLY L 56 -12.31 -29.41 48.29
C GLY L 56 -11.66 -30.78 48.15
N ILE L 57 -11.58 -31.30 46.93
CA ILE L 57 -10.98 -32.61 46.68
C ILE L 57 -9.47 -32.44 46.61
N PRO L 58 -8.69 -33.12 47.45
CA PRO L 58 -7.24 -32.91 47.48
C PRO L 58 -6.59 -33.32 46.16
N GLU L 59 -5.34 -32.86 45.98
CA GLU L 59 -4.59 -33.17 44.77
C GLU L 59 -4.16 -34.63 44.69
N ARG L 60 -4.58 -35.47 45.63
CA ARG L 60 -4.26 -36.89 45.57
C ARG L 60 -5.09 -37.60 44.51
N PHE L 61 -6.26 -37.05 44.17
CA PHE L 61 -7.21 -37.67 43.26
C PHE L 61 -6.93 -37.17 41.85
N SER L 62 -6.82 -38.10 40.90
CA SER L 62 -6.57 -37.72 39.51
C SER L 62 -7.37 -38.62 38.57
N GLY L 63 -7.92 -38.01 37.53
CA GLY L 63 -8.68 -38.76 36.55
C GLY L 63 -7.98 -38.89 35.21
N SER L 64 -8.32 -39.95 34.47
CA SER L 64 -7.82 -40.14 33.12
C SER L 64 -8.85 -40.94 32.33
N ASN L 65 -8.79 -40.82 31.01
CA ASN L 65 -9.75 -41.51 30.15
C ASN L 65 -9.11 -41.74 28.78
N SER L 66 -9.19 -42.98 28.28
CA SER L 66 -8.67 -43.28 26.95
C SER L 66 -9.29 -44.57 26.45
N GLY L 67 -9.59 -44.61 25.15
CA GLY L 67 -10.10 -45.81 24.51
C GLY L 67 -11.34 -46.38 25.17
N ASN L 68 -11.19 -47.53 25.81
CA ASN L 68 -12.31 -48.20 26.47
C ASN L 68 -12.13 -48.27 27.98
N THR L 69 -11.31 -47.39 28.57
CA THR L 69 -11.07 -47.44 30.00
C THR L 69 -10.79 -46.03 30.53
N ALA L 70 -11.43 -45.69 31.66
CA ALA L 70 -11.18 -44.45 32.37
C ALA L 70 -10.75 -44.78 33.79
N THR L 71 -9.63 -44.20 34.22
CA THR L 71 -9.02 -44.56 35.49
C THR L 71 -9.10 -43.41 36.47
N LEU L 72 -9.57 -43.70 37.69
CA LEU L 72 -9.46 -42.80 38.83
C LEU L 72 -8.33 -43.31 39.70
N THR L 73 -7.33 -42.46 39.95
CA THR L 73 -6.13 -42.84 40.68
C THR L 73 -6.04 -42.01 41.95
N ILE L 74 -5.94 -42.69 43.09
CA ILE L 74 -5.89 -42.07 44.42
C ILE L 74 -4.49 -42.30 44.96
N SER L 75 -3.64 -41.27 44.88
CA SER L 75 -2.32 -41.34 45.48
C SER L 75 -2.41 -41.11 46.98
N ARG L 76 -1.39 -41.60 47.69
CA ARG L 76 -1.29 -41.44 49.15
C ARG L 76 -2.58 -41.86 49.84
N VAL L 77 -2.92 -43.14 49.68
CA VAL L 77 -4.18 -43.65 50.23
C VAL L 77 -4.20 -43.46 51.74
N GLU L 78 -5.34 -43.00 52.25
CA GLU L 78 -5.58 -42.86 53.67
C GLU L 78 -6.71 -43.79 54.09
N ALA L 79 -6.72 -44.14 55.38
CA ALA L 79 -7.77 -45.02 55.89
C ALA L 79 -9.14 -44.39 55.73
N GLY L 80 -9.21 -43.07 55.65
CA GLY L 80 -10.45 -42.36 55.39
C GLY L 80 -10.92 -42.38 53.95
N ASP L 81 -10.17 -43.04 53.07
CA ASP L 81 -10.57 -43.20 51.68
C ASP L 81 -11.35 -44.47 51.43
N GLU L 82 -11.60 -45.27 52.48
CA GLU L 82 -12.46 -46.44 52.36
C GLU L 82 -13.87 -46.02 51.97
N ALA L 83 -14.31 -46.42 50.78
CA ALA L 83 -15.59 -45.92 50.30
C ALA L 83 -15.96 -46.61 48.99
N ASP L 84 -17.17 -46.33 48.52
CA ASP L 84 -17.61 -46.76 47.19
C ASP L 84 -17.35 -45.65 46.18
N TYR L 85 -16.66 -45.98 45.10
CA TYR L 85 -16.41 -45.05 44.01
C TYR L 85 -17.19 -45.48 42.79
N TYR L 86 -17.97 -44.56 42.24
CA TYR L 86 -18.82 -44.81 41.08
C TYR L 86 -18.39 -43.90 39.95
N CYS L 87 -18.38 -44.44 38.73
CA CYS L 87 -18.22 -43.62 37.54
C CYS L 87 -19.58 -43.39 36.88
N GLN L 88 -19.66 -42.30 36.13
CA GLN L 88 -20.92 -41.86 35.53
C GLN L 88 -20.64 -41.14 34.23
N VAL L 89 -21.50 -41.35 33.24
CA VAL L 89 -21.39 -40.71 31.93
C VAL L 89 -22.79 -40.34 31.44
N TRP L 90 -22.82 -39.47 30.43
CA TRP L 90 -24.04 -39.13 29.71
C TRP L 90 -24.13 -39.97 28.45
N ASP L 91 -25.28 -40.62 28.24
CA ASP L 91 -25.48 -41.47 27.07
C ASP L 91 -26.92 -41.30 26.60
N SER L 92 -27.11 -40.63 25.46
CA SER L 92 -28.44 -40.35 24.93
C SER L 92 -28.96 -41.58 24.18
N SER L 93 -29.03 -42.69 24.91
CA SER L 93 -29.45 -43.96 24.35
C SER L 93 -30.10 -44.81 25.43
N SER L 94 -31.24 -45.39 25.08
CA SER L 94 -31.92 -46.39 25.89
C SER L 94 -32.20 -45.89 27.31
N ASP L 95 -32.75 -44.68 27.38
CA ASP L 95 -33.64 -44.27 28.47
C ASP L 95 -32.96 -43.90 29.78
N HIS L 96 -31.66 -44.17 29.95
CA HIS L 96 -31.03 -43.86 31.22
C HIS L 96 -30.30 -42.54 31.23
N LEU L 97 -29.64 -42.17 30.12
CA LEU L 97 -29.14 -40.81 29.90
C LEU L 97 -28.07 -40.42 30.91
N TYR L 98 -27.89 -41.24 31.94
CA TYR L 98 -26.91 -41.01 32.99
C TYR L 98 -26.53 -42.39 33.47
N VAL L 99 -25.42 -42.92 32.95
CA VAL L 99 -25.03 -44.30 33.20
C VAL L 99 -24.03 -44.31 34.34
N PHE L 100 -24.42 -44.89 35.48
CA PHE L 100 -23.51 -45.11 36.58
C PHE L 100 -22.90 -46.50 36.48
N GLY L 101 -21.71 -46.66 37.05
CA GLY L 101 -21.04 -47.94 37.06
C GLY L 101 -21.59 -48.87 38.12
N THR L 102 -21.07 -50.10 38.12
CA THR L 102 -21.45 -51.07 39.13
C THR L 102 -20.90 -50.70 40.50
N GLY L 103 -19.85 -49.89 40.55
CA GLY L 103 -19.30 -49.43 41.82
C GLY L 103 -18.09 -50.23 42.25
N THR L 104 -17.13 -49.56 42.88
CA THR L 104 -15.94 -50.21 43.42
C THR L 104 -15.78 -49.86 44.88
N LYS L 105 -15.68 -50.88 45.74
CA LYS L 105 -15.41 -50.65 47.15
C LYS L 105 -13.89 -50.64 47.35
N VAL L 106 -13.37 -49.53 47.85
CA VAL L 106 -11.97 -49.42 48.23
C VAL L 106 -11.88 -49.59 49.73
N THR L 107 -11.16 -50.63 50.15
CA THR L 107 -10.85 -50.95 51.53
C THR L 107 -9.34 -50.80 51.75
N VAL L 108 -8.97 -50.17 52.85
CA VAL L 108 -7.57 -49.89 53.16
C VAL L 108 -7.02 -50.99 54.06
N LEU L 109 -5.97 -51.66 53.61
CA LEU L 109 -5.30 -52.69 54.40
C LEU L 109 -4.47 -52.00 55.49
N GLY L 110 -3.70 -52.80 56.23
CA GLY L 110 -2.93 -52.29 57.35
C GLY L 110 -3.81 -51.52 58.32
N GLN L 111 -4.98 -52.07 58.62
CA GLN L 111 -5.97 -51.38 59.43
C GLN L 111 -6.98 -52.37 60.01
#